data_7BXU
#
_entry.id   7BXU
#
loop_
_entity.id
_entity.type
_entity.pdbx_description
1 polymer 'Osteopetrosis-associated transmembrane protein 1'
2 polymer 'H(+)/Cl(-) exchange transporter 7'
3 non-polymer 2-acetamido-2-deoxy-beta-D-glucopyranose
#
loop_
_entity_poly.entity_id
_entity_poly.type
_entity_poly.pdbx_seq_one_letter_code
_entity_poly.pdbx_strand_id
1 'polypeptide(L)'
;MEPGPTAAQRRCSLPPWLPLGLLLWSGLALGALPFGSSPHRVFHDLLSEQQLLEVEDLSLSLLQGGGLGPLSLPPDLPDL
DPECRELLLDFANSSAELTGCLVRSARPVRLCQTCYPLFQQVVSKMDNISRAAGNTSESQSCARSLLMADRMQIVVILSE
FFNTTWQEANCANCLTNNSEELSNSTVYFLNLFNHTLTCFEHNLQGNAHSLLQTKNYSEVCKNCREAYKTLSSLYSEMQK
MNELENKAEPGTHLCIDVEDAMNITRKLWSRTFNCSVPCSDTVPVIAVSVFILFLPVVFYLSSFLHSEQKKRKLILPKRL
KSSTSFANIQENSN
;
C,D
2 'polypeptide(L)'
;MANVSKKVSWSGRDRDDEEAAPLLRRTARPGGGTPLLNGAGPGAARQSPRSALFRVGHMSSVELDDELLDPDMDPPHPFP
KEIPHNEKLLSLKYESLDYDNSENQLFLEEERRINHTAFRTVEIKRWVICALIGILTGLVACFIDIVVENLAGLKYRVIK
GNIDKFTEKGGLSFSLLLWATLNAAFVLVGSVIVAFIEPVAAGSGIPQIKCFLNGVKIPHVVRLKTLVIKVSGVILSVVG
GLAVGKEGPMIHSGSVIAAGISQGRSTSLKRDFKIFEYFRRDTEKRDFVSAGAAAGVSAAFGAPVGGVLFSLEEGASFWN
QFLTWRIFFASMISTFTLNFVLSIYHGNMWDLSSPGLINFGRFDSEKMAYTIHEIPVFIAMGVVGGVLGAVFNALNYWLT
MFRIRYIHRPCLQVIEAVLVAAVTATVAFVLIYSSRDCQPLQGGSMSYPLQLFCADGEYNSMAAAFFNTPEKSVVSLFHD
PPGSYNPLTLGLFTLVYFFLACWTYGLTVSAGVFIPSLLIGAAWGRLFGISLSYLTGAAIWADPGKYALMGAAAQLGGIV
RMTLSLTVIMMEATSNVTYGFPIMLVLMTAKIVGDVFIEGLYDMHIQLQSVPFLHWEAPVTSHSLTAREVMSTPVTCLRR
REKVGVIVDVLSDTASNHNGFPVVEHADDTQPARLQGLILRSQLIVLLKHKVFVERSNLGLVQRRLRLKDFRDAYPRFPP
IQSIHVSQDERECTMDLSEFMNPSPYTVPQEASLPRVFKLFRALGLRHLVVVDNRNQVVGLVTRKDLARYRLGKRGLEEL
SLAQT
;
A,B
#
# COMPACT_ATOMS: atom_id res chain seq x y z
N SER A 72 27.80 -12.44 59.94
CA SER A 72 27.15 -11.20 60.33
C SER A 72 27.40 -10.11 59.29
N LEU A 73 27.63 -10.52 58.04
CA LEU A 73 28.01 -9.59 56.98
C LEU A 73 27.54 -10.12 55.63
N PRO A 74 26.40 -9.66 55.14
CA PRO A 74 26.11 -9.81 53.72
C PRO A 74 27.06 -8.97 52.90
N PRO A 75 27.56 -9.50 51.77
CA PRO A 75 28.72 -8.88 51.10
C PRO A 75 28.48 -7.51 50.48
N ASP A 76 27.50 -7.39 49.58
CA ASP A 76 27.27 -6.14 48.90
C ASP A 76 25.81 -5.76 48.70
N LEU A 77 24.86 -6.64 49.01
CA LEU A 77 23.49 -6.39 48.58
C LEU A 77 22.73 -5.38 49.45
N PRO A 78 22.73 -5.43 50.80
CA PRO A 78 22.04 -4.35 51.52
C PRO A 78 22.82 -3.05 51.53
N ASP A 79 24.12 -3.12 51.75
CA ASP A 79 24.95 -1.93 51.88
C ASP A 79 26.17 -2.05 50.99
N LEU A 80 26.72 -0.89 50.62
CA LEU A 80 27.95 -0.85 49.87
C LEU A 80 29.13 -0.67 50.82
N ASP A 81 30.33 -0.88 50.29
CA ASP A 81 31.54 -0.67 51.07
C ASP A 81 31.75 0.81 51.35
N PRO A 82 32.53 1.16 52.38
CA PRO A 82 32.88 2.58 52.58
C PRO A 82 34.06 3.03 51.72
N GLU A 83 34.39 2.27 50.69
CA GLU A 83 35.39 2.66 49.71
C GLU A 83 34.78 3.26 48.45
N CYS A 84 33.47 3.12 48.26
CA CYS A 84 32.79 3.70 47.12
C CYS A 84 31.79 4.78 47.47
N ARG A 85 31.37 4.87 48.74
CA ARG A 85 30.33 5.83 49.11
C ARG A 85 30.84 7.26 49.06
N GLU A 86 32.13 7.49 49.32
CA GLU A 86 32.67 8.83 49.25
C GLU A 86 32.77 9.30 47.79
N LEU A 87 32.90 8.36 46.85
CA LEU A 87 32.87 8.72 45.44
C LEU A 87 31.48 9.23 45.05
N LEU A 88 30.43 8.56 45.54
CA LEU A 88 29.07 8.98 45.28
C LEU A 88 28.78 10.33 45.95
N LEU A 89 29.33 10.55 47.15
CA LEU A 89 29.16 11.84 47.81
C LEU A 89 29.91 12.94 47.07
N ASP A 90 31.04 12.62 46.46
CA ASP A 90 31.78 13.62 45.69
C ASP A 90 31.03 14.00 44.42
N PHE A 91 30.46 13.00 43.75
CA PHE A 91 29.62 13.28 42.59
C PHE A 91 28.37 14.07 42.98
N ALA A 92 27.85 13.83 44.18
CA ALA A 92 26.72 14.59 44.70
C ALA A 92 27.08 16.06 44.89
N ASN A 93 28.23 16.30 45.53
CA ASN A 93 28.69 17.66 45.78
C ASN A 93 28.95 18.40 44.48
N SER A 94 29.45 17.69 43.47
CA SER A 94 29.64 18.30 42.15
C SER A 94 28.30 18.66 41.50
N SER A 95 27.37 17.71 41.46
CA SER A 95 26.15 17.87 40.67
C SER A 95 25.21 18.91 41.25
N ALA A 96 25.13 19.01 42.59
CA ALA A 96 24.27 20.02 43.20
C ALA A 96 24.75 21.43 42.88
N GLU A 97 26.06 21.66 42.96
CA GLU A 97 26.60 22.97 42.65
C GLU A 97 26.56 23.28 41.16
N LEU A 98 26.66 22.27 40.30
CA LEU A 98 26.51 22.50 38.87
C LEU A 98 25.09 22.93 38.54
N THR A 99 24.10 22.26 39.14
CA THR A 99 22.71 22.65 38.92
C THR A 99 22.45 24.05 39.45
N GLY A 100 23.07 24.38 40.59
CA GLY A 100 22.91 25.72 41.16
C GLY A 100 23.47 26.83 40.28
N CYS A 101 24.68 26.62 39.73
CA CYS A 101 25.24 27.66 38.87
C CYS A 101 24.49 27.74 37.55
N LEU A 102 24.08 26.57 37.02
CA LEU A 102 23.39 26.51 35.75
C LEU A 102 22.01 27.16 35.80
N VAL A 103 21.34 26.99 36.94
CA VAL A 103 20.03 27.57 37.21
C VAL A 103 20.06 29.09 37.37
N ARG A 104 21.16 29.59 37.92
CA ARG A 104 21.29 31.01 38.24
C ARG A 104 21.17 31.99 37.08
N SER A 105 21.69 31.64 35.90
CA SER A 105 21.58 32.57 34.78
C SER A 105 20.10 32.80 34.50
N ALA A 106 19.74 34.08 34.36
CA ALA A 106 18.36 34.49 34.15
C ALA A 106 18.05 34.83 32.69
N ARG A 107 17.36 35.94 32.47
CA ARG A 107 17.02 36.38 31.11
C ARG A 107 18.30 36.63 30.33
N PRO A 108 19.28 37.28 30.95
CA PRO A 108 20.57 37.47 30.30
C PRO A 108 21.24 36.12 30.47
N VAL A 109 21.71 35.51 29.39
CA VAL A 109 22.30 34.19 29.53
C VAL A 109 23.83 34.22 29.60
N ARG A 110 24.34 34.03 30.81
CA ARG A 110 25.77 33.96 31.04
C ARG A 110 26.21 32.56 31.48
N LEU A 111 25.33 31.58 31.37
CA LEU A 111 25.62 30.23 31.81
C LEU A 111 26.78 29.58 31.05
N CYS A 112 26.81 29.77 29.74
CA CYS A 112 27.86 29.22 28.92
C CYS A 112 29.22 29.79 29.31
N GLN A 113 29.25 31.08 29.65
CA GLN A 113 30.48 31.74 30.02
C GLN A 113 30.76 31.75 31.51
N THR A 114 29.87 31.21 32.35
CA THR A 114 30.16 31.12 33.77
C THR A 114 30.24 29.71 34.31
N CYS A 115 29.56 28.74 33.69
CA CYS A 115 29.61 27.36 34.17
C CYS A 115 30.47 26.46 33.28
N TYR A 116 31.36 27.04 32.48
CA TYR A 116 32.35 26.23 31.78
C TYR A 116 33.40 25.54 32.68
N PRO A 117 33.90 26.09 33.80
CA PRO A 117 34.91 25.30 34.54
C PRO A 117 34.34 24.12 35.30
N LEU A 118 33.22 24.29 36.00
CA LEU A 118 32.69 23.22 36.83
C LEU A 118 31.85 22.22 36.04
N PHE A 119 31.69 22.44 34.74
CA PHE A 119 31.09 21.39 33.91
C PHE A 119 32.10 20.29 33.60
N GLN A 120 33.39 20.62 33.60
CA GLN A 120 34.40 19.63 33.24
C GLN A 120 34.58 18.60 34.34
N GLN A 121 34.56 19.08 35.58
CA GLN A 121 34.76 18.25 36.75
C GLN A 121 33.68 17.20 36.92
N VAL A 122 32.44 17.54 36.63
CA VAL A 122 31.37 16.56 36.75
C VAL A 122 31.62 15.42 35.77
N VAL A 123 32.00 15.77 34.55
CA VAL A 123 32.30 14.77 33.54
C VAL A 123 33.48 13.91 33.96
N SER A 124 34.49 14.56 34.53
CA SER A 124 35.68 13.86 34.99
C SER A 124 35.33 12.87 36.08
N LYS A 125 34.46 13.29 36.99
CA LYS A 125 34.02 12.43 38.09
C LYS A 125 33.26 11.24 37.54
N MET A 126 32.42 11.48 36.55
CA MET A 126 31.66 10.41 35.94
C MET A 126 32.61 9.41 35.31
N ASP A 127 33.64 9.90 34.62
CA ASP A 127 34.60 9.00 34.00
C ASP A 127 35.33 8.18 35.06
N ASN A 128 35.69 8.84 36.16
CA ASN A 128 36.39 8.17 37.23
C ASN A 128 35.54 7.05 37.82
N ILE A 129 34.24 7.32 38.04
CA ILE A 129 33.38 6.28 38.59
C ILE A 129 33.22 5.14 37.57
N SER A 130 33.12 5.50 36.30
CA SER A 130 32.98 4.54 35.23
C SER A 130 34.21 3.65 35.15
N ARG A 131 35.38 4.24 35.34
CA ARG A 131 36.61 3.47 35.28
C ARG A 131 36.73 2.53 36.47
N SER A 141 35.59 -3.33 39.47
CA SER A 141 34.29 -3.18 40.10
C SER A 141 34.00 -1.71 40.39
N CYS A 142 33.03 -1.49 41.29
CA CYS A 142 32.49 -0.19 41.71
C CYS A 142 31.91 0.59 40.53
N ALA A 143 31.60 -0.11 39.45
CA ALA A 143 30.85 0.40 38.32
C ALA A 143 29.62 -0.44 38.01
N ARG A 144 29.68 -1.74 38.29
CA ARG A 144 28.51 -2.60 38.17
C ARG A 144 27.63 -2.50 39.42
N SER A 145 28.25 -2.34 40.58
CA SER A 145 27.52 -2.25 41.82
C SER A 145 26.95 -0.86 42.08
N LEU A 146 27.22 0.11 41.21
CA LEU A 146 26.89 1.48 41.51
C LEU A 146 26.08 2.17 40.41
N LEU A 147 26.03 1.60 39.20
CA LEU A 147 25.09 2.10 38.20
C LEU A 147 24.40 1.00 37.41
N MET A 148 24.49 -0.25 37.86
CA MET A 148 23.67 -1.34 37.32
C MET A 148 23.09 -2.10 38.51
N ALA A 149 22.57 -1.35 39.47
CA ALA A 149 22.03 -1.95 40.69
C ALA A 149 20.52 -2.07 40.65
N ASP A 150 19.85 -1.36 39.76
CA ASP A 150 18.41 -1.22 39.80
C ASP A 150 17.92 -0.63 38.48
N ARG A 151 16.60 -0.67 38.30
CA ARG A 151 15.94 0.25 37.38
C ARG A 151 15.96 1.64 37.98
N MET A 152 15.70 2.65 37.12
CA MET A 152 15.81 4.07 37.45
C MET A 152 17.24 4.36 37.87
N GLN A 153 18.18 4.13 36.96
CA GLN A 153 19.59 4.38 37.23
C GLN A 153 19.83 5.88 37.31
N ILE A 154 19.79 6.44 38.52
CA ILE A 154 19.63 7.88 38.64
C ILE A 154 20.92 8.63 38.34
N VAL A 155 22.08 7.99 38.52
CA VAL A 155 23.35 8.63 38.18
C VAL A 155 23.49 8.77 36.68
N VAL A 156 23.11 7.73 35.94
CA VAL A 156 23.15 7.78 34.48
C VAL A 156 22.15 8.80 33.94
N ILE A 157 21.01 8.96 34.62
CA ILE A 157 20.00 9.90 34.16
C ILE A 157 20.47 11.34 34.36
N LEU A 158 21.03 11.65 35.53
CA LEU A 158 21.50 13.02 35.75
C LEU A 158 22.61 13.37 34.78
N SER A 159 23.55 12.44 34.61
CA SER A 159 24.67 12.67 33.71
C SER A 159 24.17 12.84 32.29
N GLU A 160 23.22 11.99 31.91
CA GLU A 160 22.66 12.04 30.56
C GLU A 160 21.94 13.37 30.37
N PHE A 161 21.21 13.82 31.38
CA PHE A 161 20.50 15.09 31.26
C PHE A 161 21.49 16.23 31.07
N PHE A 162 22.58 16.22 31.83
CA PHE A 162 23.55 17.29 31.68
C PHE A 162 24.14 17.26 30.28
N ASN A 163 24.48 16.07 29.80
CA ASN A 163 25.03 15.93 28.46
C ASN A 163 24.08 16.46 27.39
N THR A 164 22.78 16.16 27.54
CA THR A 164 21.79 16.63 26.58
C THR A 164 21.65 18.14 26.62
N THR A 165 21.62 18.73 27.82
CA THR A 165 21.49 20.19 27.88
C THR A 165 22.72 20.88 27.27
N TRP A 166 23.89 20.32 27.53
CA TRP A 166 25.13 20.87 27.01
C TRP A 166 25.26 20.86 25.49
N GLN A 167 24.79 19.78 24.86
CA GLN A 167 24.97 19.64 23.42
C GLN A 167 24.03 20.54 22.64
N GLU A 168 22.78 20.69 23.09
CA GLU A 168 21.83 21.50 22.34
C GLU A 168 22.14 22.99 22.49
N ALA A 169 22.72 23.40 23.62
CA ALA A 169 23.20 24.77 23.76
C ALA A 169 24.38 25.03 22.82
N ASN A 170 25.23 24.01 22.62
CA ASN A 170 26.28 23.97 21.60
C ASN A 170 27.30 25.08 21.77
N CYS A 171 27.98 25.07 22.92
CA CYS A 171 28.91 26.16 23.27
C CYS A 171 30.12 26.18 22.35
N ALA A 172 30.90 25.08 22.34
CA ALA A 172 32.12 24.93 21.54
C ALA A 172 33.11 26.07 21.76
N ASN A 173 33.33 26.42 23.02
CA ASN A 173 34.26 27.51 23.34
C ASN A 173 35.36 27.07 24.29
N SER A 183 37.87 30.63 22.03
CA SER A 183 37.11 31.57 22.86
C SER A 183 37.44 33.02 22.54
N ASN A 184 38.49 33.25 21.77
CA ASN A 184 38.89 34.60 21.41
C ASN A 184 37.85 35.39 20.61
N SER A 185 37.23 34.72 19.64
CA SER A 185 36.22 35.37 18.82
C SER A 185 35.03 35.75 19.68
N THR A 186 34.64 34.84 20.56
CA THR A 186 33.52 35.06 21.45
C THR A 186 33.82 36.23 22.38
N VAL A 187 35.05 36.28 22.87
CA VAL A 187 35.46 37.37 23.77
C VAL A 187 35.36 38.70 23.05
N TYR A 188 35.81 38.71 21.79
CA TYR A 188 35.77 39.94 21.01
C TYR A 188 34.32 40.38 20.81
N PHE A 189 33.45 39.43 20.53
CA PHE A 189 32.05 39.75 20.33
C PHE A 189 31.45 40.32 21.61
N LEU A 190 31.80 39.72 22.74
CA LEU A 190 31.29 40.19 24.02
C LEU A 190 31.75 41.61 24.28
N ASN A 191 33.01 41.90 23.97
CA ASN A 191 33.53 43.24 24.18
C ASN A 191 32.77 44.23 23.31
N LEU A 192 32.50 43.85 22.07
CA LEU A 192 31.78 44.73 21.16
C LEU A 192 30.38 44.99 21.70
N PHE A 193 29.74 43.94 22.21
CA PHE A 193 28.39 44.07 22.75
C PHE A 193 28.39 45.00 23.95
N ASN A 194 29.40 44.89 24.80
CA ASN A 194 29.49 45.74 25.96
C ASN A 194 29.67 47.19 25.55
N HIS A 195 30.49 47.41 24.52
CA HIS A 195 30.74 48.75 24.02
C HIS A 195 29.49 49.32 23.35
N THR A 196 28.92 48.54 22.43
CA THR A 196 27.72 48.96 21.72
C THR A 196 26.62 49.34 22.68
N LEU A 197 26.47 48.58 23.76
CA LEU A 197 25.37 48.84 24.67
C LEU A 197 25.63 50.08 25.53
N THR A 198 26.89 50.43 25.79
CA THR A 198 27.15 51.60 26.61
C THR A 198 26.79 52.91 25.90
N CYS A 199 26.82 52.91 24.56
CA CYS A 199 26.51 54.11 23.80
C CYS A 199 25.03 54.46 23.83
N PHE A 200 24.17 53.50 24.16
CA PHE A 200 22.74 53.77 24.27
C PHE A 200 22.45 54.70 25.45
N GLU A 201 22.86 54.30 26.65
CA GLU A 201 22.64 55.17 27.81
C GLU A 201 23.64 56.31 27.86
N HIS A 202 24.72 56.25 27.07
CA HIS A 202 25.57 57.43 26.94
C HIS A 202 24.86 58.54 26.19
N ASN A 203 23.91 58.20 25.33
CA ASN A 203 23.18 59.18 24.54
C ASN A 203 21.70 59.23 24.90
N LEU A 204 21.28 58.55 25.96
CA LEU A 204 19.87 58.55 26.35
C LEU A 204 19.58 59.81 27.15
N GLN A 205 18.65 60.62 26.64
CA GLN A 205 18.18 61.87 27.24
C GLN A 205 19.31 62.86 27.55
N LYS A 215 9.89 60.19 26.17
CA LYS A 215 9.77 59.99 24.72
C LYS A 215 10.93 60.66 24.00
N ASN A 216 10.66 61.07 22.76
CA ASN A 216 11.60 61.75 21.87
C ASN A 216 12.86 60.90 21.65
N TYR A 217 12.64 59.76 21.01
CA TYR A 217 13.72 58.85 20.62
C TYR A 217 14.31 59.21 19.27
N SER A 218 14.09 60.43 18.79
CA SER A 218 14.72 60.97 17.60
C SER A 218 16.02 61.69 17.91
N GLU A 219 16.71 61.24 18.95
CA GLU A 219 17.85 61.93 19.54
C GLU A 219 19.10 61.60 18.71
N VAL A 220 20.29 61.80 19.28
CA VAL A 220 21.58 61.79 18.60
C VAL A 220 22.04 60.37 18.25
N CYS A 221 21.14 59.39 18.39
CA CYS A 221 21.33 57.98 18.07
C CYS A 221 21.80 57.68 16.64
N LYS A 222 21.80 58.68 15.74
CA LYS A 222 22.51 58.55 14.47
C LYS A 222 23.99 58.23 14.68
N ASN A 223 24.57 58.78 15.75
CA ASN A 223 25.92 58.44 16.18
C ASN A 223 26.08 56.94 16.45
N CYS A 224 25.05 56.28 16.98
CA CYS A 224 25.23 54.86 17.23
C CYS A 224 24.98 54.01 16.00
N ARG A 225 24.58 54.61 14.87
CA ARG A 225 24.31 53.85 13.64
C ARG A 225 25.54 53.07 13.19
N GLU A 226 26.68 53.75 13.02
CA GLU A 226 27.91 53.05 12.72
C GLU A 226 28.43 52.25 13.91
N ALA A 227 27.91 52.50 15.11
CA ALA A 227 28.21 51.63 16.23
C ALA A 227 27.35 50.38 16.21
N TYR A 228 26.19 50.45 15.54
CA TYR A 228 25.27 49.32 15.52
C TYR A 228 25.58 48.36 14.39
N LYS A 229 25.61 48.87 13.15
CA LYS A 229 25.50 48.05 11.95
C LYS A 229 26.65 47.06 11.82
N THR A 230 27.88 47.52 12.07
CA THR A 230 29.06 46.66 11.97
C THR A 230 28.99 45.50 12.95
N LEU A 231 28.37 45.71 14.13
CA LEU A 231 28.10 44.63 15.07
C LEU A 231 27.29 43.53 14.41
N SER A 232 26.17 43.90 13.81
CA SER A 232 25.35 42.94 13.08
C SER A 232 26.11 42.34 11.93
N SER A 233 26.98 43.13 11.29
CA SER A 233 27.80 42.63 10.19
C SER A 233 28.74 41.55 10.70
N LEU A 234 29.36 41.79 11.86
CA LEU A 234 30.23 40.80 12.48
C LEU A 234 29.44 39.55 12.82
N TYR A 235 28.19 39.73 13.26
CA TYR A 235 27.33 38.61 13.59
C TYR A 235 27.09 37.73 12.38
N SER A 236 26.85 38.36 11.22
CA SER A 236 26.63 37.57 10.01
C SER A 236 27.90 36.86 9.61
N GLU A 237 29.05 37.53 9.79
CA GLU A 237 30.33 36.91 9.49
C GLU A 237 30.58 35.73 10.40
N MET A 238 30.08 35.81 11.64
CA MET A 238 30.29 34.72 12.57
C MET A 238 29.47 33.51 12.16
N GLN A 239 28.30 33.73 11.55
CA GLN A 239 27.55 32.61 11.01
C GLN A 239 28.22 32.01 9.79
N LYS A 240 29.05 32.78 9.09
CA LYS A 240 29.84 32.20 8.03
C LYS A 240 31.01 31.40 8.57
N MET A 241 31.41 31.64 9.82
CA MET A 241 32.55 30.93 10.37
C MET A 241 32.13 29.58 10.94
N ASN A 242 30.94 29.50 11.52
CA ASN A 242 30.40 28.26 12.08
C ASN A 242 29.28 27.70 11.21
N GLU A 243 29.43 27.82 9.89
CA GLU A 243 28.51 27.15 8.97
C GLU A 243 28.99 25.76 8.58
N LEU A 244 30.31 25.58 8.47
CA LEU A 244 30.87 24.28 8.14
C LEU A 244 32.30 24.17 8.69
N THR A 252 21.89 25.93 11.77
CA THR A 252 21.87 25.57 13.19
C THR A 252 22.32 26.74 14.05
N HIS A 253 21.86 26.77 15.29
CA HIS A 253 22.24 27.84 16.22
C HIS A 253 23.69 27.66 16.67
N LEU A 254 24.39 28.77 16.83
CA LEU A 254 25.83 28.67 17.04
C LEU A 254 26.22 28.69 18.51
N CYS A 255 25.51 29.43 19.35
CA CYS A 255 25.80 29.49 20.79
C CYS A 255 24.54 29.96 21.49
N ILE A 256 24.67 30.35 22.75
CA ILE A 256 23.54 30.93 23.46
C ILE A 256 23.86 32.28 24.09
N ASP A 257 25.14 32.52 24.37
CA ASP A 257 25.61 33.84 24.81
C ASP A 257 25.53 34.90 23.69
N VAL A 258 25.93 34.49 22.47
CA VAL A 258 25.95 35.33 21.28
C VAL A 258 24.54 35.56 20.76
N GLU A 259 23.72 34.51 20.74
CA GLU A 259 22.35 34.62 20.25
C GLU A 259 21.52 35.55 21.11
N ASP A 260 21.63 35.42 22.44
CA ASP A 260 20.83 36.28 23.31
C ASP A 260 21.37 37.70 23.31
N ALA A 261 22.68 37.87 23.19
CA ALA A 261 23.27 39.20 23.15
C ALA A 261 22.86 39.94 21.89
N MET A 262 22.74 39.26 20.75
CA MET A 262 22.27 39.92 19.55
C MET A 262 20.76 40.09 19.58
N ASN A 263 20.08 39.18 20.26
CA ASN A 263 18.63 39.26 20.39
C ASN A 263 18.21 40.51 21.16
N ILE A 264 18.92 40.80 22.25
CA ILE A 264 18.60 41.99 23.05
C ILE A 264 18.76 43.26 22.22
N THR A 265 19.84 43.34 21.43
CA THR A 265 20.05 44.53 20.60
C THR A 265 19.00 44.64 19.51
N ARG A 266 18.58 43.53 18.92
CA ARG A 266 17.54 43.58 17.92
C ARG A 266 16.18 43.93 18.53
N LYS A 267 15.94 43.54 19.77
CA LYS A 267 14.71 43.95 20.44
C LYS A 267 14.74 45.43 20.79
N LEU A 268 15.90 45.96 21.18
CA LEU A 268 16.00 47.38 21.49
C LEU A 268 15.97 48.25 20.24
N TRP A 269 16.49 47.76 19.13
CA TRP A 269 16.68 48.59 17.95
C TRP A 269 15.37 48.86 17.21
N SER A 270 14.36 48.03 17.41
CA SER A 270 13.16 48.11 16.58
C SER A 270 11.92 48.51 17.36
N ARG A 271 11.55 47.74 18.39
CA ARG A 271 10.22 47.85 18.97
C ARG A 271 10.17 48.66 20.25
N THR A 272 11.27 49.30 20.65
CA THR A 272 11.22 50.35 21.65
C THR A 272 11.90 51.64 21.23
N PHE A 273 12.85 51.60 20.29
CA PHE A 273 13.38 52.76 19.62
C PHE A 273 12.92 52.65 18.18
N ASN A 274 12.03 53.53 17.75
CA ASN A 274 11.57 53.45 16.37
C ASN A 274 12.67 53.94 15.44
N CYS A 275 13.49 53.00 14.96
CA CYS A 275 14.66 53.29 14.15
C CYS A 275 14.49 52.76 12.73
N SER A 276 13.33 53.01 12.14
CA SER A 276 13.03 52.51 10.81
C SER A 276 13.83 53.28 9.76
N VAL A 277 13.95 52.67 8.58
CA VAL A 277 14.67 53.25 7.46
C VAL A 277 13.63 53.85 6.51
N PRO A 278 13.86 55.02 5.93
CA PRO A 278 12.92 55.54 4.94
C PRO A 278 13.00 54.79 3.63
N CYS A 279 11.89 54.80 2.90
CA CYS A 279 11.79 54.17 1.59
C CYS A 279 11.71 55.24 0.51
N SER A 280 12.39 54.98 -0.61
CA SER A 280 12.47 55.95 -1.70
C SER A 280 11.73 55.53 -2.96
N ASP A 281 11.56 54.23 -3.18
CA ASP A 281 11.07 53.71 -4.46
C ASP A 281 9.66 53.13 -4.32
N THR A 282 8.68 53.91 -4.75
CA THR A 282 7.33 53.41 -4.97
C THR A 282 6.85 53.64 -6.40
N VAL A 283 7.12 54.80 -6.98
CA VAL A 283 6.71 55.06 -8.36
C VAL A 283 7.46 54.25 -9.43
N PRO A 284 8.75 53.91 -9.31
CA PRO A 284 9.30 53.02 -10.36
C PRO A 284 8.77 51.61 -10.30
N VAL A 285 8.56 51.06 -9.11
CA VAL A 285 8.01 49.71 -9.00
C VAL A 285 6.50 49.66 -9.16
N ILE A 286 5.86 50.79 -9.43
CA ILE A 286 4.52 50.80 -9.99
C ILE A 286 4.56 50.97 -11.50
N ALA A 287 5.46 51.82 -12.00
CA ALA A 287 5.54 52.09 -13.43
C ALA A 287 5.98 50.86 -14.22
N VAL A 288 7.04 50.19 -13.76
CA VAL A 288 7.56 49.01 -14.45
C VAL A 288 6.55 47.87 -14.39
N SER A 289 5.87 47.71 -13.25
CA SER A 289 4.90 46.64 -13.11
C SER A 289 3.67 46.88 -13.98
N VAL A 290 3.16 48.10 -14.03
CA VAL A 290 1.98 48.35 -14.85
C VAL A 290 2.36 48.44 -16.32
N PHE A 291 3.65 48.59 -16.64
CA PHE A 291 4.05 48.47 -18.02
C PHE A 291 4.16 47.02 -18.46
N ILE A 292 4.68 46.14 -17.58
CA ILE A 292 4.82 44.74 -17.98
C ILE A 292 3.47 44.04 -17.98
N LEU A 293 2.56 44.40 -17.08
CA LEU A 293 1.20 43.85 -17.12
C LEU A 293 0.31 44.48 -18.18
N PHE A 294 0.87 45.23 -19.13
CA PHE A 294 0.13 45.87 -20.20
C PHE A 294 0.40 45.24 -21.56
N LEU A 295 1.48 44.50 -21.71
CA LEU A 295 1.79 43.81 -22.97
C LEU A 295 0.87 42.65 -23.38
N PRO A 296 0.33 41.81 -22.48
CA PRO A 296 -0.61 40.79 -22.98
C PRO A 296 -1.91 41.35 -23.52
N VAL A 297 -2.45 42.42 -22.93
CA VAL A 297 -3.69 42.98 -23.44
C VAL A 297 -3.46 43.73 -24.74
N VAL A 298 -2.20 44.07 -25.05
CA VAL A 298 -1.87 44.55 -26.38
C VAL A 298 -1.69 43.37 -27.33
N PHE A 299 -1.07 42.29 -26.85
CA PHE A 299 -0.66 41.19 -27.72
C PHE A 299 -1.85 40.39 -28.23
N TYR A 300 -2.75 39.99 -27.33
CA TYR A 300 -3.92 39.21 -27.77
C TYR A 300 -4.85 40.06 -28.63
N LEU A 301 -5.00 41.34 -28.30
CA LEU A 301 -5.90 42.19 -29.07
C LEU A 301 -5.29 42.55 -30.42
N SER A 302 -3.96 42.58 -30.53
CA SER A 302 -3.36 42.83 -31.83
C SER A 302 -3.31 41.58 -32.69
N SER A 303 -3.18 40.40 -32.07
CA SER A 303 -3.28 39.17 -32.84
C SER A 303 -4.70 38.85 -33.25
N PHE A 304 -5.69 39.37 -32.53
CA PHE A 304 -7.07 39.17 -32.94
C PHE A 304 -7.43 40.02 -34.15
N LEU A 305 -6.92 41.25 -34.20
CA LEU A 305 -7.25 42.15 -35.29
C LEU A 305 -6.36 41.97 -36.51
N HIS A 306 -5.48 40.98 -36.51
CA HIS A 306 -4.77 40.58 -37.71
C HIS A 306 -5.45 39.35 -38.33
N SER A 307 -6.69 39.58 -38.75
CA SER A 307 -7.49 38.57 -39.45
C SER A 307 -8.21 39.31 -40.58
N GLU A 308 -7.57 39.37 -41.74
CA GLU A 308 -8.11 40.12 -42.86
C GLU A 308 -7.82 39.42 -44.18
N LEU B 92 -18.37 -35.93 -12.91
CA LEU B 92 -19.74 -36.20 -13.33
C LEU B 92 -20.70 -35.74 -12.24
N LYS B 93 -20.13 -35.21 -11.18
CA LYS B 93 -20.90 -34.67 -10.07
C LYS B 93 -20.85 -33.16 -9.99
N TYR B 94 -19.72 -32.55 -10.36
CA TYR B 94 -19.52 -31.12 -10.21
C TYR B 94 -19.93 -30.43 -11.51
N GLU B 95 -21.15 -29.93 -11.57
CA GLU B 95 -21.57 -29.24 -12.78
C GLU B 95 -21.20 -27.77 -12.73
N SER B 96 -21.02 -27.18 -13.90
CA SER B 96 -20.37 -25.89 -14.05
C SER B 96 -21.33 -24.75 -13.74
N LEU B 97 -20.83 -23.53 -13.91
CA LEU B 97 -21.58 -22.32 -13.60
C LEU B 97 -21.77 -21.48 -14.85
N ASP B 98 -22.99 -21.02 -15.09
CA ASP B 98 -23.25 -20.23 -16.28
C ASP B 98 -23.02 -18.76 -16.01
N TYR B 99 -22.03 -18.18 -16.67
CA TYR B 99 -21.77 -16.75 -16.51
C TYR B 99 -22.30 -15.92 -17.67
N ASP B 100 -22.66 -16.54 -18.78
CA ASP B 100 -23.23 -15.80 -19.90
C ASP B 100 -24.72 -15.59 -19.71
N ASN B 101 -25.19 -14.39 -20.04
CA ASN B 101 -26.62 -14.11 -20.00
C ASN B 101 -27.22 -14.49 -21.36
N SER B 102 -27.97 -15.59 -21.37
CA SER B 102 -28.58 -16.07 -22.60
C SER B 102 -29.72 -15.16 -23.00
N GLU B 103 -29.39 -14.09 -23.70
CA GLU B 103 -30.39 -13.12 -24.06
C GLU B 103 -31.43 -13.75 -24.98
N ASN B 104 -32.67 -13.57 -24.61
CA ASN B 104 -33.78 -14.05 -25.40
C ASN B 104 -34.49 -12.84 -25.96
N GLN B 105 -35.64 -13.07 -26.60
CA GLN B 105 -36.52 -11.94 -26.86
C GLN B 105 -37.19 -11.46 -25.59
N LEU B 106 -37.34 -12.35 -24.60
CA LEU B 106 -37.98 -11.96 -23.35
C LEU B 106 -37.06 -11.08 -22.51
N PHE B 107 -35.77 -11.43 -22.45
CA PHE B 107 -34.79 -10.56 -21.81
C PHE B 107 -34.65 -9.24 -22.55
N LEU B 108 -34.65 -9.29 -23.88
CA LEU B 108 -34.46 -8.09 -24.68
C LEU B 108 -35.67 -7.18 -24.63
N GLU B 109 -36.84 -7.72 -24.32
CA GLU B 109 -38.03 -6.92 -24.10
C GLU B 109 -38.11 -6.42 -22.66
N GLU B 110 -37.65 -7.21 -21.70
CA GLU B 110 -37.74 -6.81 -20.31
C GLU B 110 -36.72 -5.74 -19.97
N GLU B 111 -35.54 -5.76 -20.60
CA GLU B 111 -34.58 -4.71 -20.36
C GLU B 111 -35.01 -3.42 -21.05
N ARG B 112 -35.78 -3.53 -22.15
CA ARG B 112 -36.42 -2.36 -22.73
C ARG B 112 -37.51 -1.82 -21.81
N ARG B 113 -38.23 -2.71 -21.12
CA ARG B 113 -39.27 -2.28 -20.20
C ARG B 113 -38.70 -1.53 -19.01
N ILE B 114 -37.60 -2.04 -18.43
CA ILE B 114 -37.08 -1.43 -17.21
C ILE B 114 -36.37 -0.11 -17.50
N ASN B 115 -36.03 0.16 -18.76
CA ASN B 115 -35.28 1.34 -19.12
C ASN B 115 -36.19 2.46 -19.63
N HIS B 116 -37.51 2.24 -19.64
CA HIS B 116 -38.54 3.15 -20.14
C HIS B 116 -38.28 3.59 -21.59
N PHE B 119 -35.63 5.90 -12.44
CA PHE B 119 -34.64 6.78 -13.04
C PHE B 119 -33.24 6.18 -12.91
N ARG B 120 -33.01 5.12 -13.70
CA ARG B 120 -31.75 4.36 -13.74
C ARG B 120 -31.38 3.83 -12.35
N THR B 121 -32.32 3.09 -11.77
CA THR B 121 -32.23 2.66 -10.38
C THR B 121 -31.83 1.20 -10.24
N VAL B 122 -31.09 0.66 -11.19
CA VAL B 122 -30.69 -0.74 -11.09
C VAL B 122 -29.24 -0.83 -10.63
N GLU B 123 -28.43 0.18 -10.96
CA GLU B 123 -27.04 0.15 -10.52
C GLU B 123 -26.88 0.76 -9.15
N ILE B 124 -27.72 1.73 -8.79
CA ILE B 124 -27.68 2.31 -7.44
C ILE B 124 -28.19 1.33 -6.39
N LYS B 125 -28.81 0.24 -6.80
CA LYS B 125 -29.20 -0.83 -5.90
C LYS B 125 -28.08 -1.84 -5.72
N ARG B 126 -27.06 -1.82 -6.58
CA ARG B 126 -25.90 -2.68 -6.40
C ARG B 126 -24.90 -2.09 -5.40
N TRP B 127 -24.81 -0.77 -5.34
CA TRP B 127 -23.91 -0.15 -4.38
C TRP B 127 -24.40 -0.34 -2.95
N VAL B 128 -25.71 -0.51 -2.75
CA VAL B 128 -26.22 -0.78 -1.41
C VAL B 128 -25.80 -2.18 -0.96
N ILE B 129 -25.85 -3.16 -1.86
CA ILE B 129 -25.42 -4.51 -1.52
C ILE B 129 -23.91 -4.56 -1.31
N CYS B 130 -23.15 -3.87 -2.17
CA CYS B 130 -21.71 -3.83 -1.95
C CYS B 130 -21.31 -2.97 -0.78
N ALA B 131 -22.20 -2.13 -0.26
CA ALA B 131 -21.91 -1.43 0.99
C ALA B 131 -22.17 -2.33 2.19
N LEU B 132 -23.37 -2.89 2.29
CA LEU B 132 -23.69 -3.71 3.45
C LEU B 132 -23.27 -5.17 3.30
N ILE B 133 -22.41 -5.45 2.32
CA ILE B 133 -21.71 -6.74 2.26
C ILE B 133 -20.38 -6.67 2.98
N GLY B 134 -19.94 -5.48 3.36
CA GLY B 134 -18.70 -5.30 4.06
C GLY B 134 -18.92 -5.10 5.54
N ILE B 135 -20.02 -4.44 5.91
CA ILE B 135 -20.38 -4.26 7.31
C ILE B 135 -20.69 -5.61 7.95
N LEU B 136 -21.44 -6.45 7.24
CA LEU B 136 -21.78 -7.78 7.73
C LEU B 136 -20.58 -8.72 7.77
N THR B 137 -19.47 -8.40 7.10
CA THR B 137 -18.27 -9.21 7.21
C THR B 137 -17.37 -8.71 8.33
N GLY B 138 -17.30 -7.40 8.50
CA GLY B 138 -16.58 -6.84 9.64
C GLY B 138 -17.18 -7.24 10.96
N LEU B 139 -18.51 -7.37 11.03
CA LEU B 139 -19.12 -7.77 12.29
C LEU B 139 -18.87 -9.25 12.61
N VAL B 140 -18.80 -10.11 11.60
CA VAL B 140 -18.42 -11.50 11.85
C VAL B 140 -16.96 -11.57 12.28
N ALA B 141 -16.11 -10.78 11.65
CA ALA B 141 -14.69 -10.79 11.98
C ALA B 141 -14.40 -10.21 13.35
N CYS B 142 -15.27 -9.37 13.89
CA CYS B 142 -15.08 -8.96 15.27
C CYS B 142 -15.80 -9.87 16.26
N PHE B 143 -16.88 -10.53 15.84
CA PHE B 143 -17.55 -11.48 16.71
C PHE B 143 -16.68 -12.69 16.99
N ILE B 144 -15.84 -13.11 16.04
CA ILE B 144 -14.89 -14.17 16.33
C ILE B 144 -13.85 -13.70 17.33
N ASP B 145 -13.32 -12.49 17.13
CA ASP B 145 -12.17 -12.03 17.88
C ASP B 145 -12.53 -11.69 19.33
N ILE B 146 -13.74 -11.20 19.57
CA ILE B 146 -14.13 -10.88 20.94
C ILE B 146 -14.38 -12.15 21.75
N VAL B 147 -14.99 -13.16 21.12
CA VAL B 147 -15.33 -14.38 21.84
C VAL B 147 -14.10 -15.21 22.13
N VAL B 148 -13.18 -15.32 21.16
CA VAL B 148 -12.10 -16.30 21.32
C VAL B 148 -11.09 -15.85 22.37
N GLU B 149 -10.89 -14.53 22.55
CA GLU B 149 -9.92 -14.13 23.56
C GLU B 149 -10.50 -14.24 24.97
N ASN B 150 -11.81 -14.07 25.13
CA ASN B 150 -12.40 -14.27 26.46
C ASN B 150 -12.44 -15.74 26.82
N LEU B 151 -12.72 -16.62 25.86
CA LEU B 151 -12.68 -18.04 26.19
C LEU B 151 -11.26 -18.54 26.43
N ALA B 152 -10.27 -18.00 25.72
CA ALA B 152 -8.89 -18.36 26.01
C ALA B 152 -8.44 -17.83 27.37
N GLY B 153 -8.93 -16.64 27.73
CA GLY B 153 -8.63 -16.11 29.05
C GLY B 153 -9.31 -16.87 30.16
N LEU B 154 -10.45 -17.49 29.87
CA LEU B 154 -11.04 -18.38 30.86
C LEU B 154 -10.28 -19.69 30.93
N LYS B 155 -9.77 -20.18 29.80
CA LYS B 155 -9.22 -21.52 29.81
C LYS B 155 -7.79 -21.54 30.36
N TYR B 156 -6.99 -20.52 30.09
CA TYR B 156 -5.59 -20.62 30.51
C TYR B 156 -5.36 -20.23 31.95
N ARG B 157 -6.22 -19.40 32.54
CA ARG B 157 -5.96 -19.02 33.93
C ARG B 157 -6.34 -20.11 34.90
N VAL B 158 -7.25 -21.01 34.50
CA VAL B 158 -7.52 -22.21 35.30
C VAL B 158 -6.27 -23.08 35.38
N ILE B 159 -5.57 -23.21 34.26
CA ILE B 159 -4.39 -24.08 34.21
C ILE B 159 -3.23 -23.44 34.95
N LYS B 160 -3.01 -22.13 34.77
CA LYS B 160 -1.89 -21.53 35.49
C LYS B 160 -2.21 -21.32 36.97
N GLY B 161 -3.48 -21.34 37.35
CA GLY B 161 -3.77 -21.46 38.76
C GLY B 161 -3.72 -22.86 39.29
N ASN B 162 -3.73 -23.84 38.39
CA ASN B 162 -3.66 -25.22 38.84
C ASN B 162 -2.22 -25.64 39.12
N ILE B 163 -1.27 -25.20 38.30
CA ILE B 163 0.12 -25.57 38.49
C ILE B 163 0.88 -24.51 39.28
N ASP B 164 0.18 -23.61 39.95
CA ASP B 164 0.79 -22.85 41.02
C ASP B 164 0.51 -23.45 42.38
N LYS B 165 -0.41 -24.40 42.49
CA LYS B 165 -0.65 -25.07 43.75
C LYS B 165 -0.16 -26.51 43.77
N PHE B 166 -0.02 -27.16 42.63
CA PHE B 166 0.59 -28.47 42.58
C PHE B 166 2.10 -28.43 42.38
N THR B 167 2.69 -27.24 42.45
CA THR B 167 4.10 -27.10 42.78
C THR B 167 4.17 -27.12 44.32
N GLU B 168 5.37 -27.04 44.90
CA GLU B 168 5.69 -26.90 46.33
C GLU B 168 5.16 -28.05 47.20
N LYS B 169 4.60 -29.07 46.57
CA LYS B 169 3.87 -30.18 47.16
C LYS B 169 4.04 -31.38 46.23
N GLY B 170 3.09 -32.31 46.26
CA GLY B 170 3.13 -33.49 45.41
C GLY B 170 2.99 -33.28 43.92
N GLY B 171 2.46 -34.30 43.24
CA GLY B 171 2.67 -34.45 41.82
C GLY B 171 1.95 -33.43 40.95
N LEU B 172 2.47 -33.29 39.74
CA LEU B 172 1.92 -32.43 38.71
C LEU B 172 1.09 -33.18 37.69
N SER B 173 1.02 -34.51 37.78
CA SER B 173 0.36 -35.31 36.76
C SER B 173 -1.15 -35.12 36.77
N PHE B 174 -1.72 -34.81 37.93
CA PHE B 174 -3.14 -34.54 38.01
C PHE B 174 -3.51 -33.19 37.43
N SER B 175 -2.54 -32.38 37.02
CA SER B 175 -2.77 -31.19 36.22
C SER B 175 -2.50 -31.39 34.75
N LEU B 176 -1.55 -32.26 34.42
CA LEU B 176 -1.36 -32.69 33.03
C LEU B 176 -2.60 -33.38 32.49
N LEU B 177 -3.22 -34.22 33.30
CA LEU B 177 -4.48 -34.84 32.89
C LEU B 177 -5.58 -33.82 32.73
N LEU B 178 -5.57 -32.75 33.53
CA LEU B 178 -6.58 -31.72 33.42
C LEU B 178 -6.39 -30.90 32.15
N TRP B 179 -5.15 -30.61 31.77
CA TRP B 179 -4.93 -29.84 30.55
C TRP B 179 -5.15 -30.69 29.32
N ALA B 180 -4.88 -31.99 29.40
CA ALA B 180 -5.23 -32.88 28.29
C ALA B 180 -6.74 -32.99 28.12
N THR B 181 -7.49 -33.15 29.21
CA THR B 181 -8.94 -33.28 29.04
C THR B 181 -9.61 -31.94 28.72
N LEU B 182 -9.02 -30.81 29.11
CA LEU B 182 -9.58 -29.54 28.64
C LEU B 182 -9.27 -29.29 27.17
N ASN B 183 -8.14 -29.77 26.67
CA ASN B 183 -7.95 -29.64 25.23
C ASN B 183 -8.74 -30.69 24.46
N ALA B 184 -9.20 -31.75 25.10
CA ALA B 184 -10.02 -32.73 24.41
C ALA B 184 -11.50 -32.38 24.41
N ALA B 185 -12.00 -31.74 25.47
CA ALA B 185 -13.44 -31.55 25.60
C ALA B 185 -13.99 -30.53 24.61
N PHE B 186 -13.22 -29.50 24.26
CA PHE B 186 -13.70 -28.55 23.27
C PHE B 186 -13.66 -29.13 21.86
N VAL B 187 -12.56 -29.79 21.52
CA VAL B 187 -12.40 -30.28 20.17
C VAL B 187 -13.27 -31.50 19.92
N LEU B 188 -13.77 -32.16 20.97
CA LEU B 188 -14.78 -33.20 20.79
C LEU B 188 -16.05 -32.65 20.16
N VAL B 189 -16.58 -31.55 20.71
CA VAL B 189 -17.78 -30.95 20.14
C VAL B 189 -17.46 -30.32 18.78
N GLY B 190 -16.29 -29.67 18.68
CA GLY B 190 -15.89 -29.06 17.43
C GLY B 190 -15.61 -30.02 16.29
N SER B 191 -15.39 -31.30 16.60
CA SER B 191 -15.27 -32.31 15.57
C SER B 191 -16.55 -33.09 15.34
N VAL B 192 -17.41 -33.22 16.35
CA VAL B 192 -18.69 -33.91 16.15
C VAL B 192 -19.61 -33.07 15.27
N ILE B 193 -19.62 -31.74 15.46
CA ILE B 193 -20.56 -30.93 14.67
C ILE B 193 -20.12 -30.73 13.23
N VAL B 194 -18.98 -31.27 12.85
CA VAL B 194 -18.51 -31.23 11.48
C VAL B 194 -18.50 -32.63 10.85
N ALA B 195 -18.00 -33.63 11.57
CA ALA B 195 -17.85 -34.94 10.96
C ALA B 195 -19.17 -35.67 10.74
N PHE B 196 -20.26 -35.22 11.34
CA PHE B 196 -21.55 -35.88 11.17
C PHE B 196 -22.55 -35.10 10.33
N ILE B 197 -22.62 -33.78 10.46
CA ILE B 197 -23.64 -33.03 9.75
C ILE B 197 -23.24 -32.81 8.30
N GLU B 198 -22.09 -32.16 8.06
CA GLU B 198 -21.63 -32.05 6.67
C GLU B 198 -20.12 -31.97 6.62
N PRO B 199 -19.48 -32.71 5.72
CA PRO B 199 -18.02 -32.67 5.64
C PRO B 199 -17.46 -31.52 4.82
N VAL B 200 -18.30 -30.62 4.31
CA VAL B 200 -17.81 -29.58 3.41
C VAL B 200 -17.08 -28.50 4.19
N ALA B 201 -17.47 -28.29 5.44
CA ALA B 201 -16.82 -27.28 6.28
C ALA B 201 -15.45 -27.71 6.79
N ALA B 202 -14.98 -28.91 6.46
CA ALA B 202 -13.69 -29.35 6.92
C ALA B 202 -12.56 -28.59 6.23
N GLY B 203 -11.42 -28.53 6.90
CA GLY B 203 -10.28 -27.81 6.39
C GLY B 203 -10.52 -26.32 6.41
N SER B 204 -9.74 -25.61 5.59
CA SER B 204 -9.92 -24.18 5.43
C SER B 204 -11.07 -23.91 4.47
N GLY B 205 -11.19 -22.67 4.01
CA GLY B 205 -12.28 -22.36 3.12
C GLY B 205 -11.83 -22.00 1.73
N ILE B 206 -10.52 -21.82 1.54
CA ILE B 206 -9.99 -21.34 0.27
C ILE B 206 -10.11 -22.34 -0.88
N PRO B 207 -9.79 -23.65 -0.78
CA PRO B 207 -9.95 -24.50 -1.96
C PRO B 207 -11.38 -24.80 -2.35
N GLN B 208 -12.36 -24.58 -1.49
CA GLN B 208 -13.74 -24.69 -1.94
C GLN B 208 -14.28 -23.38 -2.48
N ILE B 209 -13.52 -22.29 -2.41
CA ILE B 209 -14.00 -20.99 -2.87
C ILE B 209 -13.20 -20.46 -4.05
N LYS B 210 -12.01 -21.00 -4.32
CA LYS B 210 -11.33 -20.68 -5.56
C LYS B 210 -11.62 -21.69 -6.65
N CYS B 211 -12.56 -22.60 -6.39
CA CYS B 211 -13.16 -23.43 -7.43
C CYS B 211 -14.54 -22.93 -7.83
N PHE B 212 -15.32 -22.42 -6.88
CA PHE B 212 -16.56 -21.74 -7.22
C PHE B 212 -16.29 -20.48 -8.00
N LEU B 213 -15.24 -19.76 -7.61
CA LEU B 213 -14.84 -18.54 -8.29
C LEU B 213 -14.48 -18.88 -9.73
N ASN B 214 -13.85 -20.05 -9.89
CA ASN B 214 -13.46 -20.62 -11.17
C ASN B 214 -14.67 -21.04 -12.03
N GLY B 215 -15.80 -21.33 -11.39
CA GLY B 215 -17.00 -21.75 -12.08
C GLY B 215 -17.54 -23.13 -11.75
N VAL B 216 -16.97 -23.80 -10.75
CA VAL B 216 -17.44 -25.12 -10.39
C VAL B 216 -18.31 -25.03 -9.14
N LYS B 217 -19.56 -25.42 -9.26
CA LYS B 217 -20.46 -25.41 -8.11
C LYS B 217 -20.20 -26.66 -7.29
N ILE B 218 -19.40 -26.53 -6.25
CA ILE B 218 -19.18 -27.66 -5.35
C ILE B 218 -20.50 -27.90 -4.62
N PRO B 219 -20.81 -29.14 -4.26
CA PRO B 219 -22.08 -29.43 -3.58
C PRO B 219 -22.17 -28.69 -2.25
N HIS B 220 -23.37 -28.19 -1.93
CA HIS B 220 -23.63 -27.40 -0.72
C HIS B 220 -22.76 -26.15 -0.75
N VAL B 221 -21.94 -25.96 0.29
CA VAL B 221 -20.99 -24.84 0.43
C VAL B 221 -21.57 -23.45 0.75
N VAL B 222 -22.50 -22.97 -0.08
CA VAL B 222 -23.09 -21.66 0.15
C VAL B 222 -24.27 -21.64 1.12
N ARG B 223 -24.74 -22.81 1.53
CA ARG B 223 -25.88 -22.89 2.45
C ARG B 223 -25.59 -22.28 3.83
N LEU B 224 -26.60 -21.68 4.43
CA LEU B 224 -26.47 -21.07 5.73
C LEU B 224 -25.90 -22.03 6.75
N LYS B 225 -26.32 -23.29 6.68
CA LYS B 225 -25.87 -24.27 7.66
C LYS B 225 -24.34 -24.40 7.65
N THR B 226 -23.72 -24.28 6.48
CA THR B 226 -22.27 -24.29 6.37
C THR B 226 -21.65 -23.08 7.03
N LEU B 227 -22.28 -21.91 6.91
CA LEU B 227 -21.79 -20.72 7.60
C LEU B 227 -21.88 -20.87 9.10
N VAL B 228 -23.02 -21.37 9.60
CA VAL B 228 -23.22 -21.50 11.04
C VAL B 228 -22.27 -22.52 11.64
N ILE B 229 -21.98 -23.59 10.92
CA ILE B 229 -21.08 -24.59 11.46
C ILE B 229 -19.61 -24.19 11.29
N LYS B 230 -19.27 -23.40 10.28
CA LYS B 230 -17.88 -22.97 10.17
C LYS B 230 -17.53 -21.86 11.15
N VAL B 231 -18.39 -20.86 11.31
CA VAL B 231 -18.04 -19.76 12.21
C VAL B 231 -18.18 -20.18 13.68
N SER B 232 -18.85 -21.29 13.96
CA SER B 232 -18.88 -21.86 15.30
C SER B 232 -18.01 -23.08 15.42
N GLY B 233 -17.17 -23.34 14.42
CA GLY B 233 -16.23 -24.43 14.48
C GLY B 233 -14.81 -23.93 14.57
N VAL B 234 -14.59 -22.68 14.17
CA VAL B 234 -13.28 -22.08 14.29
C VAL B 234 -13.08 -21.45 15.67
N ILE B 235 -14.17 -21.01 16.31
CA ILE B 235 -14.10 -20.56 17.70
C ILE B 235 -13.80 -21.73 18.61
N LEU B 236 -14.50 -22.83 18.41
CA LEU B 236 -14.42 -23.96 19.31
C LEU B 236 -13.15 -24.78 19.09
N SER B 237 -12.42 -24.56 18.00
CA SER B 237 -11.19 -25.31 17.75
C SER B 237 -9.94 -24.54 18.15
N VAL B 238 -9.91 -23.22 17.94
CA VAL B 238 -8.74 -22.44 18.36
C VAL B 238 -8.61 -22.43 19.87
N VAL B 239 -9.72 -22.22 20.58
CA VAL B 239 -9.67 -22.28 22.03
C VAL B 239 -9.60 -23.72 22.52
N GLY B 240 -9.88 -24.66 21.63
CA GLY B 240 -9.79 -26.07 21.92
C GLY B 240 -8.35 -26.44 22.21
N GLY B 241 -7.44 -25.78 21.52
CA GLY B 241 -6.01 -26.01 21.66
C GLY B 241 -5.45 -26.91 20.59
N LEU B 242 -5.20 -26.30 19.44
CA LEU B 242 -4.63 -26.97 18.27
C LEU B 242 -3.77 -25.95 17.52
N ALA B 243 -2.82 -26.44 16.72
CA ALA B 243 -1.97 -25.52 15.97
C ALA B 243 -2.63 -25.10 14.65
N VAL B 244 -3.68 -24.27 14.74
CA VAL B 244 -4.37 -23.80 13.56
C VAL B 244 -4.71 -22.31 13.64
N GLY B 245 -4.59 -21.62 12.52
CA GLY B 245 -4.90 -20.21 12.43
C GLY B 245 -6.38 -19.93 12.30
N LYS B 246 -6.79 -18.71 12.61
CA LYS B 246 -8.17 -18.27 12.51
C LYS B 246 -8.43 -17.36 11.32
N GLU B 247 -7.40 -16.85 10.65
CA GLU B 247 -7.56 -15.95 9.51
C GLU B 247 -7.78 -16.69 8.21
N GLY B 248 -7.65 -18.00 8.20
CA GLY B 248 -8.08 -18.83 7.10
C GLY B 248 -9.56 -18.74 6.80
N PRO B 249 -10.42 -19.19 7.73
CA PRO B 249 -11.86 -19.27 7.43
C PRO B 249 -12.61 -17.95 7.38
N MET B 250 -11.93 -16.81 7.30
CA MET B 250 -12.65 -15.56 7.12
C MET B 250 -13.07 -15.34 5.67
N ILE B 251 -12.36 -15.96 4.73
CA ILE B 251 -12.69 -15.79 3.32
C ILE B 251 -13.97 -16.53 2.98
N HIS B 252 -14.09 -17.79 3.42
CA HIS B 252 -15.30 -18.55 3.13
C HIS B 252 -16.50 -18.00 3.89
N SER B 253 -16.29 -17.59 5.14
CA SER B 253 -17.38 -17.03 5.93
C SER B 253 -17.80 -15.66 5.42
N GLY B 254 -16.89 -14.92 4.78
CA GLY B 254 -17.28 -13.68 4.15
C GLY B 254 -17.79 -13.86 2.75
N SER B 255 -17.66 -15.05 2.19
CA SER B 255 -18.24 -15.35 0.90
C SER B 255 -19.64 -15.94 0.98
N VAL B 256 -19.98 -16.60 2.09
CA VAL B 256 -21.32 -17.18 2.20
C VAL B 256 -22.37 -16.09 2.39
N ILE B 257 -22.09 -15.11 3.25
CA ILE B 257 -23.02 -14.00 3.42
C ILE B 257 -23.06 -13.07 2.21
N ALA B 258 -22.16 -13.26 1.25
CA ALA B 258 -22.21 -12.49 0.02
C ALA B 258 -23.31 -12.99 -0.90
N ALA B 259 -23.45 -14.30 -1.02
CA ALA B 259 -24.43 -14.91 -1.90
C ALA B 259 -25.68 -15.34 -1.16
N GLY B 260 -25.95 -14.72 -0.01
CA GLY B 260 -27.15 -15.03 0.74
C GLY B 260 -28.07 -13.83 0.89
N ILE B 261 -27.48 -12.64 1.03
CA ILE B 261 -28.26 -11.42 1.05
C ILE B 261 -28.37 -10.79 -0.31
N SER B 262 -27.57 -11.23 -1.28
CA SER B 262 -27.73 -10.79 -2.65
C SER B 262 -29.01 -11.31 -3.27
N GLN B 263 -29.52 -12.44 -2.80
CA GLN B 263 -30.71 -13.03 -3.37
C GLN B 263 -31.97 -12.47 -2.74
N GLY B 264 -31.97 -12.27 -1.43
CA GLY B 264 -33.18 -11.87 -0.75
C GLY B 264 -34.22 -12.95 -0.69
N ARG B 265 -33.82 -14.21 -0.59
CA ARG B 265 -34.75 -15.33 -0.60
C ARG B 265 -34.77 -16.09 0.72
N SER B 266 -33.62 -16.53 1.22
CA SER B 266 -33.48 -17.39 2.41
C SER B 266 -34.27 -18.68 2.24
N THR B 267 -33.78 -19.50 1.29
CA THR B 267 -34.53 -20.63 0.75
C THR B 267 -34.85 -21.74 1.76
N SER B 268 -34.31 -21.68 2.98
CA SER B 268 -34.74 -22.52 4.09
C SER B 268 -36.25 -22.49 4.29
N LEU B 269 -36.78 -21.32 4.65
CA LEU B 269 -38.22 -21.04 4.69
C LEU B 269 -38.37 -19.53 4.80
N LYS B 270 -39.62 -19.06 4.75
CA LYS B 270 -39.99 -17.67 5.05
C LYS B 270 -39.30 -16.66 4.15
N ARG B 271 -39.74 -16.54 2.89
CA ARG B 271 -39.06 -15.83 1.79
C ARG B 271 -38.53 -14.42 2.12
N ASP B 272 -39.06 -13.76 3.16
CA ASP B 272 -38.43 -12.64 3.87
C ASP B 272 -38.29 -11.34 3.07
N PHE B 273 -38.66 -11.36 1.80
CA PHE B 273 -38.60 -10.19 0.93
C PHE B 273 -39.36 -10.49 -0.35
N LYS B 274 -39.89 -9.42 -0.95
CA LYS B 274 -40.19 -9.41 -2.38
C LYS B 274 -39.22 -8.48 -3.10
N ILE B 275 -38.22 -7.97 -2.40
CA ILE B 275 -37.23 -7.06 -2.94
C ILE B 275 -36.13 -7.91 -3.57
N PHE B 276 -35.27 -7.29 -4.37
CA PHE B 276 -34.04 -7.87 -4.92
C PHE B 276 -34.32 -9.01 -5.89
N GLU B 277 -35.37 -8.88 -6.69
CA GLU B 277 -35.37 -9.53 -7.99
C GLU B 277 -34.45 -8.75 -8.92
N TYR B 278 -34.25 -9.31 -10.13
CA TYR B 278 -33.29 -9.00 -11.18
C TYR B 278 -31.88 -9.48 -10.77
N PHE B 279 -31.66 -9.90 -9.53
CA PHE B 279 -30.38 -10.45 -9.12
C PHE B 279 -30.46 -11.95 -8.92
N ARG B 280 -31.64 -12.55 -9.07
CA ARG B 280 -31.81 -13.99 -8.86
C ARG B 280 -31.39 -14.75 -10.11
N ARG B 281 -30.10 -14.67 -10.41
CA ARG B 281 -29.50 -15.37 -11.54
C ARG B 281 -28.00 -15.37 -11.33
N ASP B 282 -27.31 -16.17 -12.13
CA ASP B 282 -25.86 -16.09 -12.21
C ASP B 282 -25.54 -14.97 -13.19
N THR B 283 -24.28 -14.50 -13.14
CA THR B 283 -23.66 -13.24 -13.61
C THR B 283 -23.91 -12.15 -12.58
N GLU B 284 -24.71 -12.44 -11.56
CA GLU B 284 -24.65 -11.64 -10.35
C GLU B 284 -24.09 -12.43 -9.18
N LYS B 285 -24.30 -13.74 -9.20
CA LYS B 285 -23.79 -14.60 -8.12
C LYS B 285 -22.28 -14.53 -8.02
N ARG B 286 -21.58 -14.63 -9.16
CA ARG B 286 -20.13 -14.57 -9.08
C ARG B 286 -19.65 -13.14 -8.88
N ASP B 287 -20.40 -12.15 -9.35
CA ASP B 287 -20.02 -10.76 -9.12
C ASP B 287 -20.17 -10.34 -7.67
N PHE B 288 -21.00 -11.02 -6.89
CA PHE B 288 -21.02 -10.70 -5.47
C PHE B 288 -20.18 -11.64 -4.62
N VAL B 289 -19.92 -12.87 -5.09
CA VAL B 289 -18.95 -13.69 -4.36
C VAL B 289 -17.55 -13.11 -4.52
N SER B 290 -17.25 -12.46 -5.65
CA SER B 290 -15.97 -11.78 -5.79
C SER B 290 -15.84 -10.59 -4.86
N ALA B 291 -16.94 -9.91 -4.54
CA ALA B 291 -16.88 -8.81 -3.58
C ALA B 291 -16.94 -9.32 -2.15
N GLY B 292 -17.40 -10.53 -1.93
CA GLY B 292 -17.37 -11.09 -0.59
C GLY B 292 -16.01 -11.62 -0.22
N ALA B 293 -15.37 -12.35 -1.13
CA ALA B 293 -14.09 -12.96 -0.83
C ALA B 293 -12.95 -11.94 -0.76
N ALA B 294 -13.11 -10.78 -1.38
CA ALA B 294 -12.16 -9.70 -1.23
C ALA B 294 -12.48 -8.81 -0.05
N ALA B 295 -13.51 -9.14 0.72
CA ALA B 295 -13.80 -8.48 1.97
C ALA B 295 -13.44 -9.34 3.16
N GLY B 296 -12.91 -10.52 2.94
CA GLY B 296 -12.42 -11.34 4.02
C GLY B 296 -10.91 -11.33 4.05
N VAL B 297 -10.28 -11.06 2.90
CA VAL B 297 -8.84 -10.95 2.88
C VAL B 297 -8.40 -9.63 3.51
N SER B 298 -9.15 -8.56 3.28
CA SER B 298 -8.81 -7.30 3.91
C SER B 298 -9.16 -7.30 5.39
N ALA B 299 -10.27 -7.93 5.75
CA ALA B 299 -10.70 -7.92 7.14
C ALA B 299 -9.92 -8.89 8.01
N ALA B 300 -9.02 -9.69 7.44
CA ALA B 300 -8.21 -10.60 8.22
C ALA B 300 -6.73 -10.26 8.23
N PHE B 301 -6.27 -9.44 7.32
CA PHE B 301 -4.87 -9.08 7.22
C PHE B 301 -4.61 -7.59 7.31
N GLY B 302 -5.54 -6.77 6.88
CA GLY B 302 -5.37 -5.34 6.92
C GLY B 302 -5.05 -4.72 5.60
N ALA B 303 -5.10 -5.48 4.51
CA ALA B 303 -4.74 -4.99 3.19
C ALA B 303 -5.96 -4.92 2.30
N PRO B 304 -6.51 -3.75 2.04
CA PRO B 304 -7.66 -3.66 1.14
C PRO B 304 -7.26 -3.81 -0.31
N VAL B 305 -6.12 -3.27 -0.70
CA VAL B 305 -5.69 -3.33 -2.09
C VAL B 305 -5.13 -4.71 -2.43
N GLY B 306 -4.83 -5.53 -1.43
CA GLY B 306 -4.47 -6.90 -1.71
C GLY B 306 -5.68 -7.78 -2.00
N GLY B 307 -6.80 -7.48 -1.36
CA GLY B 307 -8.00 -8.28 -1.56
C GLY B 307 -8.53 -8.21 -2.97
N VAL B 308 -8.49 -7.03 -3.59
CA VAL B 308 -8.98 -6.90 -4.96
C VAL B 308 -8.07 -7.65 -5.93
N LEU B 309 -6.76 -7.66 -5.67
CA LEU B 309 -5.86 -8.43 -6.53
C LEU B 309 -6.06 -9.92 -6.33
N PHE B 310 -6.41 -10.36 -5.12
CA PHE B 310 -6.77 -11.75 -4.91
C PHE B 310 -8.00 -12.13 -5.74
N SER B 311 -9.07 -11.36 -5.58
CA SER B 311 -10.32 -11.70 -6.26
C SER B 311 -10.20 -11.55 -7.78
N LEU B 312 -9.33 -10.66 -8.24
CA LEU B 312 -9.04 -10.60 -9.67
C LEU B 312 -8.22 -11.78 -10.15
N GLU B 313 -7.22 -12.16 -9.37
CA GLU B 313 -6.29 -13.22 -9.74
C GLU B 313 -7.04 -14.50 -9.97
N GLU B 314 -7.94 -14.83 -9.07
CA GLU B 314 -8.78 -16.00 -9.34
C GLU B 314 -9.83 -15.70 -10.41
N GLY B 315 -10.42 -14.52 -10.37
CA GLY B 315 -11.47 -14.13 -11.31
C GLY B 315 -10.95 -13.58 -12.63
N ALA B 316 -10.57 -14.46 -13.56
CA ALA B 316 -9.81 -14.04 -14.74
C ALA B 316 -10.69 -13.52 -15.87
N SER B 317 -11.78 -12.84 -15.55
CA SER B 317 -12.67 -12.32 -16.57
C SER B 317 -12.07 -11.11 -17.27
N PHE B 318 -12.80 -10.59 -18.25
CA PHE B 318 -12.41 -9.36 -18.94
C PHE B 318 -12.50 -8.18 -17.99
N TRP B 319 -11.61 -7.22 -18.14
CA TRP B 319 -11.58 -6.11 -17.20
C TRP B 319 -12.59 -5.02 -17.45
N ASN B 320 -13.44 -4.79 -16.45
CA ASN B 320 -14.43 -3.73 -16.48
C ASN B 320 -14.18 -2.91 -15.23
N GLN B 321 -14.03 -1.60 -15.41
CA GLN B 321 -13.72 -0.72 -14.30
C GLN B 321 -14.75 -0.63 -13.19
N PHE B 322 -16.03 -0.63 -13.55
CA PHE B 322 -17.09 -0.50 -12.55
C PHE B 322 -17.13 -1.61 -11.51
N LEU B 323 -16.91 -2.84 -11.93
CA LEU B 323 -16.95 -3.97 -11.00
C LEU B 323 -15.78 -3.93 -10.03
N THR B 324 -14.59 -3.61 -10.53
CA THR B 324 -13.44 -3.45 -9.64
C THR B 324 -13.63 -2.26 -8.73
N TRP B 325 -14.27 -1.21 -9.21
CA TRP B 325 -14.53 -0.05 -8.38
C TRP B 325 -15.65 -0.28 -7.37
N ARG B 326 -16.37 -1.40 -7.44
CA ARG B 326 -17.22 -1.81 -6.34
C ARG B 326 -16.58 -2.83 -5.43
N ILE B 327 -15.70 -3.69 -5.95
CA ILE B 327 -14.99 -4.63 -5.08
C ILE B 327 -14.03 -3.88 -4.17
N PHE B 328 -13.45 -2.79 -4.66
CA PHE B 328 -12.60 -1.95 -3.82
C PHE B 328 -13.41 -1.24 -2.75
N PHE B 329 -14.61 -0.79 -3.10
CA PHE B 329 -15.48 -0.13 -2.14
C PHE B 329 -16.03 -1.09 -1.09
N ALA B 330 -16.27 -2.35 -1.47
CA ALA B 330 -16.68 -3.34 -0.49
C ALA B 330 -15.54 -3.84 0.35
N SER B 331 -14.30 -3.71 -0.14
CA SER B 331 -13.16 -4.10 0.66
C SER B 331 -12.76 -3.03 1.66
N MET B 332 -12.92 -1.75 1.31
CA MET B 332 -12.47 -0.69 2.19
C MET B 332 -13.36 -0.53 3.40
N ILE B 333 -14.63 -0.94 3.32
CA ILE B 333 -15.54 -0.87 4.46
C ILE B 333 -15.09 -1.82 5.57
N SER B 334 -14.70 -3.04 5.21
CA SER B 334 -14.48 -4.10 6.18
C SER B 334 -13.29 -3.88 7.10
N THR B 335 -12.34 -3.01 6.73
CA THR B 335 -11.29 -2.65 7.66
C THR B 335 -11.58 -1.34 8.36
N PHE B 336 -12.78 -0.78 8.15
CA PHE B 336 -13.22 0.35 8.95
C PHE B 336 -14.29 -0.02 9.96
N THR B 337 -15.16 -0.98 9.66
CA THR B 337 -16.06 -1.48 10.68
C THR B 337 -15.46 -2.62 11.46
N LEU B 338 -14.14 -2.73 11.48
CA LEU B 338 -13.41 -3.57 12.41
C LEU B 338 -12.53 -2.76 13.32
N ASN B 339 -12.03 -1.62 12.87
CA ASN B 339 -11.41 -0.66 13.78
C ASN B 339 -12.44 -0.03 14.69
N PHE B 340 -13.59 0.34 14.13
CA PHE B 340 -14.54 1.13 14.86
C PHE B 340 -15.30 0.34 15.91
N VAL B 341 -15.33 -0.99 15.81
CA VAL B 341 -15.97 -1.80 16.83
C VAL B 341 -14.97 -2.22 17.90
N LEU B 342 -13.78 -2.66 17.50
CA LEU B 342 -12.77 -3.04 18.49
C LEU B 342 -12.24 -1.83 19.26
N SER B 343 -12.24 -0.65 18.67
CA SER B 343 -11.80 0.53 19.41
C SER B 343 -12.85 1.03 20.37
N ILE B 344 -14.13 0.80 20.08
CA ILE B 344 -15.16 1.00 21.10
C ILE B 344 -15.00 -0.03 22.21
N TYR B 345 -14.63 -1.26 21.84
CA TYR B 345 -14.52 -2.34 22.82
C TYR B 345 -13.38 -2.11 23.80
N HIS B 346 -12.18 -1.81 23.30
CA HIS B 346 -11.04 -1.66 24.20
C HIS B 346 -11.11 -0.37 25.02
N GLY B 347 -11.03 0.77 24.34
CA GLY B 347 -10.87 2.03 25.03
C GLY B 347 -11.52 3.21 24.34
N ASN B 348 -10.74 4.27 24.14
CA ASN B 348 -11.24 5.46 23.47
C ASN B 348 -11.37 5.23 21.98
N MET B 349 -12.35 5.90 21.38
CA MET B 349 -12.63 5.73 19.96
C MET B 349 -11.67 6.50 19.06
N TRP B 350 -10.81 7.36 19.63
CA TRP B 350 -9.90 8.17 18.85
C TRP B 350 -8.55 7.49 18.61
N ASP B 351 -8.48 6.17 18.72
CA ASP B 351 -7.27 5.40 18.45
C ASP B 351 -7.63 4.31 17.46
N LEU B 352 -7.40 4.56 16.17
CA LEU B 352 -7.86 3.68 15.10
C LEU B 352 -6.80 2.68 14.69
N SER B 353 -6.00 2.20 15.63
CA SER B 353 -5.05 1.13 15.36
C SER B 353 -5.78 -0.21 15.36
N SER B 354 -5.01 -1.31 15.35
CA SER B 354 -5.51 -2.69 15.23
C SER B 354 -6.37 -2.86 13.98
N PRO B 355 -5.72 -2.69 12.82
CA PRO B 355 -6.41 -2.59 11.53
C PRO B 355 -7.08 -3.89 11.11
N GLY B 356 -6.68 -5.04 11.65
CA GLY B 356 -7.31 -6.32 11.32
C GLY B 356 -7.02 -7.32 12.43
N LEU B 357 -7.25 -8.60 12.13
CA LEU B 357 -7.04 -9.64 13.13
C LEU B 357 -5.57 -9.88 13.42
N ILE B 358 -4.69 -9.58 12.47
CA ILE B 358 -3.25 -9.64 12.70
C ILE B 358 -2.67 -8.26 12.39
N ASN B 359 -1.73 -7.82 13.23
CA ASN B 359 -1.22 -6.45 13.17
C ASN B 359 0.29 -6.48 13.25
N PHE B 360 0.96 -6.38 12.11
CA PHE B 360 2.39 -6.16 12.13
C PHE B 360 2.66 -4.73 12.58
N GLY B 361 3.85 -4.49 13.08
CA GLY B 361 4.15 -3.22 13.70
C GLY B 361 4.43 -2.09 12.73
N ARG B 362 5.32 -1.21 13.12
CA ARG B 362 5.58 0.02 12.38
C ARG B 362 6.59 -0.17 11.26
N PHE B 363 7.73 -0.79 11.56
CA PHE B 363 8.91 -0.89 10.68
C PHE B 363 9.36 0.47 10.14
N ALA B 369 15.72 -0.82 7.20
CA ALA B 369 16.91 -0.24 6.59
C ALA B 369 17.88 -1.33 6.18
N TYR B 370 18.17 -1.41 4.89
CA TYR B 370 19.08 -2.43 4.37
C TYR B 370 19.91 -1.83 3.25
N THR B 371 20.95 -2.56 2.85
CA THR B 371 21.87 -2.14 1.81
C THR B 371 21.79 -3.10 0.64
N ILE B 372 22.53 -2.78 -0.43
CA ILE B 372 22.55 -3.65 -1.60
C ILE B 372 23.39 -4.90 -1.33
N HIS B 373 24.37 -4.80 -0.42
CA HIS B 373 25.37 -5.84 -0.22
C HIS B 373 24.82 -7.12 0.39
N GLU B 374 23.58 -7.11 0.87
CA GLU B 374 22.94 -8.31 1.39
C GLU B 374 21.75 -8.74 0.55
N ILE B 375 21.62 -8.21 -0.66
CA ILE B 375 20.61 -8.71 -1.60
C ILE B 375 20.81 -10.17 -1.99
N PRO B 376 22.03 -10.71 -2.19
CA PRO B 376 22.13 -12.17 -2.37
C PRO B 376 21.70 -12.99 -1.18
N VAL B 377 21.89 -12.47 0.04
CA VAL B 377 21.60 -13.23 1.26
C VAL B 377 20.12 -13.57 1.35
N PHE B 378 19.26 -12.61 0.98
CA PHE B 378 17.82 -12.88 0.98
C PHE B 378 17.44 -13.92 -0.06
N ILE B 379 18.13 -13.95 -1.20
CA ILE B 379 17.90 -15.02 -2.17
C ILE B 379 18.33 -16.35 -1.58
N ALA B 380 19.41 -16.34 -0.79
CA ALA B 380 19.84 -17.54 -0.09
C ALA B 380 18.89 -17.95 1.03
N MET B 381 17.95 -17.09 1.41
CA MET B 381 16.90 -17.57 2.30
C MET B 381 15.81 -18.26 1.51
N GLY B 382 15.48 -17.71 0.34
CA GLY B 382 14.28 -18.15 -0.37
C GLY B 382 14.37 -19.59 -0.85
N VAL B 383 15.57 -20.01 -1.25
CA VAL B 383 15.81 -21.40 -1.63
C VAL B 383 15.54 -22.33 -0.46
N VAL B 384 15.97 -21.93 0.75
CA VAL B 384 15.64 -22.68 1.96
C VAL B 384 14.13 -22.70 2.17
N GLY B 385 13.49 -21.57 1.90
CA GLY B 385 12.04 -21.50 2.01
C GLY B 385 11.31 -22.36 1.00
N GLY B 386 11.97 -22.74 -0.08
CA GLY B 386 11.37 -23.70 -0.97
C GLY B 386 11.46 -25.07 -0.35
N VAL B 387 12.67 -25.42 0.11
CA VAL B 387 13.02 -26.81 0.36
C VAL B 387 12.24 -27.36 1.54
N LEU B 388 12.31 -26.67 2.69
CA LEU B 388 11.49 -27.03 3.83
C LEU B 388 10.01 -26.94 3.51
N GLY B 389 9.62 -25.98 2.66
CA GLY B 389 8.25 -25.95 2.18
C GLY B 389 7.88 -27.21 1.43
N ALA B 390 8.77 -27.67 0.54
CA ALA B 390 8.51 -28.91 -0.16
C ALA B 390 8.72 -30.14 0.71
N VAL B 391 9.10 -30.00 1.97
CA VAL B 391 9.01 -31.12 2.89
C VAL B 391 7.70 -31.05 3.67
N PHE B 392 7.20 -29.84 3.95
CA PHE B 392 5.90 -29.69 4.58
C PHE B 392 4.79 -30.11 3.65
N ASN B 393 4.97 -29.88 2.36
CA ASN B 393 3.92 -30.01 1.38
C ASN B 393 3.93 -31.37 0.72
N ALA B 394 4.83 -32.26 1.14
CA ALA B 394 4.99 -33.56 0.52
C ALA B 394 4.55 -34.70 1.43
N LEU B 395 5.07 -34.75 2.66
CA LEU B 395 4.76 -35.89 3.52
C LEU B 395 3.35 -35.81 4.04
N ASN B 396 2.78 -34.61 4.14
CA ASN B 396 1.35 -34.43 4.34
C ASN B 396 0.56 -35.17 3.28
N TYR B 397 1.02 -35.11 2.02
CA TYR B 397 0.41 -35.86 0.94
C TYR B 397 0.44 -37.36 1.22
N TRP B 398 1.60 -37.86 1.66
CA TRP B 398 1.71 -39.28 2.01
C TRP B 398 0.87 -39.62 3.22
N LEU B 399 0.52 -38.62 4.02
CA LEU B 399 -0.41 -38.85 5.11
C LEU B 399 -1.85 -38.82 4.61
N THR B 400 -2.19 -37.88 3.71
CA THR B 400 -3.60 -37.62 3.44
C THR B 400 -4.27 -38.75 2.69
N MET B 401 -3.57 -39.38 1.74
CA MET B 401 -4.14 -40.55 1.08
C MET B 401 -4.30 -41.70 2.06
N PHE B 402 -3.42 -41.82 3.06
CA PHE B 402 -3.62 -42.80 4.11
C PHE B 402 -4.92 -42.51 4.85
N ARG B 403 -5.14 -41.24 5.15
CA ARG B 403 -6.35 -40.83 5.83
C ARG B 403 -7.57 -41.01 4.94
N ILE B 404 -7.39 -40.99 3.61
CA ILE B 404 -8.55 -41.19 2.75
C ILE B 404 -8.79 -42.66 2.48
N ARG B 405 -7.84 -43.52 2.86
CA ARG B 405 -7.96 -44.94 2.51
C ARG B 405 -8.60 -45.76 3.62
N TYR B 406 -8.31 -45.44 4.88
CA TYR B 406 -8.74 -46.28 6.00
C TYR B 406 -9.63 -45.58 7.02
N ILE B 407 -9.66 -44.25 7.06
CA ILE B 407 -10.35 -43.52 8.12
C ILE B 407 -11.49 -42.74 7.47
N HIS B 408 -12.13 -43.35 6.47
CA HIS B 408 -13.16 -42.67 5.70
C HIS B 408 -14.56 -42.86 6.28
N ARG B 409 -14.72 -42.68 7.58
CA ARG B 409 -16.03 -42.86 8.19
C ARG B 409 -16.10 -41.95 9.42
N PRO B 410 -17.30 -41.44 9.75
CA PRO B 410 -17.38 -40.40 10.79
C PRO B 410 -17.06 -40.87 12.20
N CYS B 411 -17.10 -42.17 12.47
CA CYS B 411 -16.88 -42.63 13.84
C CYS B 411 -15.41 -42.53 14.25
N LEU B 412 -14.49 -42.68 13.28
CA LEU B 412 -13.08 -42.79 13.61
C LEU B 412 -12.37 -41.45 13.65
N GLN B 413 -12.75 -40.52 12.77
CA GLN B 413 -12.01 -39.27 12.67
C GLN B 413 -12.27 -38.34 13.85
N VAL B 414 -13.40 -38.51 14.55
CA VAL B 414 -13.62 -37.77 15.80
C VAL B 414 -12.60 -38.21 16.85
N ILE B 415 -12.42 -39.53 16.99
CA ILE B 415 -11.42 -40.09 17.90
C ILE B 415 -10.04 -39.62 17.52
N GLU B 416 -9.77 -39.52 16.22
CA GLU B 416 -8.44 -39.13 15.76
C GLU B 416 -8.17 -37.65 16.04
N ALA B 417 -9.20 -36.80 15.96
CA ALA B 417 -9.02 -35.40 16.33
C ALA B 417 -8.80 -35.25 17.84
N VAL B 418 -9.50 -36.05 18.64
CA VAL B 418 -9.29 -36.01 20.09
C VAL B 418 -7.88 -36.43 20.46
N LEU B 419 -7.35 -37.44 19.76
CA LEU B 419 -5.99 -37.89 20.07
C LEU B 419 -4.94 -36.87 19.62
N VAL B 420 -5.20 -36.17 18.52
CA VAL B 420 -4.29 -35.08 18.12
C VAL B 420 -4.27 -33.98 19.16
N ALA B 421 -5.42 -33.65 19.74
CA ALA B 421 -5.44 -32.61 20.77
C ALA B 421 -4.73 -33.05 22.05
N ALA B 422 -4.89 -34.32 22.44
CA ALA B 422 -4.23 -34.79 23.66
C ALA B 422 -2.72 -34.86 23.50
N VAL B 423 -2.23 -35.29 22.33
CA VAL B 423 -0.80 -35.30 22.10
C VAL B 423 -0.24 -33.89 22.02
N THR B 424 -1.01 -32.95 21.45
CA THR B 424 -0.57 -31.56 21.40
C THR B 424 -0.47 -30.96 22.80
N ALA B 425 -1.32 -31.39 23.72
CA ALA B 425 -1.15 -30.98 25.11
C ALA B 425 0.11 -31.58 25.72
N THR B 426 0.29 -32.90 25.59
CA THR B 426 1.30 -33.59 26.38
C THR B 426 2.70 -33.26 25.90
N VAL B 427 2.89 -33.06 24.59
CA VAL B 427 4.22 -32.71 24.08
C VAL B 427 4.63 -31.32 24.56
N ALA B 428 3.69 -30.38 24.60
CA ALA B 428 3.99 -29.05 25.11
C ALA B 428 4.27 -29.07 26.61
N PHE B 429 3.59 -29.93 27.36
CA PHE B 429 3.85 -29.96 28.79
C PHE B 429 5.19 -30.60 29.12
N VAL B 430 5.57 -31.64 28.38
CA VAL B 430 6.89 -32.24 28.55
C VAL B 430 7.96 -31.23 28.17
N LEU B 431 7.71 -30.45 27.11
CA LEU B 431 8.74 -29.55 26.60
C LEU B 431 8.89 -28.31 27.48
N ILE B 432 7.87 -27.92 28.25
CA ILE B 432 8.06 -26.84 29.21
C ILE B 432 8.45 -27.35 30.58
N TYR B 433 8.25 -28.64 30.87
CA TYR B 433 8.68 -29.20 32.15
C TYR B 433 10.19 -29.28 32.25
N SER B 434 10.87 -29.49 31.14
CA SER B 434 12.30 -29.77 31.13
C SER B 434 13.14 -28.58 30.69
N SER B 435 12.56 -27.39 30.61
CA SER B 435 13.33 -26.22 30.22
C SER B 435 14.22 -25.75 31.36
N ARG B 436 15.40 -25.26 31.00
CA ARG B 436 16.35 -24.73 31.96
C ARG B 436 16.52 -23.22 31.84
N ASP B 437 15.96 -22.60 30.79
CA ASP B 437 16.20 -21.20 30.49
C ASP B 437 15.08 -20.34 31.06
N CYS B 438 15.43 -19.48 32.02
CA CYS B 438 14.48 -18.64 32.72
C CYS B 438 14.93 -17.19 32.62
N GLN B 439 13.98 -16.27 32.45
CA GLN B 439 14.33 -14.87 32.26
C GLN B 439 13.48 -13.97 33.14
N PRO B 440 13.97 -12.81 33.55
CA PRO B 440 13.13 -11.85 34.28
C PRO B 440 12.13 -11.21 33.34
N LEU B 441 10.91 -11.01 33.84
CA LEU B 441 9.84 -10.47 33.01
C LEU B 441 10.00 -8.97 32.84
N GLN B 442 9.42 -8.46 31.75
CA GLN B 442 9.39 -7.03 31.47
C GLN B 442 8.26 -6.72 30.51
N GLY B 443 7.55 -5.62 30.78
CA GLY B 443 6.52 -5.14 29.86
C GLY B 443 5.31 -6.05 29.80
N GLY B 444 4.84 -6.28 28.57
CA GLY B 444 3.75 -7.21 28.32
C GLY B 444 4.18 -8.34 27.41
N SER B 445 5.44 -8.75 27.54
CA SER B 445 5.97 -9.83 26.70
C SER B 445 5.44 -11.20 27.09
N MET B 446 4.86 -11.34 28.29
CA MET B 446 4.22 -12.58 28.71
C MET B 446 2.82 -12.23 29.18
N SER B 447 1.81 -12.82 28.52
CA SER B 447 0.43 -12.54 28.91
C SER B 447 0.07 -13.24 30.20
N TYR B 448 0.38 -14.53 30.31
CA TYR B 448 0.16 -15.31 31.52
C TYR B 448 1.50 -15.83 32.01
N PRO B 449 2.13 -15.17 32.98
CA PRO B 449 3.47 -15.59 33.40
C PRO B 449 3.42 -16.86 34.21
N LEU B 450 4.28 -17.80 33.87
CA LEU B 450 4.33 -19.10 34.53
C LEU B 450 5.67 -19.27 35.22
N GLN B 451 5.63 -19.60 36.50
CA GLN B 451 6.83 -19.88 37.30
C GLN B 451 6.72 -21.29 37.85
N LEU B 452 7.58 -22.18 37.38
CA LEU B 452 7.78 -23.45 38.05
C LEU B 452 9.24 -23.81 37.93
N PHE B 453 9.83 -24.24 39.06
CA PHE B 453 11.23 -24.67 39.15
C PHE B 453 12.19 -23.55 38.74
N CYS B 454 11.81 -22.33 39.05
CA CYS B 454 12.63 -21.16 38.73
C CYS B 454 12.76 -20.31 39.98
N ALA B 455 13.77 -19.46 40.00
CA ALA B 455 14.00 -18.53 41.12
C ALA B 455 12.84 -17.56 41.26
N ASP B 456 12.76 -16.89 42.40
CA ASP B 456 11.65 -15.98 42.64
C ASP B 456 11.81 -14.73 41.81
N GLY B 457 10.72 -14.26 41.22
CA GLY B 457 10.71 -13.09 40.37
C GLY B 457 10.91 -13.38 38.91
N GLU B 458 11.80 -14.30 38.58
CA GLU B 458 12.01 -14.70 37.20
C GLU B 458 10.88 -15.63 36.74
N TYR B 459 10.76 -15.80 35.43
CA TYR B 459 9.70 -16.62 34.88
C TYR B 459 10.22 -17.50 33.76
N ASN B 460 9.58 -18.66 33.60
CA ASN B 460 9.99 -19.59 32.55
C ASN B 460 9.74 -18.96 31.19
N SER B 461 10.69 -19.15 30.28
CA SER B 461 10.58 -18.58 28.94
C SER B 461 10.05 -19.57 27.92
N MET B 462 10.02 -20.86 28.25
CA MET B 462 9.43 -21.85 27.37
C MET B 462 7.91 -21.85 27.49
N ALA B 463 7.37 -21.30 28.57
CA ALA B 463 5.93 -21.15 28.67
C ALA B 463 5.41 -20.01 27.80
N ALA B 464 6.28 -19.11 27.37
CA ALA B 464 5.95 -18.26 26.25
C ALA B 464 5.92 -19.11 24.99
N ALA B 465 5.14 -18.64 24.01
CA ALA B 465 4.85 -19.32 22.74
C ALA B 465 4.16 -20.68 22.93
N PHE B 466 3.54 -20.93 24.08
CA PHE B 466 2.53 -21.97 24.20
C PHE B 466 1.28 -21.44 24.86
N PHE B 467 1.42 -20.52 25.81
CA PHE B 467 0.24 -20.00 26.49
C PHE B 467 -0.36 -18.80 25.79
N ASN B 468 0.42 -18.01 25.08
CA ASN B 468 -0.16 -16.87 24.39
C ASN B 468 -0.54 -17.24 22.95
N THR B 469 -1.25 -16.34 22.30
CA THR B 469 -1.76 -16.55 20.96
C THR B 469 -0.62 -16.58 19.95
N PRO B 470 -0.83 -17.21 18.78
CA PRO B 470 0.22 -17.18 17.75
C PRO B 470 0.49 -15.80 17.18
N GLU B 471 -0.52 -14.93 17.08
CA GLU B 471 -0.29 -13.60 16.50
C GLU B 471 0.61 -12.76 17.38
N LYS B 472 0.46 -12.86 18.70
CA LYS B 472 1.29 -12.08 19.59
C LYS B 472 2.72 -12.61 19.59
N SER B 473 2.90 -13.91 19.42
CA SER B 473 4.24 -14.46 19.34
C SER B 473 4.92 -14.07 18.03
N VAL B 474 4.15 -13.99 16.93
CA VAL B 474 4.75 -13.59 15.66
C VAL B 474 5.14 -12.11 15.68
N VAL B 475 4.33 -11.25 16.31
CA VAL B 475 4.69 -9.85 16.44
C VAL B 475 5.91 -9.68 17.35
N SER B 476 5.98 -10.46 18.43
CA SER B 476 7.14 -10.42 19.31
C SER B 476 8.41 -10.90 18.61
N LEU B 477 8.30 -11.89 17.73
CA LEU B 477 9.47 -12.28 16.95
C LEU B 477 9.87 -11.25 15.91
N PHE B 478 8.94 -10.42 15.44
CA PHE B 478 9.41 -9.37 14.55
C PHE B 478 10.09 -8.23 15.29
N HIS B 479 9.63 -7.87 16.50
CA HIS B 479 10.03 -6.59 17.07
C HIS B 479 10.86 -6.66 18.35
N ASP B 480 11.34 -7.82 18.76
CA ASP B 480 12.12 -7.81 19.99
C ASP B 480 13.56 -7.34 19.73
N PRO B 481 14.16 -6.64 20.70
CA PRO B 481 15.56 -6.23 20.56
C PRO B 481 16.48 -7.42 20.65
N PRO B 482 17.71 -7.32 20.13
CA PRO B 482 18.58 -8.50 20.04
C PRO B 482 19.03 -9.01 21.39
N GLY B 483 19.44 -10.28 21.39
CA GLY B 483 19.82 -10.93 22.62
C GLY B 483 18.67 -11.23 23.54
N SER B 484 17.48 -11.48 22.98
CA SER B 484 16.30 -11.72 23.80
C SER B 484 15.83 -13.17 23.78
N TYR B 485 16.27 -13.98 22.84
CA TYR B 485 15.89 -15.38 22.77
C TYR B 485 17.11 -16.27 22.92
N ASN B 486 16.99 -17.30 23.73
CA ASN B 486 18.02 -18.32 23.83
C ASN B 486 17.93 -19.22 22.61
N PRO B 487 18.99 -19.37 21.81
CA PRO B 487 18.88 -20.13 20.56
C PRO B 487 18.74 -21.64 20.69
N LEU B 488 18.62 -22.17 21.91
CA LEU B 488 18.24 -23.56 22.08
C LEU B 488 16.73 -23.70 22.25
N THR B 489 16.07 -22.66 22.75
CA THR B 489 14.63 -22.65 22.88
C THR B 489 13.94 -22.68 21.52
N LEU B 490 14.40 -21.83 20.59
CA LEU B 490 13.76 -21.75 19.28
C LEU B 490 13.96 -23.02 18.47
N GLY B 491 15.08 -23.73 18.67
CA GLY B 491 15.28 -24.97 17.95
C GLY B 491 14.30 -26.05 18.34
N LEU B 492 14.18 -26.31 19.65
CA LEU B 492 13.23 -27.31 20.12
C LEU B 492 11.79 -26.84 19.98
N PHE B 493 11.56 -25.55 19.81
CA PHE B 493 10.20 -25.12 19.55
C PHE B 493 9.82 -25.31 18.09
N THR B 494 10.71 -24.93 17.16
CA THR B 494 10.40 -25.07 15.74
C THR B 494 10.34 -26.51 15.31
N LEU B 495 11.26 -27.35 15.80
CA LEU B 495 11.30 -28.75 15.39
C LEU B 495 10.12 -29.54 15.92
N VAL B 496 9.39 -29.03 16.91
CA VAL B 496 8.15 -29.66 17.34
C VAL B 496 6.95 -29.06 16.62
N TYR B 497 6.93 -27.74 16.49
CA TYR B 497 5.76 -27.06 15.96
C TYR B 497 5.60 -27.30 14.47
N PHE B 498 6.70 -27.57 13.76
CA PHE B 498 6.63 -27.93 12.34
C PHE B 498 5.88 -29.24 12.15
N PHE B 499 6.26 -30.28 12.89
CA PHE B 499 5.60 -31.57 12.73
C PHE B 499 4.18 -31.55 13.28
N LEU B 500 3.90 -30.76 14.32
CA LEU B 500 2.53 -30.67 14.79
C LEU B 500 1.64 -29.94 13.79
N ALA B 501 2.13 -28.86 13.17
CA ALA B 501 1.32 -28.18 12.18
C ALA B 501 1.20 -28.98 10.89
N CYS B 502 2.11 -29.92 10.64
CA CYS B 502 1.94 -30.80 9.49
C CYS B 502 0.94 -31.91 9.78
N TRP B 503 0.98 -32.47 10.97
CA TRP B 503 0.09 -33.56 11.31
C TRP B 503 -1.32 -33.10 11.64
N THR B 504 -1.50 -31.82 11.96
CA THR B 504 -2.82 -31.32 12.31
C THR B 504 -3.61 -30.94 11.06
N TYR B 505 -2.95 -30.41 10.03
CA TYR B 505 -3.66 -29.97 8.84
C TYR B 505 -4.21 -31.17 8.07
N GLY B 506 -5.41 -31.01 7.55
CA GLY B 506 -6.11 -32.12 6.92
C GLY B 506 -7.05 -32.85 7.84
N LEU B 507 -7.11 -32.46 9.11
CA LEU B 507 -8.08 -33.00 10.04
C LEU B 507 -9.49 -32.60 9.64
N THR B 508 -10.46 -33.21 10.32
CA THR B 508 -11.87 -32.94 10.08
C THR B 508 -12.40 -31.79 10.92
N VAL B 509 -11.54 -30.87 11.34
CA VAL B 509 -11.97 -29.64 12.00
C VAL B 509 -11.79 -28.48 11.02
N SER B 510 -12.29 -27.32 11.41
CA SER B 510 -12.42 -26.19 10.50
C SER B 510 -11.51 -25.04 10.93
N ALA B 511 -10.31 -24.99 10.35
CA ALA B 511 -9.36 -23.92 10.64
C ALA B 511 -8.31 -23.84 9.54
N GLY B 512 -7.60 -22.71 9.51
CA GLY B 512 -6.72 -22.37 8.42
C GLY B 512 -5.26 -22.72 8.65
N VAL B 513 -4.41 -22.33 7.69
CA VAL B 513 -3.02 -22.75 7.71
C VAL B 513 -2.11 -21.55 7.39
N PHE B 514 -2.64 -20.33 7.49
CA PHE B 514 -1.80 -19.17 7.27
C PHE B 514 -0.85 -18.92 8.43
N ILE B 515 -1.37 -18.68 9.62
CA ILE B 515 -0.57 -18.33 10.79
C ILE B 515 0.37 -19.44 11.24
N PRO B 516 0.03 -20.76 11.16
CA PRO B 516 1.08 -21.75 11.35
C PRO B 516 2.06 -21.91 10.19
N SER B 517 2.08 -20.99 9.24
CA SER B 517 3.21 -20.87 8.33
C SER B 517 4.05 -19.65 8.61
N LEU B 518 3.42 -18.53 8.94
CA LEU B 518 4.17 -17.34 9.32
C LEU B 518 4.94 -17.56 10.61
N LEU B 519 4.41 -18.37 11.52
CA LEU B 519 5.12 -18.54 12.79
C LEU B 519 6.37 -19.41 12.59
N ILE B 520 6.28 -20.46 11.77
CA ILE B 520 7.44 -21.29 11.46
C ILE B 520 8.48 -20.48 10.70
N GLY B 521 8.02 -19.66 9.74
CA GLY B 521 8.94 -18.86 8.96
C GLY B 521 9.65 -17.81 9.77
N ALA B 522 8.94 -17.12 10.67
CA ALA B 522 9.59 -16.16 11.53
C ALA B 522 10.51 -16.83 12.54
N ALA B 523 10.16 -18.05 12.97
CA ALA B 523 11.00 -18.78 13.92
C ALA B 523 12.36 -19.11 13.32
N TRP B 524 12.40 -19.81 12.19
CA TRP B 524 13.73 -20.09 11.67
C TRP B 524 14.36 -18.88 10.99
N GLY B 525 13.59 -17.85 10.66
CA GLY B 525 14.21 -16.63 10.18
C GLY B 525 14.99 -15.91 11.25
N ARG B 526 14.43 -15.79 12.45
CA ARG B 526 15.19 -15.17 13.53
C ARG B 526 16.33 -16.08 13.99
N LEU B 527 16.13 -17.39 13.91
CA LEU B 527 17.21 -18.31 14.27
C LEU B 527 18.36 -18.25 13.28
N PHE B 528 18.07 -17.95 12.01
CA PHE B 528 19.10 -17.69 11.02
C PHE B 528 19.71 -16.32 11.18
N GLY B 529 18.94 -15.35 11.68
CA GLY B 529 19.47 -14.02 11.88
C GLY B 529 20.39 -13.89 13.07
N ILE B 530 20.23 -14.77 14.07
CA ILE B 530 21.16 -14.78 15.19
C ILE B 530 22.54 -15.27 14.73
N SER B 531 22.58 -16.25 13.83
CA SER B 531 23.85 -16.83 13.39
C SER B 531 24.69 -15.87 12.57
N LEU B 532 24.11 -14.84 11.97
CA LEU B 532 24.89 -13.79 11.33
C LEU B 532 25.42 -12.77 12.33
N SER B 533 25.13 -12.94 13.62
CA SER B 533 25.65 -12.07 14.65
C SER B 533 26.72 -12.74 15.51
N TYR B 534 26.72 -14.07 15.59
CA TYR B 534 27.73 -14.79 16.34
C TYR B 534 28.91 -15.21 15.49
N LEU B 535 29.02 -14.68 14.27
CA LEU B 535 30.24 -14.84 13.49
C LEU B 535 30.78 -13.53 12.95
N THR B 536 30.04 -12.44 13.02
CA THR B 536 30.57 -11.11 12.76
C THR B 536 30.42 -10.26 14.02
N GLY B 537 30.79 -8.98 13.90
CA GLY B 537 30.54 -8.07 15.00
C GLY B 537 29.09 -7.64 15.10
N ALA B 538 28.36 -7.70 13.99
CA ALA B 538 26.93 -7.35 13.87
C ALA B 538 26.69 -5.91 14.34
N ALA B 539 27.25 -4.99 13.55
CA ALA B 539 27.19 -3.58 13.94
C ALA B 539 25.78 -3.02 13.75
N ILE B 540 25.33 -2.93 12.51
CA ILE B 540 24.02 -2.38 12.23
C ILE B 540 23.19 -3.32 11.37
N TRP B 541 23.81 -3.93 10.36
CA TRP B 541 23.07 -4.61 9.31
C TRP B 541 22.67 -6.03 9.64
N ALA B 542 22.92 -6.52 10.85
CA ALA B 542 22.55 -7.88 11.23
C ALA B 542 21.49 -7.88 12.32
N ASP B 543 20.53 -6.99 12.22
CA ASP B 543 19.41 -6.97 13.15
C ASP B 543 18.48 -8.12 12.81
N PRO B 544 18.11 -8.98 13.77
CA PRO B 544 17.23 -10.12 13.46
C PRO B 544 15.80 -9.75 13.09
N GLY B 545 15.38 -8.51 13.26
CA GLY B 545 14.05 -8.09 12.87
C GLY B 545 13.81 -8.12 11.37
N LYS B 546 14.87 -8.04 10.56
CA LYS B 546 14.68 -8.18 9.13
C LYS B 546 14.53 -9.64 8.74
N TYR B 547 15.39 -10.50 9.30
CA TYR B 547 15.41 -11.88 8.87
C TYR B 547 14.23 -12.66 9.42
N ALA B 548 13.69 -12.25 10.57
CA ALA B 548 12.44 -12.81 11.05
C ALA B 548 11.27 -12.42 10.18
N LEU B 549 11.37 -11.31 9.44
CA LEU B 549 10.34 -10.97 8.46
C LEU B 549 10.48 -11.77 7.20
N MET B 550 11.70 -11.85 6.68
CA MET B 550 11.89 -12.47 5.39
C MET B 550 12.16 -13.96 5.48
N GLY B 551 11.98 -14.56 6.64
CA GLY B 551 11.77 -15.99 6.69
C GLY B 551 10.29 -16.30 6.65
N ALA B 552 9.51 -15.45 7.30
CA ALA B 552 8.07 -15.62 7.30
C ALA B 552 7.46 -15.34 5.93
N ALA B 553 8.07 -14.44 5.16
CA ALA B 553 7.60 -14.26 3.79
C ALA B 553 8.02 -15.42 2.91
N ALA B 554 9.14 -16.08 3.21
CA ALA B 554 9.59 -17.18 2.39
C ALA B 554 8.77 -18.44 2.63
N GLN B 555 8.36 -18.67 3.88
CA GLN B 555 7.70 -19.92 4.21
C GLN B 555 6.29 -20.00 3.61
N LEU B 556 5.60 -18.86 3.49
CA LEU B 556 4.31 -18.84 2.81
C LEU B 556 4.44 -19.18 1.34
N GLY B 557 5.43 -18.60 0.66
CA GLY B 557 5.66 -18.94 -0.72
C GLY B 557 6.12 -20.37 -0.90
N GLY B 558 6.74 -20.94 0.12
CA GLY B 558 7.09 -22.35 0.06
C GLY B 558 5.93 -23.28 0.24
N ILE B 559 4.96 -22.91 1.08
CA ILE B 559 3.84 -23.81 1.35
C ILE B 559 2.67 -23.54 0.44
N VAL B 560 2.30 -22.28 0.27
CA VAL B 560 1.14 -21.89 -0.53
C VAL B 560 1.68 -21.05 -1.68
N ARG B 561 1.78 -21.63 -2.87
CA ARG B 561 2.34 -20.93 -4.02
C ARG B 561 1.38 -19.83 -4.43
N MET B 562 1.74 -18.61 -4.07
CA MET B 562 0.85 -17.46 -4.29
C MET B 562 1.74 -16.24 -4.36
N THR B 563 1.81 -15.60 -5.53
CA THR B 563 2.86 -14.64 -5.80
C THR B 563 2.37 -13.20 -5.86
N LEU B 564 1.38 -12.91 -6.71
CA LEU B 564 1.03 -11.51 -6.91
C LEU B 564 0.13 -10.99 -5.80
N SER B 565 -0.83 -11.78 -5.36
CA SER B 565 -1.74 -11.32 -4.32
C SER B 565 -1.15 -11.44 -2.92
N LEU B 566 0.05 -11.98 -2.78
CA LEU B 566 0.70 -12.10 -1.48
C LEU B 566 1.81 -11.09 -1.25
N THR B 567 2.50 -10.68 -2.32
CA THR B 567 3.46 -9.60 -2.23
C THR B 567 2.80 -8.31 -1.77
N VAL B 568 1.59 -8.05 -2.26
CA VAL B 568 0.90 -6.81 -1.92
C VAL B 568 0.43 -6.85 -0.47
N ILE B 569 -0.12 -7.98 -0.01
CA ILE B 569 -0.57 -8.02 1.38
C ILE B 569 0.56 -8.18 2.38
N MET B 570 1.76 -8.53 1.92
CA MET B 570 2.93 -8.35 2.78
C MET B 570 3.50 -6.95 2.71
N MET B 571 3.20 -6.18 1.65
CA MET B 571 3.62 -4.79 1.62
C MET B 571 2.69 -3.87 2.38
N GLU B 572 1.40 -4.17 2.45
CA GLU B 572 0.46 -3.25 3.08
C GLU B 572 0.40 -3.44 4.58
N ALA B 573 0.56 -4.68 5.05
CA ALA B 573 0.53 -4.91 6.49
C ALA B 573 1.82 -4.49 7.17
N THR B 574 2.91 -4.37 6.42
CA THR B 574 4.16 -3.90 7.01
C THR B 574 4.27 -2.38 6.98
N SER B 575 3.39 -1.70 6.25
CA SER B 575 3.29 -0.24 6.19
C SER B 575 4.58 0.43 5.72
N ASN B 576 5.34 -0.27 4.88
CA ASN B 576 6.62 0.23 4.41
C ASN B 576 6.79 -0.20 2.96
N VAL B 577 7.05 0.75 2.07
CA VAL B 577 7.17 0.44 0.65
C VAL B 577 8.63 0.27 0.25
N THR B 578 9.57 0.59 1.14
CA THR B 578 10.97 0.28 0.86
C THR B 578 11.21 -1.22 0.92
N TYR B 579 10.57 -1.91 1.87
CA TYR B 579 10.65 -3.36 1.97
C TYR B 579 9.88 -4.07 0.92
N GLY B 580 9.27 -3.45 -0.09
CA GLY B 580 8.57 -4.22 -1.09
C GLY B 580 9.48 -4.92 -2.06
N PHE B 581 10.70 -4.45 -2.23
CA PHE B 581 11.60 -5.05 -3.21
C PHE B 581 12.28 -6.34 -2.77
N PRO B 582 12.78 -6.52 -1.53
CA PRO B 582 13.33 -7.85 -1.20
C PRO B 582 12.27 -8.93 -1.07
N ILE B 583 11.07 -8.59 -0.56
CA ILE B 583 10.02 -9.59 -0.37
C ILE B 583 9.59 -10.19 -1.70
N MET B 584 9.40 -9.34 -2.71
CA MET B 584 9.15 -9.81 -4.07
C MET B 584 10.30 -10.66 -4.58
N LEU B 585 11.52 -10.34 -4.18
CA LEU B 585 12.66 -11.12 -4.63
C LEU B 585 12.76 -12.44 -3.89
N VAL B 586 12.11 -12.57 -2.74
CA VAL B 586 12.12 -13.85 -2.01
C VAL B 586 11.05 -14.78 -2.53
N LEU B 587 9.81 -14.31 -2.60
CA LEU B 587 8.68 -15.13 -3.05
C LEU B 587 8.80 -15.56 -4.50
N MET B 588 9.53 -14.80 -5.31
CA MET B 588 9.80 -15.23 -6.68
C MET B 588 10.73 -16.43 -6.70
N THR B 589 11.67 -16.50 -5.76
CA THR B 589 12.60 -17.62 -5.72
C THR B 589 11.92 -18.88 -5.22
N ALA B 590 11.23 -18.77 -4.07
CA ALA B 590 10.66 -19.90 -3.37
C ALA B 590 9.52 -20.58 -4.14
N LYS B 591 9.03 -19.97 -5.21
CA LYS B 591 8.14 -20.70 -6.10
C LYS B 591 8.92 -21.53 -7.10
N ILE B 592 9.92 -20.92 -7.78
CA ILE B 592 10.57 -21.63 -8.87
C ILE B 592 11.62 -22.61 -8.38
N VAL B 593 11.88 -22.66 -7.08
CA VAL B 593 12.62 -23.77 -6.48
C VAL B 593 11.68 -24.86 -6.04
N GLY B 594 10.53 -24.49 -5.48
CA GLY B 594 9.59 -25.47 -4.99
C GLY B 594 8.77 -26.16 -6.06
N ASP B 595 8.63 -25.55 -7.23
CA ASP B 595 7.87 -26.19 -8.30
C ASP B 595 8.60 -27.36 -8.94
N VAL B 596 9.89 -27.53 -8.65
CA VAL B 596 10.62 -28.66 -9.18
C VAL B 596 10.15 -29.95 -8.53
N PHE B 597 9.84 -29.89 -7.23
CA PHE B 597 9.59 -31.11 -6.47
C PHE B 597 8.12 -31.49 -6.45
N ILE B 598 7.27 -30.64 -5.86
CA ILE B 598 5.89 -31.00 -5.57
C ILE B 598 5.03 -29.78 -5.83
N GLU B 599 3.72 -30.01 -5.89
CA GLU B 599 2.76 -29.01 -6.35
C GLU B 599 2.40 -28.11 -5.17
N GLY B 600 1.35 -27.30 -5.29
CA GLY B 600 0.94 -26.45 -4.20
C GLY B 600 0.23 -27.20 -3.10
N LEU B 601 -0.01 -26.51 -1.99
CA LEU B 601 -0.82 -27.12 -0.95
C LEU B 601 -2.31 -26.97 -1.25
N TYR B 602 -2.71 -25.84 -1.84
CA TYR B 602 -4.10 -25.67 -2.22
C TYR B 602 -4.44 -26.40 -3.51
N ASP B 603 -3.46 -26.95 -4.22
CA ASP B 603 -3.73 -27.70 -5.44
C ASP B 603 -3.85 -29.19 -5.23
N MET B 604 -3.21 -29.74 -4.19
CA MET B 604 -3.40 -31.16 -3.91
C MET B 604 -4.81 -31.42 -3.42
N HIS B 605 -5.37 -30.52 -2.63
CA HIS B 605 -6.72 -30.72 -2.14
C HIS B 605 -7.77 -30.36 -3.17
N ILE B 606 -7.38 -29.95 -4.37
CA ILE B 606 -8.27 -29.88 -5.52
C ILE B 606 -8.12 -31.09 -6.42
N GLN B 607 -6.88 -31.53 -6.67
CA GLN B 607 -6.67 -32.70 -7.51
C GLN B 607 -7.09 -34.00 -6.83
N LEU B 608 -7.04 -34.06 -5.51
CA LEU B 608 -7.46 -35.26 -4.80
C LEU B 608 -8.97 -35.35 -4.60
N GLN B 609 -9.74 -34.47 -5.21
CA GLN B 609 -11.19 -34.60 -5.23
C GLN B 609 -11.73 -34.62 -6.65
N SER B 610 -10.84 -34.67 -7.65
CA SER B 610 -11.16 -34.85 -9.06
C SER B 610 -12.02 -33.73 -9.63
N VAL B 611 -11.89 -32.53 -9.07
CA VAL B 611 -12.52 -31.34 -9.66
C VAL B 611 -11.80 -31.00 -10.95
N PRO B 612 -12.52 -30.61 -12.04
CA PRO B 612 -11.83 -30.25 -13.30
C PRO B 612 -10.83 -29.12 -13.19
N PHE B 613 -11.28 -27.91 -12.83
CA PHE B 613 -10.43 -26.78 -12.45
C PHE B 613 -9.40 -26.43 -13.54
N LEU B 614 -9.91 -25.89 -14.63
CA LEU B 614 -9.00 -25.39 -15.66
C LEU B 614 -8.36 -24.10 -15.16
N HIS B 615 -7.04 -23.98 -15.29
CA HIS B 615 -6.33 -22.80 -14.81
C HIS B 615 -5.86 -21.88 -15.93
N TRP B 616 -5.54 -20.63 -15.61
CA TRP B 616 -5.14 -19.67 -16.64
C TRP B 616 -3.93 -20.13 -17.43
N GLU B 617 -4.03 -19.87 -18.74
CA GLU B 617 -3.07 -20.17 -19.82
C GLU B 617 -3.13 -21.63 -20.24
N ALA B 618 -2.31 -22.02 -21.21
CA ALA B 618 -2.30 -23.39 -21.69
C ALA B 618 -0.86 -23.85 -21.85
N PRO B 619 -0.64 -25.17 -21.77
CA PRO B 619 0.72 -25.70 -21.89
C PRO B 619 1.33 -25.38 -23.26
N VAL B 620 2.59 -25.00 -23.26
CA VAL B 620 3.30 -24.69 -24.50
C VAL B 620 3.79 -25.95 -25.21
N THR B 621 3.84 -27.09 -24.53
CA THR B 621 4.22 -28.33 -25.21
C THR B 621 3.10 -28.85 -26.09
N SER B 622 1.86 -28.51 -25.75
CA SER B 622 0.66 -28.92 -26.49
C SER B 622 0.10 -27.78 -27.33
N HIS B 623 0.98 -27.01 -27.97
CA HIS B 623 0.58 -25.78 -28.63
C HIS B 623 -0.10 -26.02 -29.98
N SER B 624 0.08 -27.17 -30.60
CA SER B 624 -0.37 -27.40 -31.97
C SER B 624 -1.49 -28.44 -32.07
N LEU B 625 -2.35 -28.54 -31.05
CA LEU B 625 -3.37 -29.58 -31.05
C LEU B 625 -4.50 -29.30 -32.04
N THR B 626 -4.64 -28.04 -32.47
CA THR B 626 -5.41 -27.59 -33.66
C THR B 626 -6.91 -27.66 -33.39
N ALA B 627 -7.30 -27.89 -32.13
CA ALA B 627 -8.65 -27.67 -31.60
C ALA B 627 -9.74 -28.47 -32.30
N ARG B 628 -9.40 -29.52 -33.01
CA ARG B 628 -10.36 -30.49 -33.50
C ARG B 628 -10.26 -31.81 -32.76
N GLU B 629 -9.06 -32.14 -32.26
CA GLU B 629 -8.91 -33.27 -31.36
C GLU B 629 -9.63 -33.04 -30.03
N VAL B 630 -9.64 -31.81 -29.54
CA VAL B 630 -10.23 -31.53 -28.22
C VAL B 630 -11.69 -31.14 -28.45
N MET B 631 -12.52 -32.14 -28.68
CA MET B 631 -13.98 -31.98 -28.71
C MET B 631 -14.61 -33.36 -28.61
N SER B 632 -15.92 -33.36 -28.42
CA SER B 632 -16.72 -34.57 -28.50
C SER B 632 -17.31 -34.62 -29.90
N THR B 633 -17.04 -35.69 -30.64
CA THR B 633 -17.31 -35.69 -32.07
C THR B 633 -18.79 -35.85 -32.42
N PRO B 634 -19.57 -36.79 -31.87
CA PRO B 634 -21.01 -36.75 -32.16
C PRO B 634 -21.71 -35.73 -31.28
N VAL B 635 -22.70 -35.07 -31.85
CA VAL B 635 -23.46 -34.03 -31.16
C VAL B 635 -24.93 -34.42 -31.18
N THR B 636 -25.52 -34.54 -30.00
CA THR B 636 -26.96 -34.82 -29.89
C THR B 636 -27.75 -33.52 -29.86
N CYS B 637 -27.66 -32.78 -30.95
CA CYS B 637 -28.38 -31.53 -31.09
C CYS B 637 -29.83 -31.81 -31.43
N LEU B 638 -30.67 -30.79 -31.30
CA LEU B 638 -32.08 -30.93 -31.59
C LEU B 638 -32.55 -29.77 -32.45
N ARG B 639 -33.28 -30.09 -33.51
CA ARG B 639 -33.86 -29.12 -34.42
C ARG B 639 -34.92 -28.30 -33.69
N ARG B 640 -35.23 -27.11 -34.20
CA ARG B 640 -36.32 -26.37 -33.61
C ARG B 640 -37.65 -26.93 -34.13
N ARG B 641 -38.65 -26.91 -33.25
CA ARG B 641 -40.07 -27.25 -33.49
C ARG B 641 -40.27 -28.60 -34.20
N GLU B 642 -39.69 -29.68 -33.64
CA GLU B 642 -40.11 -30.99 -34.14
C GLU B 642 -41.42 -31.42 -33.50
N LYS B 643 -41.35 -31.76 -32.22
CA LYS B 643 -42.36 -32.52 -31.48
C LYS B 643 -42.09 -32.32 -29.99
N VAL B 644 -42.70 -33.16 -29.17
CA VAL B 644 -42.43 -33.19 -27.73
C VAL B 644 -41.70 -34.47 -27.34
N GLY B 645 -42.04 -35.60 -27.96
CA GLY B 645 -41.43 -36.87 -27.60
C GLY B 645 -39.94 -36.94 -27.90
N VAL B 646 -39.48 -36.16 -28.87
CA VAL B 646 -38.05 -36.09 -29.16
C VAL B 646 -37.29 -35.45 -28.01
N ILE B 647 -37.77 -34.31 -27.52
CA ILE B 647 -37.01 -33.63 -26.48
C ILE B 647 -37.19 -34.34 -25.13
N VAL B 648 -38.29 -35.05 -24.93
CA VAL B 648 -38.46 -35.85 -23.72
C VAL B 648 -37.51 -37.05 -23.74
N ASP B 649 -37.39 -37.72 -24.88
CA ASP B 649 -36.45 -38.83 -24.95
C ASP B 649 -34.99 -38.39 -25.05
N VAL B 650 -34.71 -37.13 -25.37
CA VAL B 650 -33.32 -36.69 -25.34
C VAL B 650 -32.95 -36.12 -23.97
N LEU B 651 -33.94 -35.72 -23.16
CA LEU B 651 -33.59 -35.36 -21.78
C LEU B 651 -33.56 -36.59 -20.89
N SER B 652 -34.61 -37.40 -20.92
CA SER B 652 -34.71 -38.59 -20.06
C SER B 652 -33.86 -39.71 -20.65
N ASP B 653 -32.61 -39.78 -20.22
CA ASP B 653 -31.71 -40.82 -20.68
C ASP B 653 -30.65 -41.04 -19.61
N THR B 654 -30.51 -42.28 -19.15
CA THR B 654 -29.60 -42.58 -18.07
C THR B 654 -28.14 -42.58 -18.54
N ALA B 655 -27.91 -43.03 -19.77
CA ALA B 655 -26.55 -43.29 -20.23
C ALA B 655 -25.72 -42.02 -20.46
N SER B 656 -26.37 -40.86 -20.57
CA SER B 656 -25.64 -39.63 -20.85
C SER B 656 -26.32 -38.47 -20.14
N ASN B 657 -25.52 -37.56 -19.60
CA ASN B 657 -26.02 -36.33 -19.01
C ASN B 657 -25.40 -35.16 -19.78
N HIS B 658 -26.22 -34.47 -20.57
CA HIS B 658 -25.81 -33.29 -21.32
C HIS B 658 -26.69 -32.15 -20.87
N ASN B 659 -26.10 -30.97 -20.70
CA ASN B 659 -26.82 -29.81 -20.19
C ASN B 659 -27.12 -28.74 -21.25
N GLY B 660 -26.48 -28.81 -22.41
CA GLY B 660 -26.72 -27.81 -23.44
C GLY B 660 -26.94 -28.40 -24.81
N PHE B 661 -27.90 -27.90 -25.57
CA PHE B 661 -28.25 -28.46 -26.86
C PHE B 661 -28.34 -27.35 -27.89
N PRO B 662 -27.58 -27.40 -28.97
CA PRO B 662 -27.71 -26.40 -30.03
C PRO B 662 -28.85 -26.71 -30.98
N VAL B 663 -29.45 -25.66 -31.50
CA VAL B 663 -30.54 -25.84 -32.44
C VAL B 663 -30.00 -25.79 -33.86
N VAL B 664 -30.62 -26.54 -34.76
CA VAL B 664 -30.19 -26.63 -36.14
C VAL B 664 -31.39 -26.32 -37.04
N GLU B 665 -31.16 -26.37 -38.35
CA GLU B 665 -32.16 -25.99 -39.32
C GLU B 665 -31.82 -26.65 -40.64
N HIS B 666 -32.86 -26.97 -41.42
CA HIS B 666 -32.78 -27.62 -42.74
C HIS B 666 -32.03 -28.95 -42.71
N PRO B 672 -27.44 -28.98 -44.12
CA PRO B 672 -28.13 -29.93 -43.25
C PRO B 672 -28.32 -29.37 -41.85
N ALA B 673 -27.44 -28.47 -41.44
CA ALA B 673 -27.52 -27.84 -40.12
C ALA B 673 -27.02 -26.41 -40.23
N ARG B 674 -27.45 -25.57 -39.30
CA ARG B 674 -27.14 -24.14 -39.39
C ARG B 674 -26.55 -23.52 -38.13
N LEU B 675 -26.74 -24.11 -36.94
CA LEU B 675 -26.28 -23.56 -35.66
C LEU B 675 -26.89 -22.17 -35.43
N GLN B 676 -28.19 -22.18 -35.16
CA GLN B 676 -28.95 -20.96 -34.98
C GLN B 676 -29.16 -20.60 -33.51
N GLY B 677 -28.26 -21.03 -32.65
CA GLY B 677 -28.37 -20.76 -31.22
C GLY B 677 -28.54 -22.04 -30.42
N LEU B 678 -28.48 -21.93 -29.09
CA LEU B 678 -28.63 -23.12 -28.27
C LEU B 678 -29.60 -22.97 -27.08
N ILE B 679 -30.24 -24.09 -26.74
CA ILE B 679 -31.20 -24.15 -25.64
C ILE B 679 -30.63 -25.10 -24.60
N LEU B 680 -30.84 -24.79 -23.32
CA LEU B 680 -30.27 -25.60 -22.25
C LEU B 680 -31.39 -26.14 -21.36
N ARG B 681 -31.03 -27.06 -20.46
CA ARG B 681 -32.03 -27.91 -19.79
C ARG B 681 -32.95 -27.12 -18.88
N SER B 682 -32.42 -26.08 -18.23
CA SER B 682 -33.21 -25.33 -17.25
C SER B 682 -34.39 -24.66 -17.89
N GLN B 683 -34.13 -23.94 -18.98
CA GLN B 683 -35.19 -23.30 -19.73
C GLN B 683 -36.13 -24.34 -20.33
N LEU B 684 -35.58 -25.46 -20.77
CA LEU B 684 -36.39 -26.45 -21.47
C LEU B 684 -37.40 -27.10 -20.52
N ILE B 685 -36.98 -27.46 -19.31
CA ILE B 685 -37.94 -28.04 -18.39
C ILE B 685 -38.82 -26.97 -17.74
N VAL B 686 -38.42 -25.70 -17.76
CA VAL B 686 -39.36 -24.65 -17.41
C VAL B 686 -40.48 -24.57 -18.44
N LEU B 687 -40.13 -24.64 -19.72
CA LEU B 687 -41.15 -24.66 -20.77
C LEU B 687 -42.02 -25.90 -20.72
N LEU B 688 -41.47 -27.04 -20.29
CA LEU B 688 -42.31 -28.22 -20.14
C LEU B 688 -43.10 -28.24 -18.84
N LYS B 689 -42.69 -27.45 -17.83
CA LYS B 689 -43.49 -27.37 -16.62
C LYS B 689 -44.77 -26.59 -16.85
N HIS B 690 -44.71 -25.59 -17.71
CA HIS B 690 -45.91 -24.97 -18.24
C HIS B 690 -46.29 -25.72 -19.51
N LYS B 691 -47.30 -25.25 -20.23
CA LYS B 691 -47.73 -25.86 -21.47
C LYS B 691 -47.63 -24.82 -22.56
N VAL B 692 -46.46 -24.72 -23.18
CA VAL B 692 -46.23 -23.76 -24.24
C VAL B 692 -46.23 -24.45 -25.61
N PHE B 693 -46.87 -25.61 -25.73
CA PHE B 693 -46.98 -26.28 -27.00
C PHE B 693 -47.90 -25.51 -27.93
N VAL B 694 -47.46 -25.37 -29.19
CA VAL B 694 -48.22 -24.60 -30.19
C VAL B 694 -49.41 -25.44 -30.65
N GLU B 695 -50.49 -25.37 -29.87
CA GLU B 695 -51.70 -26.10 -30.17
C GLU B 695 -52.93 -25.37 -29.63
N ARG B 705 -47.00 -14.45 -23.69
CA ARG B 705 -47.85 -14.95 -22.62
C ARG B 705 -47.17 -14.75 -21.28
N LEU B 706 -45.88 -15.03 -21.21
CA LEU B 706 -45.12 -14.98 -19.98
C LEU B 706 -43.94 -14.01 -20.12
N ARG B 707 -43.59 -13.42 -18.99
CA ARG B 707 -42.49 -12.45 -18.92
C ARG B 707 -41.19 -13.19 -18.59
N LEU B 708 -40.15 -12.41 -18.34
CA LEU B 708 -38.82 -12.92 -17.96
C LEU B 708 -38.79 -13.60 -16.60
N LYS B 709 -39.58 -13.08 -15.67
CA LYS B 709 -39.62 -13.54 -14.29
C LYS B 709 -39.98 -15.02 -14.10
N ASP B 710 -40.78 -15.59 -14.98
CA ASP B 710 -41.19 -16.98 -14.85
C ASP B 710 -39.99 -17.94 -14.84
N PHE B 711 -38.99 -17.67 -15.67
CA PHE B 711 -37.78 -18.50 -15.72
C PHE B 711 -37.02 -18.47 -14.39
N ARG B 712 -37.00 -17.31 -13.75
CA ARG B 712 -36.33 -17.12 -12.46
C ARG B 712 -36.92 -17.96 -11.32
N ASP B 713 -38.21 -18.28 -11.38
CA ASP B 713 -38.86 -19.05 -10.32
C ASP B 713 -38.16 -20.39 -10.14
N ALA B 714 -37.99 -20.77 -8.89
CA ALA B 714 -37.26 -21.97 -8.49
C ALA B 714 -35.91 -22.01 -9.20
N TYR B 715 -35.24 -20.87 -9.22
CA TYR B 715 -33.94 -20.73 -9.90
C TYR B 715 -32.80 -21.54 -9.32
N PRO B 716 -32.67 -21.58 -8.00
CA PRO B 716 -31.56 -22.31 -7.41
C PRO B 716 -31.64 -23.79 -7.74
N ARG B 717 -32.83 -24.36 -7.67
CA ARG B 717 -33.02 -25.76 -7.95
C ARG B 717 -34.10 -25.99 -9.01
N PHE B 718 -33.79 -26.82 -10.00
CA PHE B 718 -34.74 -27.12 -11.07
C PHE B 718 -35.19 -28.57 -10.92
N PRO B 719 -36.49 -28.79 -10.97
CA PRO B 719 -37.04 -30.13 -10.77
C PRO B 719 -36.61 -31.07 -11.89
N PRO B 720 -36.29 -32.32 -11.56
CA PRO B 720 -35.92 -33.28 -12.61
C PRO B 720 -37.14 -33.71 -13.41
N ILE B 721 -36.87 -34.24 -14.61
CA ILE B 721 -37.92 -34.56 -15.57
C ILE B 721 -38.81 -35.70 -15.11
N GLN B 722 -38.34 -36.54 -14.18
CA GLN B 722 -39.16 -37.67 -13.71
C GLN B 722 -40.37 -37.21 -12.91
N SER B 723 -40.34 -35.99 -12.38
CA SER B 723 -41.51 -35.42 -11.74
C SER B 723 -42.36 -34.58 -12.69
N ILE B 724 -41.95 -34.45 -13.95
CA ILE B 724 -42.71 -33.74 -14.97
C ILE B 724 -43.44 -34.77 -15.82
N HIS B 725 -44.57 -35.26 -15.30
CA HIS B 725 -45.35 -36.27 -16.00
C HIS B 725 -46.05 -35.68 -17.21
N VAL B 726 -46.03 -36.44 -18.31
CA VAL B 726 -46.61 -36.08 -19.62
C VAL B 726 -46.13 -34.73 -20.14
N GLU B 732 -46.37 -35.86 -29.66
CA GLU B 732 -47.52 -35.04 -29.33
C GLU B 732 -47.55 -33.80 -30.22
N CYS B 733 -47.73 -32.64 -29.60
CA CYS B 733 -47.76 -31.37 -30.31
C CYS B 733 -46.33 -30.87 -30.53
N THR B 734 -46.18 -29.61 -30.91
CA THR B 734 -44.87 -29.02 -31.15
C THR B 734 -44.78 -27.68 -30.43
N MET B 735 -43.55 -27.33 -30.06
CA MET B 735 -43.28 -26.05 -29.43
C MET B 735 -42.22 -25.30 -30.22
N ASP B 736 -42.34 -23.98 -30.25
CA ASP B 736 -41.48 -23.14 -31.07
C ASP B 736 -40.38 -22.58 -30.18
N LEU B 737 -39.15 -23.00 -30.43
CA LEU B 737 -38.02 -22.65 -29.58
C LEU B 737 -37.43 -21.28 -29.91
N SER B 738 -37.97 -20.56 -30.87
CA SER B 738 -37.57 -19.18 -31.05
C SER B 738 -38.11 -18.34 -29.89
N GLU B 739 -37.44 -17.22 -29.63
CA GLU B 739 -37.72 -16.31 -28.51
C GLU B 739 -37.58 -17.02 -27.16
N PHE B 740 -36.78 -18.07 -27.08
CA PHE B 740 -36.39 -18.65 -25.81
C PHE B 740 -34.92 -19.02 -25.80
N MET B 741 -34.21 -18.87 -26.91
CA MET B 741 -32.81 -19.25 -27.06
C MET B 741 -31.97 -18.00 -27.28
N ASN B 742 -30.65 -18.14 -27.07
CA ASN B 742 -29.85 -16.97 -27.44
C ASN B 742 -29.44 -17.06 -28.89
N PRO B 743 -29.70 -16.02 -29.69
CA PRO B 743 -29.47 -16.13 -31.14
C PRO B 743 -28.02 -16.01 -31.58
N SER B 744 -27.06 -15.96 -30.66
CA SER B 744 -25.66 -15.78 -31.03
C SER B 744 -24.77 -16.37 -29.96
N PRO B 745 -24.49 -17.66 -30.03
CA PRO B 745 -23.50 -18.24 -29.13
C PRO B 745 -22.09 -17.84 -29.55
N TYR B 746 -21.15 -17.92 -28.61
CA TYR B 746 -19.77 -17.66 -28.96
C TYR B 746 -19.22 -18.89 -29.67
N THR B 747 -19.17 -18.83 -30.98
CA THR B 747 -18.69 -19.93 -31.79
C THR B 747 -17.25 -19.71 -32.24
N VAL B 748 -16.58 -20.80 -32.57
CA VAL B 748 -15.23 -20.75 -33.10
C VAL B 748 -15.27 -21.69 -34.30
N PRO B 749 -14.46 -21.50 -35.33
CA PRO B 749 -14.32 -22.52 -36.36
C PRO B 749 -13.38 -23.61 -35.86
N GLN B 750 -13.19 -24.62 -36.69
CA GLN B 750 -12.06 -25.52 -36.53
C GLN B 750 -10.82 -24.83 -37.12
N GLU B 751 -9.76 -25.60 -37.38
CA GLU B 751 -8.47 -25.15 -37.94
C GLU B 751 -7.73 -24.17 -37.03
N ALA B 752 -8.20 -23.93 -35.82
CA ALA B 752 -7.70 -22.86 -34.96
C ALA B 752 -6.79 -23.44 -33.89
N SER B 753 -5.81 -22.65 -33.45
CA SER B 753 -4.88 -23.11 -32.45
C SER B 753 -5.55 -23.22 -31.09
N LEU B 754 -5.12 -24.20 -30.29
CA LEU B 754 -5.66 -24.36 -28.95
C LEU B 754 -5.40 -23.19 -27.99
N PRO B 755 -4.26 -22.52 -28.08
CA PRO B 755 -4.03 -21.42 -27.14
C PRO B 755 -5.11 -20.36 -27.29
N ARG B 756 -5.44 -20.06 -28.55
CA ARG B 756 -6.48 -19.09 -28.86
C ARG B 756 -7.86 -19.54 -28.39
N VAL B 757 -8.16 -20.82 -28.59
CA VAL B 757 -9.44 -21.39 -28.16
C VAL B 757 -9.60 -21.40 -26.65
N PHE B 758 -8.52 -21.71 -25.96
CA PHE B 758 -8.50 -21.79 -24.52
C PHE B 758 -8.63 -20.40 -23.92
N LYS B 759 -7.91 -19.44 -24.50
CA LYS B 759 -7.98 -18.09 -23.95
C LYS B 759 -9.39 -17.56 -24.07
N LEU B 760 -10.00 -17.76 -25.23
CA LEU B 760 -11.35 -17.24 -25.43
C LEU B 760 -12.32 -17.88 -24.46
N PHE B 761 -12.19 -19.18 -24.26
CA PHE B 761 -13.08 -19.88 -23.35
C PHE B 761 -12.94 -19.38 -21.93
N ARG B 762 -11.71 -19.26 -21.45
CA ARG B 762 -11.49 -18.80 -20.07
C ARG B 762 -11.73 -17.33 -19.74
N ALA B 763 -11.30 -16.46 -20.65
CA ALA B 763 -11.32 -15.02 -20.46
C ALA B 763 -12.74 -14.49 -20.36
N LEU B 764 -13.65 -15.01 -21.17
CA LEU B 764 -15.05 -14.80 -20.93
C LEU B 764 -15.56 -15.94 -20.06
N GLY B 765 -16.81 -15.89 -19.64
CA GLY B 765 -17.31 -16.99 -18.86
C GLY B 765 -18.18 -17.89 -19.71
N LEU B 766 -17.64 -19.02 -20.16
CA LEU B 766 -18.40 -19.92 -21.05
C LEU B 766 -18.62 -21.38 -20.62
N ARG B 767 -19.85 -21.84 -20.75
CA ARG B 767 -20.17 -23.21 -20.41
C ARG B 767 -20.23 -24.10 -21.64
N HIS B 768 -20.63 -23.54 -22.77
CA HIS B 768 -20.76 -24.31 -24.01
C HIS B 768 -20.18 -23.74 -25.32
N LEU B 769 -18.88 -23.86 -25.55
CA LEU B 769 -18.31 -23.38 -26.81
C LEU B 769 -18.79 -24.33 -27.91
N VAL B 770 -19.04 -23.81 -29.12
CA VAL B 770 -19.52 -24.65 -30.21
C VAL B 770 -18.60 -24.48 -31.41
N VAL B 771 -18.07 -25.60 -31.95
CA VAL B 771 -17.24 -25.47 -33.15
C VAL B 771 -18.11 -25.74 -34.35
N VAL B 772 -17.72 -25.18 -35.50
CA VAL B 772 -18.52 -25.22 -36.71
C VAL B 772 -17.66 -25.70 -37.87
N ASP B 773 -18.25 -25.68 -39.05
CA ASP B 773 -17.66 -26.12 -40.30
C ASP B 773 -17.35 -24.87 -41.14
N ASN B 774 -16.93 -25.09 -42.39
CA ASN B 774 -16.71 -23.98 -43.31
C ASN B 774 -18.02 -23.35 -43.74
N ARG B 775 -19.04 -24.16 -43.98
CA ARG B 775 -20.35 -23.70 -44.40
C ARG B 775 -21.32 -23.51 -43.23
N ASN B 776 -20.80 -23.29 -42.03
CA ASN B 776 -21.56 -23.04 -40.80
C ASN B 776 -22.49 -24.21 -40.47
N GLN B 777 -21.87 -25.35 -40.22
CA GLN B 777 -22.57 -26.56 -39.80
C GLN B 777 -21.93 -27.06 -38.51
N VAL B 778 -22.75 -27.40 -37.52
CA VAL B 778 -22.22 -27.82 -36.23
C VAL B 778 -21.59 -29.20 -36.36
N VAL B 779 -20.36 -29.34 -35.85
CA VAL B 779 -19.59 -30.55 -36.07
C VAL B 779 -18.99 -31.00 -34.75
N GLY B 780 -19.17 -30.19 -33.71
CA GLY B 780 -18.67 -30.56 -32.40
C GLY B 780 -18.96 -29.47 -31.38
N LEU B 781 -18.86 -29.86 -30.11
CA LEU B 781 -19.14 -28.97 -29.00
C LEU B 781 -18.03 -29.13 -27.97
N VAL B 782 -17.37 -28.02 -27.63
CA VAL B 782 -16.30 -28.00 -26.66
C VAL B 782 -16.85 -27.49 -25.34
N THR B 783 -16.74 -28.32 -24.32
CA THR B 783 -17.12 -28.02 -22.96
C THR B 783 -15.89 -28.00 -22.07
N ARG B 784 -16.13 -27.86 -20.77
CA ARG B 784 -15.10 -27.51 -19.81
C ARG B 784 -14.22 -28.70 -19.47
N LYS B 785 -14.81 -29.88 -19.38
CA LYS B 785 -14.10 -31.08 -18.99
C LYS B 785 -13.16 -31.56 -20.08
N ASP B 786 -13.36 -31.13 -21.32
CA ASP B 786 -12.43 -31.46 -22.38
C ASP B 786 -11.14 -30.66 -22.26
N LEU B 787 -11.26 -29.36 -21.99
CA LEU B 787 -10.07 -28.54 -21.81
C LEU B 787 -9.38 -28.79 -20.48
N ALA B 788 -10.09 -29.32 -19.48
CA ALA B 788 -9.48 -29.45 -18.16
C ALA B 788 -8.48 -30.60 -18.07
N ARG B 789 -8.55 -31.60 -18.97
CA ARG B 789 -7.82 -32.85 -18.75
C ARG B 789 -6.32 -32.69 -18.93
N TYR B 790 -5.89 -31.70 -19.70
CA TYR B 790 -4.47 -31.50 -19.91
C TYR B 790 -3.78 -30.89 -18.70
N SER C 72 18.72 56.85 31.18
CA SER C 72 19.84 56.04 31.67
C SER C 72 19.33 54.70 32.19
N LEU C 73 18.19 54.25 31.67
CA LEU C 73 17.53 53.04 32.18
C LEU C 73 16.73 52.38 31.06
N PRO C 74 17.29 51.37 30.41
CA PRO C 74 16.46 50.45 29.63
C PRO C 74 15.57 49.66 30.56
N PRO C 75 14.29 49.45 30.18
CA PRO C 75 13.30 48.97 31.15
C PRO C 75 13.49 47.56 31.67
N ASP C 76 13.54 46.58 30.76
CA ASP C 76 13.65 45.19 31.20
C ASP C 76 14.59 44.33 30.37
N LEU C 77 15.11 44.81 29.25
CA LEU C 77 15.80 43.91 28.33
C LEU C 77 17.22 43.53 28.76
N PRO C 78 18.13 44.44 29.16
CA PRO C 78 19.43 43.94 29.63
C PRO C 78 19.37 43.31 31.01
N ASP C 79 18.65 43.93 31.94
CA ASP C 79 18.60 43.48 33.32
C ASP C 79 17.15 43.38 33.77
N LEU C 80 16.93 42.53 34.77
CA LEU C 80 15.63 42.41 35.40
C LEU C 80 15.58 43.30 36.65
N ASP C 81 14.37 43.50 37.15
CA ASP C 81 14.19 44.26 38.38
C ASP C 81 14.74 43.49 39.57
N PRO C 82 15.04 44.18 40.68
CA PRO C 82 15.44 43.45 41.89
C PRO C 82 14.24 42.97 42.71
N GLU C 83 13.05 42.94 42.11
CA GLU C 83 11.87 42.36 42.72
C GLU C 83 11.61 40.93 42.27
N CYS C 84 12.29 40.46 41.21
CA CYS C 84 12.13 39.10 40.73
C CYS C 84 13.39 38.27 40.87
N ARG C 85 14.56 38.88 41.06
CA ARG C 85 15.80 38.13 41.10
C ARG C 85 15.92 37.27 42.35
N GLU C 86 15.35 37.73 43.46
CA GLU C 86 15.38 36.93 44.68
C GLU C 86 14.49 35.71 44.57
N LEU C 87 13.45 35.77 43.74
CA LEU C 87 12.62 34.60 43.47
C LEU C 87 13.42 33.54 42.72
N LEU C 88 14.22 33.98 41.74
CA LEU C 88 15.06 33.06 41.00
C LEU C 88 16.16 32.48 41.88
N LEU C 89 16.70 33.29 42.80
CA LEU C 89 17.69 32.78 43.74
C LEU C 89 17.08 31.79 44.72
N ASP C 90 15.81 31.99 45.09
CA ASP C 90 15.14 31.05 45.99
C ASP C 90 14.88 29.72 45.28
N PHE C 91 14.46 29.77 44.02
CA PHE C 91 14.31 28.55 43.24
C PHE C 91 15.65 27.85 43.02
N ALA C 92 16.72 28.63 42.91
CA ALA C 92 18.07 28.07 42.80
C ALA C 92 18.46 27.30 44.06
N ASN C 93 18.24 27.93 45.22
CA ASN C 93 18.56 27.32 46.50
C ASN C 93 17.75 26.04 46.72
N SER C 94 16.49 26.04 46.26
CA SER C 94 15.68 24.83 46.35
C SER C 94 16.22 23.72 45.45
N SER C 95 16.48 24.04 44.18
CA SER C 95 16.78 23.02 43.19
C SER C 95 18.14 22.37 43.40
N ALA C 96 19.14 23.14 43.87
CA ALA C 96 20.45 22.57 44.13
C ALA C 96 20.39 21.55 45.26
N GLU C 97 19.68 21.87 46.33
CA GLU C 97 19.55 20.95 47.45
C GLU C 97 18.67 19.76 47.12
N LEU C 98 17.67 19.93 46.25
CA LEU C 98 16.87 18.79 45.81
C LEU C 98 17.71 17.81 45.00
N THR C 99 18.54 18.34 44.10
CA THR C 99 19.43 17.46 43.33
C THR C 99 20.42 16.77 44.23
N GLY C 100 20.91 17.48 45.26
CA GLY C 100 21.85 16.88 46.19
C GLY C 100 21.25 15.73 47.00
N CYS C 101 20.03 15.92 47.51
CA CYS C 101 19.42 14.84 48.28
C CYS C 101 19.03 13.69 47.37
N LEU C 102 18.55 14.00 46.17
CA LEU C 102 18.11 12.98 45.22
C LEU C 102 19.25 12.12 44.71
N VAL C 103 20.41 12.75 44.53
CA VAL C 103 21.63 12.10 44.10
C VAL C 103 22.24 11.18 45.15
N ARG C 104 22.07 11.55 46.41
CA ARG C 104 22.68 10.83 47.53
C ARG C 104 22.29 9.37 47.69
N SER C 105 21.03 9.00 47.42
CA SER C 105 20.65 7.61 47.56
C SER C 105 21.49 6.77 46.62
N ALA C 106 22.06 5.70 47.14
CA ALA C 106 22.95 4.81 46.39
C ALA C 106 22.26 3.54 45.91
N ARG C 107 22.93 2.40 46.08
CA ARG C 107 22.37 1.11 45.68
C ARG C 107 21.09 0.85 46.46
N PRO C 108 21.11 1.14 47.76
CA PRO C 108 19.88 1.00 48.54
C PRO C 108 19.11 2.26 48.19
N VAL C 109 17.87 2.13 47.76
CA VAL C 109 17.13 3.32 47.37
C VAL C 109 16.20 3.86 48.44
N ARG C 110 16.63 4.94 49.08
CA ARG C 110 15.83 5.60 50.09
C ARG C 110 15.38 7.00 49.64
N LEU C 111 15.55 7.31 48.37
CA LEU C 111 15.21 8.62 47.83
C LEU C 111 13.72 8.96 47.96
N CYS C 112 12.88 7.98 47.66
CA CYS C 112 11.45 8.17 47.75
C CYS C 112 11.02 8.48 49.19
N GLN C 113 11.67 7.83 50.14
CA GLN C 113 11.33 8.02 51.55
C GLN C 113 12.18 9.07 52.25
N THR C 114 13.15 9.69 51.57
CA THR C 114 13.91 10.77 52.18
C THR C 114 13.75 12.12 51.51
N CYS C 115 13.44 12.16 50.22
CA CYS C 115 13.27 13.42 49.51
C CYS C 115 11.81 13.75 49.22
N TYR C 116 10.88 13.12 49.94
CA TYR C 116 9.49 13.56 49.86
C TYR C 116 9.18 14.96 50.44
N PRO C 117 9.82 15.47 51.52
CA PRO C 117 9.40 16.82 51.94
C PRO C 117 9.89 17.94 51.04
N LEU C 118 11.15 17.91 50.62
CA LEU C 118 11.70 19.01 49.84
C LEU C 118 11.38 18.90 48.36
N PHE C 119 10.67 17.86 47.94
CA PHE C 119 10.14 17.85 46.59
C PHE C 119 8.91 18.73 46.46
N GLN C 120 8.18 18.93 47.56
CA GLN C 120 6.94 19.70 47.50
C GLN C 120 7.23 21.19 47.32
N GLN C 121 8.25 21.65 48.03
CA GLN C 121 8.65 23.04 48.03
C GLN C 121 9.12 23.53 46.67
N VAL C 122 9.84 22.69 45.92
CA VAL C 122 10.28 23.09 44.60
C VAL C 122 9.07 23.32 43.72
N VAL C 123 8.10 22.42 43.78
CA VAL C 123 6.88 22.55 43.00
C VAL C 123 6.12 23.80 43.41
N SER C 124 6.07 24.05 44.70
CA SER C 124 5.37 25.22 45.23
C SER C 124 6.02 26.49 44.71
N LYS C 125 7.35 26.51 44.69
CA LYS C 125 8.09 27.67 44.21
C LYS C 125 7.82 27.88 42.73
N MET C 126 7.76 26.78 41.98
CA MET C 126 7.49 26.87 40.56
C MET C 126 6.09 27.47 40.36
N ASP C 127 5.12 27.02 41.14
CA ASP C 127 3.78 27.56 41.01
C ASP C 127 3.75 29.04 41.34
N ASN C 128 4.49 29.43 42.39
CA ASN C 128 4.55 30.82 42.78
C ASN C 128 5.13 31.68 41.68
N ILE C 129 6.20 31.22 41.04
CA ILE C 129 6.79 32.00 39.95
C ILE C 129 5.82 32.07 38.76
N SER C 130 5.13 30.97 38.51
CA SER C 130 4.17 30.87 37.43
C SER C 130 3.03 31.84 37.67
N ARG C 131 2.59 31.95 38.93
CA ARG C 131 1.49 32.84 39.25
C ARG C 131 1.91 34.30 39.12
N SER C 141 2.74 39.89 35.56
CA SER C 141 4.07 39.77 34.97
C SER C 141 4.95 38.86 35.82
N CYS C 142 6.26 38.96 35.59
CA CYS C 142 7.34 38.16 36.22
C CYS C 142 7.17 36.67 35.92
N ALA C 143 6.40 36.35 34.89
CA ALA C 143 6.29 35.02 34.33
C ALA C 143 6.58 34.99 32.85
N ARG C 144 6.30 36.09 32.14
CA ARG C 144 6.69 36.21 30.74
C ARG C 144 8.14 36.66 30.62
N SER C 145 8.58 37.51 31.53
CA SER C 145 9.95 38.02 31.52
C SER C 145 10.96 37.04 32.10
N LEU C 146 10.51 35.91 32.62
CA LEU C 146 11.39 35.04 33.39
C LEU C 146 11.39 33.60 32.90
N LEU C 147 10.42 33.18 32.10
CA LEU C 147 10.51 31.88 31.45
C LEU C 147 10.04 31.90 29.99
N MET C 148 9.87 33.07 29.38
CA MET C 148 9.68 33.19 27.94
C MET C 148 10.61 34.30 27.45
N ALA C 149 11.85 34.24 27.91
CA ALA C 149 12.83 35.26 27.56
C ALA C 149 13.76 34.83 26.43
N ASP C 150 13.81 33.54 26.13
CA ASP C 150 14.82 32.99 25.23
C ASP C 150 14.44 31.57 24.85
N ARG C 151 15.15 31.05 23.86
CA ARG C 151 15.25 29.60 23.69
C ARG C 151 16.11 29.04 24.81
N MET C 152 16.04 27.71 24.99
CA MET C 152 16.68 26.99 26.09
C MET C 152 16.13 27.53 27.40
N GLN C 153 14.83 27.41 27.60
CA GLN C 153 14.17 27.88 28.81
C GLN C 153 14.57 26.98 29.97
N ILE C 154 15.61 27.37 30.71
CA ILE C 154 16.29 26.40 31.58
C ILE C 154 15.48 26.11 32.84
N VAL C 155 14.65 27.05 33.29
CA VAL C 155 13.80 26.82 34.46
C VAL C 155 12.74 25.79 34.15
N VAL C 156 12.13 25.89 32.97
CA VAL C 156 11.13 24.93 32.53
C VAL C 156 11.74 23.56 32.32
N ILE C 157 13.00 23.51 31.87
CA ILE C 157 13.65 22.23 31.64
C ILE C 157 13.97 21.53 32.96
N LEU C 158 14.52 22.25 33.93
CA LEU C 158 14.82 21.61 35.20
C LEU C 158 13.54 21.12 35.88
N SER C 159 12.51 21.95 35.86
CA SER C 159 11.25 21.58 36.47
C SER C 159 10.66 20.37 35.77
N GLU C 160 10.72 20.40 34.44
CA GLU C 160 10.19 19.31 33.64
C GLU C 160 10.96 18.03 33.94
N PHE C 161 12.28 18.14 34.07
CA PHE C 161 13.08 16.96 34.36
C PHE C 161 12.70 16.38 35.71
N PHE C 162 12.50 17.23 36.71
CA PHE C 162 12.13 16.73 38.02
C PHE C 162 10.78 16.03 37.94
N ASN C 163 9.84 16.64 37.24
CA ASN C 163 8.52 16.06 37.07
C ASN C 163 8.59 14.68 36.41
N THR C 164 9.42 14.56 35.38
CA THR C 164 9.57 13.29 34.68
C THR C 164 10.19 12.23 35.57
N THR C 165 11.22 12.59 36.33
CA THR C 165 11.84 11.59 37.20
C THR C 165 10.87 11.12 38.28
N TRP C 166 10.09 12.06 38.82
CA TRP C 166 9.11 11.76 39.85
C TRP C 166 7.99 10.83 39.43
N GLN C 167 7.50 11.00 38.20
CA GLN C 167 6.35 10.23 37.73
C GLN C 167 6.73 8.78 37.42
N GLU C 168 7.90 8.57 36.82
CA GLU C 168 8.28 7.21 36.43
C GLU C 168 8.68 6.39 37.66
N ALA C 169 9.22 7.04 38.69
CA ALA C 169 9.45 6.33 39.96
C ALA C 169 8.13 5.94 40.62
N ASN C 170 7.11 6.79 40.47
CA ASN C 170 5.72 6.50 40.83
C ASN C 170 5.54 6.19 42.31
N CYS C 171 5.89 7.17 43.16
CA CYS C 171 5.88 6.95 44.60
C CYS C 171 4.47 6.74 45.15
N ALA C 172 3.59 7.74 44.97
CA ALA C 172 2.19 7.72 45.43
C ALA C 172 2.09 7.42 46.93
N ASN C 173 2.92 8.07 47.73
CA ASN C 173 2.91 7.83 49.16
C ASN C 173 2.70 9.12 49.96
N SER C 183 0.72 6.04 53.23
CA SER C 183 2.08 5.68 53.59
C SER C 183 2.16 4.58 54.65
N ASN C 184 1.01 4.26 55.25
CA ASN C 184 0.96 3.24 56.30
C ASN C 184 1.35 1.84 55.81
N SER C 185 0.86 1.47 54.64
CA SER C 185 1.18 0.15 54.09
C SER C 185 2.67 0.06 53.79
N THR C 186 3.21 1.13 53.23
CA THR C 186 4.62 1.18 52.91
C THR C 186 5.46 1.08 54.18
N VAL C 187 5.02 1.77 55.23
CA VAL C 187 5.73 1.74 56.50
C VAL C 187 5.74 0.33 57.06
N TYR C 188 4.60 -0.35 56.96
CA TYR C 188 4.49 -1.71 57.46
C TYR C 188 5.45 -2.61 56.69
N PHE C 189 5.50 -2.44 55.37
CA PHE C 189 6.39 -3.25 54.55
C PHE C 189 7.84 -3.00 54.93
N LEU C 190 8.18 -1.75 55.18
CA LEU C 190 9.55 -1.40 55.56
C LEU C 190 9.91 -2.05 56.88
N ASN C 191 8.97 -2.04 57.83
CA ASN C 191 9.22 -2.65 59.11
C ASN C 191 9.46 -4.15 58.95
N LEU C 192 8.65 -4.78 58.11
CA LEU C 192 8.80 -6.21 57.86
C LEU C 192 10.16 -6.50 57.26
N PHE C 193 10.58 -5.66 56.31
CA PHE C 193 11.86 -5.84 55.65
C PHE C 193 12.99 -5.72 56.65
N ASN C 194 12.88 -4.75 57.56
CA ASN C 194 13.90 -4.54 58.56
C ASN C 194 13.98 -5.76 59.48
N HIS C 195 12.83 -6.29 59.84
CA HIS C 195 12.77 -7.46 60.71
C HIS C 195 13.32 -8.69 60.00
N THR C 196 12.80 -8.94 58.79
CA THR C 196 13.22 -10.09 58.01
C THR C 196 14.73 -10.09 57.81
N LEU C 197 15.31 -8.92 57.58
CA LEU C 197 16.73 -8.86 57.31
C LEU C 197 17.57 -9.07 58.57
N THR C 198 17.03 -8.73 59.74
CA THR C 198 17.83 -8.92 60.96
C THR C 198 18.00 -10.40 61.31
N CYS C 199 17.08 -11.25 60.88
CA CYS C 199 17.16 -12.67 61.20
C CYS C 199 18.25 -13.38 60.42
N PHE C 200 18.72 -12.79 59.32
CA PHE C 200 19.81 -13.37 58.55
C PHE C 200 21.12 -13.34 59.35
N GLU C 201 21.54 -12.15 59.77
CA GLU C 201 22.76 -12.07 60.57
C GLU C 201 22.54 -12.50 62.00
N HIS C 202 21.28 -12.60 62.45
CA HIS C 202 21.03 -13.21 63.75
C HIS C 202 21.35 -14.70 63.74
N ASN C 203 21.26 -15.33 62.57
CA ASN C 203 21.52 -16.77 62.43
C ASN C 203 22.74 -17.05 61.58
N LEU C 204 23.50 -16.03 61.20
CA LEU C 204 24.68 -16.24 60.37
C LEU C 204 25.85 -16.68 61.25
N GLN C 205 26.38 -17.88 60.96
CA GLN C 205 27.51 -18.51 61.65
C GLN C 205 27.32 -18.60 63.17
N LYS C 215 31.59 -20.79 54.52
CA LYS C 215 30.63 -21.62 53.82
C LYS C 215 29.60 -22.16 54.80
N ASN C 216 29.06 -23.35 54.47
CA ASN C 216 28.07 -24.08 55.26
C ASN C 216 26.82 -23.22 55.51
N TYR C 217 26.13 -22.93 54.41
CA TYR C 217 24.87 -22.20 54.43
C TYR C 217 23.67 -23.12 54.61
N SER C 218 23.91 -24.35 55.09
CA SER C 218 22.86 -25.28 55.47
C SER C 218 22.47 -25.14 56.93
N GLU C 219 22.59 -23.93 57.47
CA GLU C 219 22.48 -23.65 58.89
C GLU C 219 21.00 -23.54 59.25
N VAL C 220 20.68 -22.91 60.39
CA VAL C 220 19.37 -22.94 61.05
C VAL C 220 18.35 -22.04 60.32
N CYS C 221 18.72 -21.57 59.12
CA CYS C 221 17.89 -20.75 58.23
C CYS C 221 16.51 -21.32 57.88
N LYS C 222 16.23 -22.59 58.22
CA LYS C 222 14.87 -23.08 58.20
C LYS C 222 13.94 -22.25 59.08
N ASN C 223 14.48 -21.73 60.19
CA ASN C 223 13.78 -20.78 61.04
C ASN C 223 13.36 -19.52 60.27
N CYS C 224 14.17 -19.07 59.31
CA CYS C 224 13.74 -17.87 58.61
C CYS C 224 12.78 -18.17 57.47
N ARG C 225 12.47 -19.44 57.20
CA ARG C 225 11.55 -19.81 56.13
C ARG C 225 10.18 -19.17 56.31
N GLU C 226 9.56 -19.37 57.47
CA GLU C 226 8.32 -18.67 57.77
C GLU C 226 8.53 -17.18 58.00
N ALA C 227 9.78 -16.74 58.22
CA ALA C 227 10.05 -15.31 58.24
C ALA C 227 10.18 -14.76 56.82
N TYR C 228 10.50 -15.62 55.85
CA TYR C 228 10.70 -15.17 54.48
C TYR C 228 9.41 -15.13 53.69
N LYS C 229 8.71 -16.28 53.64
CA LYS C 229 7.69 -16.54 52.63
C LYS C 229 6.52 -15.56 52.73
N THR C 230 6.05 -15.31 53.95
CA THR C 230 4.93 -14.39 54.17
C THR C 230 5.25 -12.98 53.70
N LEU C 231 6.52 -12.57 53.81
CA LEU C 231 6.99 -11.31 53.24
C LEU C 231 6.69 -11.24 51.75
N SER C 232 7.13 -12.26 51.02
CA SER C 232 6.85 -12.35 49.59
C SER C 232 5.36 -12.42 49.34
N SER C 233 4.62 -13.10 50.23
CA SER C 233 3.18 -13.20 50.11
C SER C 233 2.55 -11.82 50.23
N LEU C 234 3.03 -11.03 51.20
CA LEU C 234 2.56 -9.66 51.36
C LEU C 234 2.88 -8.83 50.13
N TYR C 235 4.05 -9.09 49.53
CA TYR C 235 4.46 -8.38 48.33
C TYR C 235 3.50 -8.66 47.19
N SER C 236 3.07 -9.91 47.04
CA SER C 236 2.13 -10.24 45.98
C SER C 236 0.78 -9.59 46.26
N GLU C 237 0.39 -9.55 47.54
CA GLU C 237 -0.86 -8.90 47.91
C GLU C 237 -0.79 -7.42 47.63
N MET C 238 0.40 -6.83 47.75
CA MET C 238 0.53 -5.41 47.51
C MET C 238 0.38 -5.12 46.02
N GLN C 239 0.80 -6.05 45.16
CA GLN C 239 0.54 -5.88 43.74
C GLN C 239 -0.93 -6.04 43.40
N LYS C 240 -1.69 -6.74 44.24
CA LYS C 240 -3.12 -6.78 44.05
C LYS C 240 -3.78 -5.50 44.51
N MET C 241 -3.09 -4.72 45.36
CA MET C 241 -3.70 -3.49 45.87
C MET C 241 -3.49 -2.34 44.90
N ASN C 242 -2.34 -2.29 44.22
CA ASN C 242 -2.03 -1.26 43.24
C ASN C 242 -2.08 -1.81 41.82
N GLU C 243 -3.04 -2.70 41.56
CA GLU C 243 -3.30 -3.14 40.19
C GLU C 243 -4.35 -2.28 39.49
N LEU C 244 -5.33 -1.79 40.23
CA LEU C 244 -6.36 -0.92 39.68
C LEU C 244 -6.95 -0.03 40.76
N THR C 252 2.51 -2.66 35.80
CA THR C 252 3.36 -1.51 36.02
C THR C 252 4.06 -1.61 37.38
N HIS C 253 5.21 -0.97 37.50
CA HIS C 253 5.95 -0.97 38.76
C HIS C 253 5.25 -0.09 39.78
N LEU C 254 5.29 -0.51 41.04
CA LEU C 254 4.46 0.17 42.03
C LEU C 254 5.22 1.25 42.80
N CYS C 255 6.50 1.05 43.07
CA CYS C 255 7.31 2.03 43.80
C CYS C 255 8.77 1.75 43.47
N ILE C 256 9.68 2.35 44.23
CA ILE C 256 11.10 2.03 44.07
C ILE C 256 11.76 1.62 45.37
N ASP C 257 11.20 2.05 46.51
CA ASP C 257 11.64 1.60 47.81
C ASP C 257 11.28 0.12 48.07
N VAL C 258 10.06 -0.27 47.67
CA VAL C 258 9.51 -1.61 47.84
C VAL C 258 10.15 -2.57 46.84
N GLU C 259 10.30 -2.14 45.59
CA GLU C 259 10.91 -2.98 44.56
C GLU C 259 12.35 -3.33 44.89
N ASP C 260 13.13 -2.34 45.32
CA ASP C 260 14.53 -2.62 45.62
C ASP C 260 14.67 -3.42 46.90
N ALA C 261 13.78 -3.18 47.88
CA ALA C 261 13.82 -3.94 49.12
C ALA C 261 13.48 -5.40 48.91
N MET C 262 12.55 -5.70 48.00
CA MET C 262 12.25 -7.10 47.70
C MET C 262 13.31 -7.68 46.79
N ASN C 263 13.92 -6.84 45.95
CA ASN C 263 14.97 -7.29 45.06
C ASN C 263 16.18 -7.78 45.84
N ILE C 264 16.57 -7.05 46.87
CA ILE C 264 17.71 -7.45 47.68
C ILE C 264 17.47 -8.80 48.35
N THR C 265 16.26 -9.02 48.87
CA THR C 265 15.95 -10.30 49.50
C THR C 265 15.93 -11.43 48.50
N ARG C 266 15.42 -11.18 47.29
CA ARG C 266 15.44 -12.22 46.27
C ARG C 266 16.85 -12.51 45.77
N LYS C 267 17.73 -11.51 45.77
CA LYS C 267 19.11 -11.77 45.41
C LYS C 267 19.83 -12.55 46.50
N LEU C 268 19.51 -12.28 47.77
CA LEU C 268 20.14 -13.02 48.86
C LEU C 268 19.61 -14.43 48.99
N TRP C 269 18.34 -14.65 48.67
CA TRP C 269 17.69 -15.91 48.93
C TRP C 269 18.13 -17.01 47.97
N SER C 270 18.64 -16.65 46.79
CA SER C 270 18.88 -17.64 45.74
C SER C 270 20.35 -17.80 45.41
N ARG C 271 21.04 -16.74 45.01
CA ARG C 271 22.33 -16.87 44.36
C ARG C 271 23.51 -16.63 45.29
N THR C 272 23.28 -16.43 46.58
CA THR C 272 24.35 -16.52 47.56
C THR C 272 24.05 -17.45 48.72
N PHE C 273 22.78 -17.71 49.02
CA PHE C 273 22.37 -18.78 49.92
C PHE C 273 21.64 -19.80 49.05
N ASN C 274 22.23 -20.97 48.87
CA ASN C 274 21.56 -21.96 48.04
C ASN C 274 20.36 -22.53 48.80
N CYS C 275 19.20 -21.94 48.59
CA CYS C 275 17.97 -22.28 49.31
C CYS C 275 16.94 -22.89 48.38
N SER C 276 17.37 -23.81 47.54
CA SER C 276 16.49 -24.45 46.57
C SER C 276 15.51 -25.39 47.27
N VAL C 277 14.43 -25.69 46.56
CA VAL C 277 13.39 -26.59 47.05
C VAL C 277 13.61 -27.95 46.40
N PRO C 278 13.45 -29.05 47.13
CA PRO C 278 13.57 -30.37 46.48
C PRO C 278 12.37 -30.68 45.62
N CYS C 279 12.59 -31.52 44.62
CA CYS C 279 11.55 -31.97 43.71
C CYS C 279 11.22 -33.43 43.98
N SER C 280 9.93 -33.76 43.91
CA SER C 280 9.46 -35.10 44.22
C SER C 280 8.93 -35.87 43.02
N ASP C 281 8.46 -35.18 41.98
CA ASP C 281 7.74 -35.81 40.89
C ASP C 281 8.55 -35.79 39.60
N THR C 282 9.16 -36.93 39.28
CA THR C 282 9.71 -37.18 37.95
C THR C 282 9.11 -38.41 37.30
N VAL C 283 8.93 -39.50 38.05
CA VAL C 283 8.35 -40.71 37.47
C VAL C 283 6.87 -40.61 37.10
N PRO C 284 5.98 -39.86 37.80
CA PRO C 284 4.62 -39.76 37.25
C PRO C 284 4.52 -38.93 35.99
N VAL C 285 5.30 -37.84 35.90
CA VAL C 285 5.27 -37.02 34.69
C VAL C 285 6.12 -37.59 33.56
N ILE C 286 6.74 -38.75 33.76
CA ILE C 286 7.23 -39.57 32.67
C ILE C 286 6.23 -40.66 32.30
N ALA C 287 5.58 -41.26 33.30
CA ALA C 287 4.64 -42.35 33.04
C ALA C 287 3.41 -41.87 32.29
N VAL C 288 2.82 -40.76 32.74
CA VAL C 288 1.62 -40.24 32.10
C VAL C 288 1.92 -39.73 30.69
N SER C 289 3.09 -39.13 30.50
CA SER C 289 3.46 -38.61 29.19
C SER C 289 3.74 -39.75 28.20
N VAL C 290 4.45 -40.79 28.64
CA VAL C 290 4.74 -41.88 27.71
C VAL C 290 3.52 -42.77 27.54
N PHE C 291 2.52 -42.66 28.41
CA PHE C 291 1.26 -43.34 28.15
C PHE C 291 0.41 -42.58 27.14
N ILE C 292 0.37 -41.25 27.22
CA ILE C 292 -0.45 -40.50 26.28
C ILE C 292 0.18 -40.47 24.90
N LEU C 293 1.52 -40.42 24.81
CA LEU C 293 2.18 -40.52 23.51
C LEU C 293 2.25 -41.94 22.96
N PHE C 294 1.48 -42.88 23.51
CA PHE C 294 1.45 -44.26 23.05
C PHE C 294 0.13 -44.62 22.37
N LEU C 295 -0.92 -43.85 22.59
CA LEU C 295 -2.20 -44.10 21.93
C LEU C 295 -2.28 -43.86 20.42
N PRO C 296 -1.59 -42.88 19.80
CA PRO C 296 -1.67 -42.82 18.33
C PRO C 296 -1.00 -43.99 17.61
N VAL C 297 0.09 -44.51 18.15
CA VAL C 297 0.74 -45.63 17.48
C VAL C 297 -0.05 -46.92 17.69
N VAL C 298 -0.95 -46.94 18.67
CA VAL C 298 -1.92 -48.03 18.75
C VAL C 298 -3.09 -47.77 17.80
N PHE C 299 -3.52 -46.51 17.70
CA PHE C 299 -4.75 -46.19 16.97
C PHE C 299 -4.59 -46.36 15.47
N TYR C 300 -3.53 -45.80 14.89
CA TYR C 300 -3.33 -45.94 13.45
C TYR C 300 -3.03 -47.38 13.06
N LEU C 301 -2.28 -48.10 13.90
CA LEU C 301 -1.94 -49.47 13.57
C LEU C 301 -3.13 -50.40 13.76
N SER C 302 -4.06 -50.05 14.66
CA SER C 302 -5.26 -50.86 14.80
C SER C 302 -6.30 -50.54 13.75
N SER C 303 -6.34 -49.30 13.27
CA SER C 303 -7.23 -48.99 12.16
C SER C 303 -6.69 -49.50 10.83
N PHE C 304 -5.37 -49.72 10.74
CA PHE C 304 -4.82 -50.30 9.51
C PHE C 304 -5.14 -51.79 9.42
N LEU C 305 -5.10 -52.49 10.54
CA LEU C 305 -5.32 -53.93 10.54
C LEU C 305 -6.79 -54.30 10.61
N HIS C 306 -7.69 -53.33 10.59
CA HIS C 306 -9.11 -53.61 10.41
C HIS C 306 -9.50 -53.39 8.95
N SER C 307 -8.91 -54.22 8.10
CA SER C 307 -9.21 -54.25 6.66
C SER C 307 -9.26 -55.73 6.27
N GLU C 308 -10.45 -56.31 6.36
CA GLU C 308 -10.61 -57.73 6.10
C GLU C 308 -11.94 -58.02 5.41
N LEU D 92 -8.84 10.06 -40.17
CA LEU D 92 -8.33 9.51 -41.41
C LEU D 92 -6.81 9.59 -41.41
N LYS D 93 -6.26 10.11 -40.31
CA LYS D 93 -4.82 10.20 -40.12
C LYS D 93 -4.30 9.23 -39.08
N TYR D 94 -5.08 8.95 -38.04
CA TYR D 94 -4.64 8.14 -36.91
C TYR D 94 -5.04 6.70 -37.19
N GLU D 95 -4.12 5.90 -37.71
CA GLU D 95 -4.44 4.50 -37.97
C GLU D 95 -4.15 3.65 -36.73
N SER D 96 -4.88 2.54 -36.63
CA SER D 96 -4.97 1.79 -35.38
C SER D 96 -3.75 0.88 -35.20
N LEU D 97 -3.79 0.12 -34.12
CA LEU D 97 -2.69 -0.76 -33.76
C LEU D 97 -3.14 -2.21 -33.75
N ASP D 98 -2.35 -3.09 -34.36
CA ASP D 98 -2.73 -4.49 -34.42
C ASP D 98 -2.20 -5.25 -33.22
N TYR D 99 -3.11 -5.73 -32.38
CA TYR D 99 -2.70 -6.52 -31.23
C TYR D 99 -2.87 -8.02 -31.44
N ASP D 100 -3.60 -8.44 -32.47
CA ASP D 100 -3.75 -9.86 -32.75
C ASP D 100 -2.57 -10.37 -33.56
N ASN D 101 -2.09 -11.56 -33.21
CA ASN D 101 -1.05 -12.21 -34.00
C ASN D 101 -1.72 -13.02 -35.11
N SER D 102 -1.60 -12.54 -36.34
CA SER D 102 -2.21 -13.20 -37.48
C SER D 102 -1.42 -14.46 -37.79
N GLU D 103 -1.76 -15.54 -37.11
CA GLU D 103 -1.04 -16.78 -37.29
C GLU D 103 -1.21 -17.28 -38.70
N ASN D 104 -0.07 -17.58 -39.31
CA ASN D 104 -0.06 -18.14 -40.65
C ASN D 104 0.43 -19.57 -40.54
N GLN D 105 0.66 -20.21 -41.68
CA GLN D 105 1.43 -21.44 -41.64
C GLN D 105 2.90 -21.17 -41.36
N LEU D 106 3.37 -19.97 -41.71
CA LEU D 106 4.76 -19.63 -41.48
C LEU D 106 5.03 -19.37 -40.00
N PHE D 107 4.11 -18.68 -39.32
CA PHE D 107 4.20 -18.53 -37.87
C PHE D 107 4.05 -19.87 -37.18
N LEU D 108 3.12 -20.70 -37.64
CA LEU D 108 2.85 -21.96 -37.00
C LEU D 108 3.98 -22.96 -37.23
N GLU D 109 4.77 -22.78 -38.27
CA GLU D 109 5.96 -23.58 -38.49
C GLU D 109 7.16 -23.02 -37.74
N GLU D 110 7.26 -21.69 -37.62
CA GLU D 110 8.41 -21.10 -36.95
C GLU D 110 8.33 -21.28 -35.44
N GLU D 111 7.12 -21.27 -34.88
CA GLU D 111 7.02 -21.52 -33.45
C GLU D 111 7.25 -23.00 -33.14
N ARG D 112 6.96 -23.88 -34.09
CA ARG D 112 7.37 -25.28 -33.97
C ARG D 112 8.89 -25.41 -34.06
N ARG D 113 9.52 -24.59 -34.89
CA ARG D 113 10.97 -24.63 -35.02
C ARG D 113 11.67 -24.18 -33.75
N ILE D 114 11.19 -23.09 -33.13
CA ILE D 114 11.88 -22.55 -31.98
C ILE D 114 11.66 -23.39 -30.73
N ASN D 115 10.67 -24.29 -30.75
CA ASN D 115 10.34 -25.08 -29.58
C ASN D 115 10.94 -26.48 -29.65
N HIS D 116 11.72 -26.76 -30.69
CA HIS D 116 12.35 -28.06 -30.98
C HIS D 116 11.34 -29.22 -31.00
N PHE D 119 16.64 -23.98 -24.64
CA PHE D 119 15.88 -24.63 -23.57
C PHE D 119 14.85 -23.67 -22.98
N ARG D 120 13.81 -23.38 -23.77
CA ARG D 120 12.71 -22.47 -23.43
C ARG D 120 13.24 -21.08 -23.05
N THR D 121 14.01 -20.52 -23.97
CA THR D 121 14.75 -19.28 -23.72
C THR D 121 14.11 -18.07 -24.36
N VAL D 122 12.79 -18.06 -24.52
CA VAL D 122 12.13 -16.91 -25.12
C VAL D 122 11.48 -16.07 -24.04
N GLU D 123 11.06 -16.70 -22.94
CA GLU D 123 10.45 -15.95 -21.86
C GLU D 123 11.49 -15.41 -20.90
N ILE D 124 12.61 -16.12 -20.72
CA ILE D 124 13.69 -15.63 -19.87
C ILE D 124 14.41 -14.45 -20.50
N LYS D 125 14.18 -14.18 -21.78
CA LYS D 125 14.68 -12.98 -22.43
C LYS D 125 13.75 -11.80 -22.26
N ARG D 126 12.50 -12.03 -21.83
CA ARG D 126 11.58 -10.94 -21.54
C ARG D 126 11.81 -10.37 -20.16
N TRP D 127 12.24 -11.19 -19.20
CA TRP D 127 12.51 -10.70 -17.87
C TRP D 127 13.74 -9.81 -17.84
N VAL D 128 14.67 -10.00 -18.78
CA VAL D 128 15.83 -9.11 -18.86
C VAL D 128 15.39 -7.72 -19.33
N ILE D 129 14.49 -7.65 -20.31
CA ILE D 129 13.99 -6.36 -20.77
C ILE D 129 13.13 -5.70 -19.70
N CYS D 130 12.29 -6.47 -19.02
CA CYS D 130 11.52 -5.88 -17.94
C CYS D 130 12.35 -5.57 -16.71
N ALA D 131 13.56 -6.10 -16.61
CA ALA D 131 14.46 -5.68 -15.54
C ALA D 131 15.14 -4.37 -15.90
N LEU D 132 15.81 -4.32 -17.04
CA LEU D 132 16.54 -3.11 -17.41
C LEU D 132 15.67 -2.08 -18.12
N ILE D 133 14.34 -2.22 -18.05
CA ILE D 133 13.42 -1.15 -18.43
C ILE D 133 13.06 -0.30 -17.23
N GLY D 134 13.44 -0.72 -16.03
CA GLY D 134 13.18 0.04 -14.83
C GLY D 134 14.40 0.79 -14.36
N ILE D 135 15.57 0.20 -14.56
CA ILE D 135 16.82 0.88 -14.23
C ILE D 135 17.02 2.10 -15.10
N LEU D 136 16.75 1.98 -16.39
CA LEU D 136 16.86 3.10 -17.32
C LEU D 136 15.79 4.16 -17.10
N THR D 137 14.72 3.87 -16.36
CA THR D 137 13.75 4.90 -16.03
C THR D 137 14.09 5.58 -14.71
N GLY D 138 14.60 4.81 -13.76
CA GLY D 138 15.09 5.42 -12.53
C GLY D 138 16.26 6.35 -12.76
N LEU D 139 17.12 6.04 -13.72
CA LEU D 139 18.25 6.93 -13.98
C LEU D 139 17.82 8.22 -14.67
N VAL D 140 16.79 8.18 -15.52
CA VAL D 140 16.25 9.43 -16.07
C VAL D 140 15.58 10.25 -14.98
N ALA D 141 14.84 9.57 -14.09
CA ALA D 141 14.15 10.27 -13.02
C ALA D 141 15.09 10.85 -11.99
N CYS D 142 16.30 10.34 -11.86
CA CYS D 142 17.26 11.02 -10.99
C CYS D 142 18.10 12.04 -11.75
N PHE D 143 18.30 11.86 -13.06
CA PHE D 143 19.00 12.86 -13.84
C PHE D 143 18.23 14.17 -13.94
N ILE D 144 16.90 14.10 -13.96
CA ILE D 144 16.13 15.33 -13.90
C ILE D 144 16.29 16.01 -12.54
N ASP D 145 16.21 15.23 -11.47
CA ASP D 145 16.13 15.78 -10.13
C ASP D 145 17.46 16.37 -9.67
N ILE D 146 18.58 15.79 -10.09
CA ILE D 146 19.88 16.33 -9.70
C ILE D 146 20.16 17.64 -10.43
N VAL D 147 19.80 17.72 -11.71
CA VAL D 147 20.11 18.90 -12.50
C VAL D 147 19.23 20.08 -12.10
N VAL D 148 17.94 19.83 -11.86
CA VAL D 148 17.01 20.96 -11.71
C VAL D 148 17.22 21.66 -10.37
N GLU D 149 17.66 20.95 -9.32
CA GLU D 149 17.85 21.66 -8.07
C GLU D 149 19.15 22.46 -8.06
N ASN D 150 20.17 22.01 -8.79
CA ASN D 150 21.39 22.81 -8.89
C ASN D 150 21.18 24.04 -9.74
N LEU D 151 20.41 23.93 -10.82
CA LEU D 151 20.13 25.12 -11.61
C LEU D 151 19.20 26.09 -10.88
N ALA D 152 18.25 25.59 -10.09
CA ALA D 152 17.44 26.48 -9.28
C ALA D 152 18.26 27.15 -8.19
N GLY D 153 19.22 26.41 -7.62
CA GLY D 153 20.11 27.00 -6.63
C GLY D 153 21.06 28.02 -7.22
N LEU D 154 21.39 27.88 -8.50
CA LEU D 154 22.14 28.93 -9.16
C LEU D 154 21.27 30.13 -9.46
N LYS D 155 20.01 29.90 -9.80
CA LYS D 155 19.20 31.00 -10.30
C LYS D 155 18.65 31.85 -9.16
N TYR D 156 18.27 31.25 -8.03
CA TYR D 156 17.62 32.04 -7.00
C TYR D 156 18.59 32.80 -6.10
N ARG D 157 19.82 32.32 -5.95
CA ARG D 157 20.73 33.05 -5.08
C ARG D 157 21.27 34.31 -5.72
N VAL D 158 21.30 34.36 -7.05
CA VAL D 158 21.61 35.60 -7.75
C VAL D 158 20.57 36.66 -7.44
N ILE D 159 19.30 36.26 -7.42
CA ILE D 159 18.22 37.22 -7.19
C ILE D 159 18.19 37.65 -5.73
N LYS D 160 18.35 36.71 -4.80
CA LYS D 160 18.32 37.14 -3.40
C LYS D 160 19.59 37.85 -2.99
N GLY D 161 20.68 37.69 -3.74
CA GLY D 161 21.79 38.59 -3.54
C GLY D 161 21.65 39.91 -4.25
N ASN D 162 20.71 39.99 -5.19
CA ASN D 162 20.52 41.24 -5.89
C ASN D 162 19.64 42.19 -5.09
N ILE D 163 18.61 41.68 -4.43
CA ILE D 163 17.72 42.52 -3.65
C ILE D 163 18.11 42.56 -2.18
N ASP D 164 19.33 42.14 -1.85
CA ASP D 164 19.92 42.52 -0.58
C ASP D 164 20.82 43.73 -0.70
N LYS D 165 21.18 44.14 -1.92
CA LYS D 165 21.98 45.34 -2.10
C LYS D 165 21.20 46.50 -2.69
N PHE D 166 20.10 46.24 -3.40
CA PHE D 166 19.23 47.32 -3.85
C PHE D 166 18.13 47.65 -2.85
N THR D 167 18.18 47.08 -1.65
CA THR D 167 17.55 47.68 -0.49
C THR D 167 18.54 48.71 0.04
N GLU D 168 18.18 49.44 1.12
CA GLU D 168 19.00 50.38 1.91
C GLU D 168 19.56 51.54 1.09
N LYS D 169 19.15 51.64 -0.17
CA LYS D 169 19.66 52.55 -1.19
C LYS D 169 18.52 52.83 -2.16
N GLY D 170 18.84 53.16 -3.40
CA GLY D 170 17.84 53.43 -4.42
C GLY D 170 16.99 52.27 -4.89
N GLY D 171 16.53 52.35 -6.15
CA GLY D 171 15.36 51.59 -6.56
C GLY D 171 15.58 50.10 -6.67
N LEU D 172 14.46 49.39 -6.64
CA LEU D 172 14.40 47.95 -6.80
C LEU D 172 14.00 47.52 -8.20
N SER D 173 13.68 48.47 -9.08
CA SER D 173 13.13 48.13 -10.38
C SER D 173 14.18 47.50 -11.29
N PHE D 174 15.44 47.86 -11.10
CA PHE D 174 16.52 47.25 -11.87
C PHE D 174 16.81 45.83 -11.42
N SER D 175 16.17 45.33 -10.37
CA SER D 175 16.17 43.93 -10.02
C SER D 175 14.92 43.20 -10.47
N LEU D 176 13.78 43.89 -10.49
CA LEU D 176 12.57 43.34 -11.11
C LEU D 176 12.78 43.05 -12.58
N LEU D 177 13.47 43.95 -13.29
CA LEU D 177 13.78 43.69 -14.68
C LEU D 177 14.73 42.52 -14.82
N LEU D 178 15.63 42.32 -13.85
CA LEU D 178 16.55 41.19 -13.91
C LEU D 178 15.83 39.86 -13.68
N TRP D 179 14.87 39.84 -12.76
CA TRP D 179 14.16 38.60 -12.52
C TRP D 179 13.16 38.30 -13.64
N ALA D 180 12.61 39.33 -14.27
CA ALA D 180 11.79 39.11 -15.46
C ALA D 180 12.61 38.57 -16.62
N THR D 181 13.79 39.14 -16.87
CA THR D 181 14.58 38.64 -18.00
C THR D 181 15.25 37.30 -17.70
N LEU D 182 15.50 36.96 -16.43
CA LEU D 182 15.97 35.61 -16.13
C LEU D 182 14.85 34.58 -16.26
N ASN D 183 13.61 34.95 -15.96
CA ASN D 183 12.54 34.00 -16.24
C ASN D 183 12.18 33.95 -17.70
N ALA D 184 12.56 34.94 -18.50
CA ALA D 184 12.29 34.89 -19.92
C ALA D 184 13.38 34.16 -20.71
N ALA D 185 14.64 34.25 -20.29
CA ALA D 185 15.73 33.73 -21.10
C ALA D 185 15.75 32.20 -21.14
N PHE D 186 15.35 31.53 -20.06
CA PHE D 186 15.32 30.06 -20.11
C PHE D 186 14.13 29.56 -20.92
N VAL D 187 12.95 30.16 -20.71
CA VAL D 187 11.77 29.67 -21.37
C VAL D 187 11.75 30.05 -22.85
N LEU D 188 12.58 31.02 -23.26
CA LEU D 188 12.77 31.28 -24.69
C LEU D 188 13.34 30.07 -25.40
N VAL D 189 14.43 29.50 -24.89
CA VAL D 189 15.01 28.32 -25.50
C VAL D 189 14.10 27.12 -25.32
N GLY D 190 13.48 26.99 -24.15
CA GLY D 190 12.57 25.89 -23.88
C GLY D 190 11.29 25.90 -24.70
N SER D 191 10.94 27.05 -25.27
CA SER D 191 9.81 27.11 -26.19
C SER D 191 10.23 27.07 -27.65
N VAL D 192 11.44 27.54 -27.98
CA VAL D 192 11.90 27.45 -29.37
C VAL D 192 12.18 26.00 -29.75
N ILE D 193 12.76 25.20 -28.84
CA ILE D 193 13.09 23.84 -29.21
C ILE D 193 11.90 22.91 -29.26
N VAL D 194 10.71 23.41 -28.95
CA VAL D 194 9.48 22.64 -29.07
C VAL D 194 8.59 23.19 -30.17
N ALA D 195 8.42 24.51 -30.25
CA ALA D 195 7.47 25.06 -31.21
C ALA D 195 7.92 24.97 -32.65
N PHE D 196 9.20 24.69 -32.90
CA PHE D 196 9.70 24.61 -34.26
C PHE D 196 10.04 23.20 -34.72
N ILE D 197 10.61 22.36 -33.87
CA ILE D 197 11.04 21.04 -34.32
C ILE D 197 9.86 20.08 -34.38
N GLU D 198 9.16 19.87 -33.26
CA GLU D 198 7.95 19.04 -33.34
C GLU D 198 6.96 19.46 -32.26
N PRO D 199 5.69 19.59 -32.61
CA PRO D 199 4.69 19.99 -31.62
C PRO D 199 4.15 18.87 -30.76
N VAL D 200 4.65 17.64 -30.93
CA VAL D 200 4.06 16.51 -30.21
C VAL D 200 4.49 16.53 -28.74
N ALA D 201 5.67 17.06 -28.46
CA ALA D 201 6.15 17.13 -27.09
C ALA D 201 5.48 18.21 -26.26
N ALA D 202 4.54 18.97 -26.82
CA ALA D 202 3.85 20.01 -26.07
C ALA D 202 2.91 19.41 -25.03
N GLY D 203 2.64 20.18 -24.00
CA GLY D 203 1.79 19.74 -22.92
C GLY D 203 2.46 18.64 -22.11
N SER D 204 1.64 17.90 -21.39
CA SER D 204 2.11 16.75 -20.63
C SER D 204 2.30 15.56 -21.56
N GLY D 205 2.47 14.38 -21.00
CA GLY D 205 2.67 13.22 -21.84
C GLY D 205 1.55 12.22 -21.76
N ILE D 206 0.64 12.41 -20.82
CA ILE D 206 -0.42 11.44 -20.56
C ILE D 206 -1.46 11.33 -21.68
N PRO D 207 -2.03 12.40 -22.27
CA PRO D 207 -3.02 12.16 -23.33
C PRO D 207 -2.46 11.64 -24.63
N GLN D 208 -1.16 11.72 -24.87
CA GLN D 208 -0.61 11.04 -26.03
C GLN D 208 -0.19 9.61 -25.73
N ILE D 209 -0.26 9.17 -24.48
CA ILE D 209 0.16 7.83 -24.12
C ILE D 209 -0.99 6.97 -23.62
N LYS D 210 -2.12 7.54 -23.26
CA LYS D 210 -3.30 6.75 -22.99
C LYS D 210 -4.19 6.64 -24.21
N CYS D 211 -3.72 7.11 -25.36
CA CYS D 211 -4.31 6.80 -26.65
C CYS D 211 -3.52 5.74 -27.41
N PHE D 212 -2.19 5.76 -27.29
CA PHE D 212 -1.39 4.65 -27.81
C PHE D 212 -1.69 3.37 -27.07
N LEU D 213 -1.86 3.49 -25.75
CA LEU D 213 -2.18 2.35 -24.91
C LEU D 213 -3.51 1.77 -25.38
N ASN D 214 -4.42 2.67 -25.74
CA ASN D 214 -5.74 2.35 -26.28
C ASN D 214 -5.67 1.69 -27.67
N GLY D 215 -4.60 1.92 -28.41
CA GLY D 215 -4.44 1.36 -29.74
C GLY D 215 -4.32 2.34 -30.89
N VAL D 216 -4.22 3.63 -30.60
CA VAL D 216 -4.12 4.63 -31.67
C VAL D 216 -2.67 5.07 -31.78
N LYS D 217 -2.06 4.85 -32.94
CA LYS D 217 -0.69 5.28 -33.15
C LYS D 217 -0.72 6.76 -33.52
N ILE D 218 -0.49 7.62 -32.54
CA ILE D 218 -0.39 9.05 -32.82
C ILE D 218 0.89 9.24 -33.64
N PRO D 219 0.92 10.23 -34.53
CA PRO D 219 2.11 10.44 -35.35
C PRO D 219 3.33 10.77 -34.50
N HIS D 220 4.49 10.24 -34.89
CA HIS D 220 5.75 10.40 -34.15
C HIS D 220 5.59 9.82 -32.75
N VAL D 221 5.83 10.64 -31.72
CA VAL D 221 5.69 10.27 -30.30
C VAL D 221 6.73 9.34 -29.69
N VAL D 222 6.93 8.17 -30.29
CA VAL D 222 7.90 7.21 -29.76
C VAL D 222 9.35 7.45 -30.23
N ARG D 223 9.54 8.36 -31.17
CA ARG D 223 10.88 8.63 -31.70
C ARG D 223 11.83 9.20 -30.65
N LEU D 224 13.11 8.83 -30.75
CA LEU D 224 14.12 9.31 -29.82
C LEU D 224 14.13 10.82 -29.73
N LYS D 225 13.92 11.50 -30.85
CA LYS D 225 13.98 12.95 -30.84
C LYS D 225 12.93 13.55 -29.89
N THR D 226 11.77 12.91 -29.79
CA THR D 226 10.75 13.34 -28.84
C THR D 226 11.20 13.15 -27.40
N LEU D 227 11.91 12.05 -27.12
CA LEU D 227 12.48 11.84 -25.78
C LEU D 227 13.51 12.89 -25.43
N VAL D 228 14.41 13.18 -26.37
CA VAL D 228 15.49 14.13 -26.11
C VAL D 228 14.94 15.54 -25.93
N ILE D 229 13.90 15.90 -26.67
CA ILE D 229 13.35 17.23 -26.52
C ILE D 229 12.42 17.35 -25.32
N LYS D 230 11.77 16.26 -24.89
CA LYS D 230 10.93 16.36 -23.72
C LYS D 230 11.73 16.35 -22.42
N VAL D 231 12.75 15.49 -22.30
CA VAL D 231 13.49 15.44 -21.06
C VAL D 231 14.45 16.62 -20.93
N SER D 232 14.71 17.34 -22.02
CA SER D 232 15.46 18.59 -21.97
C SER D 232 14.56 19.80 -22.12
N GLY D 233 13.25 19.61 -22.04
CA GLY D 233 12.31 20.71 -22.09
C GLY D 233 11.62 20.89 -20.77
N VAL D 234 11.62 19.84 -19.94
CA VAL D 234 11.05 19.96 -18.60
C VAL D 234 12.08 20.48 -17.61
N ILE D 235 13.37 20.24 -17.85
CA ILE D 235 14.42 20.85 -17.05
C ILE D 235 14.47 22.34 -17.30
N LEU D 236 14.41 22.73 -18.56
CA LEU D 236 14.59 24.12 -18.94
C LEU D 236 13.36 24.96 -18.69
N SER D 237 12.21 24.35 -18.40
CA SER D 237 10.99 25.10 -18.12
C SER D 237 10.69 25.25 -16.64
N VAL D 238 10.98 24.23 -15.82
CA VAL D 238 10.76 24.34 -14.39
C VAL D 238 11.71 25.37 -13.79
N VAL D 239 12.99 25.32 -14.17
CA VAL D 239 13.93 26.32 -13.70
C VAL D 239 13.74 27.65 -14.41
N GLY D 240 13.01 27.62 -15.51
CA GLY D 240 12.67 28.80 -16.28
C GLY D 240 11.81 29.73 -15.44
N GLY D 241 10.96 29.12 -14.61
CA GLY D 241 10.05 29.84 -13.73
C GLY D 241 8.65 29.95 -14.29
N LEU D 242 7.91 28.87 -14.12
CA LEU D 242 6.52 28.75 -14.54
C LEU D 242 5.77 27.86 -13.56
N ALA D 243 4.46 27.98 -13.48
CA ALA D 243 3.70 27.14 -12.56
C ALA D 243 3.37 25.79 -13.17
N VAL D 244 4.39 24.95 -13.32
CA VAL D 244 4.19 23.61 -13.89
C VAL D 244 4.97 22.54 -13.13
N GLY D 245 4.35 21.38 -12.97
CA GLY D 245 4.96 20.25 -12.30
C GLY D 245 5.92 19.49 -13.17
N LYS D 246 6.81 18.72 -12.54
CA LYS D 246 7.78 17.89 -13.24
C LYS D 246 7.44 16.41 -13.22
N GLU D 247 6.48 15.97 -12.41
CA GLU D 247 6.12 14.56 -12.32
C GLU D 247 5.12 14.14 -13.39
N GLY D 248 4.60 15.08 -14.15
CA GLY D 248 3.85 14.79 -15.34
C GLY D 248 4.63 14.04 -16.41
N PRO D 249 5.68 14.66 -16.97
CA PRO D 249 6.38 14.06 -18.11
C PRO D 249 7.27 12.87 -17.77
N MET D 250 7.15 12.26 -16.60
CA MET D 250 7.92 11.05 -16.35
C MET D 250 7.27 9.82 -16.97
N ILE D 251 5.96 9.86 -17.20
CA ILE D 251 5.27 8.73 -17.79
C ILE D 251 5.63 8.58 -19.26
N HIS D 252 5.59 9.68 -20.00
CA HIS D 252 5.91 9.62 -21.42
C HIS D 252 7.40 9.33 -21.63
N SER D 253 8.26 9.94 -20.81
CA SER D 253 9.69 9.70 -20.93
C SER D 253 10.07 8.29 -20.48
N GLY D 254 9.29 7.68 -19.60
CA GLY D 254 9.52 6.30 -19.28
C GLY D 254 8.84 5.33 -20.21
N SER D 255 7.98 5.83 -21.08
CA SER D 255 7.37 5.00 -22.10
C SER D 255 8.14 5.00 -23.41
N VAL D 256 8.90 6.05 -23.70
CA VAL D 256 9.65 6.08 -24.96
C VAL D 256 10.83 5.11 -24.91
N ILE D 257 11.56 5.08 -23.79
CA ILE D 257 12.65 4.12 -23.65
C ILE D 257 12.16 2.70 -23.47
N ALA D 258 10.85 2.50 -23.30
CA ALA D 258 10.30 1.15 -23.25
C ALA D 258 10.22 0.54 -24.63
N ALA D 259 9.80 1.32 -25.62
CA ALA D 259 9.63 0.82 -26.98
C ALA D 259 10.81 1.19 -27.86
N GLY D 260 11.97 1.42 -27.27
CA GLY D 260 13.15 1.72 -28.03
C GLY D 260 14.26 0.70 -27.83
N ILE D 261 14.36 0.16 -26.62
CA ILE D 261 15.30 -0.92 -26.34
C ILE D 261 14.64 -2.27 -26.46
N SER D 262 13.31 -2.33 -26.54
CA SER D 262 12.63 -3.58 -26.81
C SER D 262 12.87 -4.05 -28.24
N GLN D 263 13.14 -3.13 -29.15
CA GLN D 263 13.33 -3.51 -30.54
C GLN D 263 14.77 -3.90 -30.83
N GLY D 264 15.72 -3.18 -30.26
CA GLY D 264 17.11 -3.41 -30.59
C GLY D 264 17.48 -2.99 -31.99
N ARG D 265 16.86 -1.93 -32.50
CA ARG D 265 17.10 -1.47 -33.87
C ARG D 265 17.75 -0.10 -33.95
N SER D 266 17.20 0.90 -33.26
CA SER D 266 17.63 2.31 -33.34
C SER D 266 17.59 2.81 -34.78
N THR D 267 16.36 2.92 -35.28
CA THR D 267 16.10 3.10 -36.71
C THR D 267 16.63 4.40 -37.31
N SER D 268 17.13 5.34 -36.49
CA SER D 268 17.88 6.50 -36.97
C SER D 268 19.01 6.10 -37.92
N LEU D 269 19.99 5.36 -37.40
CA LEU D 269 21.05 4.71 -38.18
C LEU D 269 21.72 3.70 -37.27
N LYS D 270 22.67 2.93 -37.83
CA LYS D 270 23.57 2.05 -37.08
C LYS D 270 22.84 1.01 -36.25
N ARG D 271 22.31 -0.03 -36.90
CA ARG D 271 21.35 -1.01 -36.34
C ARG D 271 21.70 -1.58 -34.97
N ASP D 272 22.98 -1.54 -34.54
CA ASP D 272 23.42 -1.64 -33.15
C ASP D 272 23.23 -3.00 -32.48
N PHE D 273 22.58 -3.94 -33.17
CA PHE D 273 22.34 -5.27 -32.65
C PHE D 273 21.87 -6.16 -33.79
N LYS D 274 22.15 -7.44 -33.67
CA LYS D 274 21.38 -8.48 -34.33
C LYS D 274 20.56 -9.27 -33.32
N ILE D 275 20.56 -8.82 -32.07
CA ILE D 275 19.85 -9.48 -30.97
C ILE D 275 18.43 -8.93 -30.98
N PHE D 276 17.52 -9.60 -30.25
CA PHE D 276 16.15 -9.15 -29.99
C PHE D 276 15.29 -9.09 -31.24
N GLU D 277 15.48 -10.05 -32.13
CA GLU D 277 14.38 -10.45 -32.99
C GLU D 277 13.39 -11.28 -32.18
N TYR D 278 12.26 -11.61 -32.80
CA TYR D 278 11.02 -12.19 -32.28
C TYR D 278 10.21 -11.13 -31.50
N PHE D 279 10.78 -9.96 -31.21
CA PHE D 279 10.04 -8.89 -30.56
C PHE D 279 9.74 -7.76 -31.51
N ARG D 280 10.20 -7.84 -32.76
CA ARG D 280 9.98 -6.78 -33.74
C ARG D 280 8.60 -6.93 -34.37
N ARG D 281 7.58 -6.75 -33.54
CA ARG D 281 6.18 -6.81 -33.96
C ARG D 281 5.35 -6.18 -32.86
N ASP D 282 4.09 -5.92 -33.17
CA ASP D 282 3.13 -5.55 -32.16
C ASP D 282 2.61 -6.83 -31.54
N THR D 283 2.00 -6.70 -30.35
CA THR D 283 1.68 -7.67 -29.28
C THR D 283 2.92 -7.83 -28.39
N GLU D 284 4.04 -7.23 -28.79
CA GLU D 284 5.09 -6.98 -27.82
C GLU D 284 5.26 -5.49 -27.56
N LYS D 285 4.95 -4.66 -28.56
CA LYS D 285 5.08 -3.22 -28.41
C LYS D 285 4.18 -2.69 -27.30
N ARG D 286 2.92 -3.13 -27.27
CA ARG D 286 2.05 -2.65 -26.21
C ARG D 286 2.34 -3.33 -24.88
N ASP D 287 2.84 -4.56 -24.92
CA ASP D 287 3.21 -5.23 -23.68
C ASP D 287 4.44 -4.63 -23.03
N PHE D 288 5.29 -3.93 -23.77
CA PHE D 288 6.38 -3.23 -23.10
C PHE D 288 6.11 -1.77 -22.86
N VAL D 289 5.20 -1.14 -23.63
CA VAL D 289 4.78 0.20 -23.26
C VAL D 289 3.97 0.18 -21.98
N SER D 290 3.21 -0.90 -21.73
CA SER D 290 2.51 -1.04 -20.46
C SER D 290 3.46 -1.19 -19.29
N ALA D 291 4.62 -1.82 -19.49
CA ALA D 291 5.61 -1.92 -18.43
C ALA D 291 6.45 -0.67 -18.31
N GLY D 292 6.50 0.15 -19.34
CA GLY D 292 7.21 1.41 -19.24
C GLY D 292 6.40 2.47 -18.53
N ALA D 293 5.11 2.58 -18.87
CA ALA D 293 4.28 3.63 -18.28
C ALA D 293 3.93 3.35 -16.83
N ALA D 294 4.00 2.11 -16.39
CA ALA D 294 3.85 1.79 -14.98
C ALA D 294 5.16 1.83 -14.23
N ALA D 295 6.24 2.22 -14.89
CA ALA D 295 7.50 2.48 -14.24
C ALA D 295 7.81 3.96 -14.16
N GLY D 296 6.90 4.80 -14.63
CA GLY D 296 7.05 6.22 -14.48
C GLY D 296 6.09 6.74 -13.44
N VAL D 297 5.00 6.02 -13.21
CA VAL D 297 4.08 6.41 -12.15
C VAL D 297 4.65 6.06 -10.80
N SER D 298 5.35 4.92 -10.69
CA SER D 298 5.97 4.59 -9.42
C SER D 298 7.21 5.44 -9.18
N ALA D 299 7.98 5.73 -10.22
CA ALA D 299 9.20 6.49 -10.05
C ALA D 299 8.96 7.98 -9.85
N ALA D 300 7.73 8.45 -9.95
CA ALA D 300 7.44 9.86 -9.73
C ALA D 300 6.59 10.12 -8.50
N PHE D 301 5.95 9.11 -7.94
CA PHE D 301 5.08 9.27 -6.77
C PHE D 301 5.47 8.40 -5.61
N GLY D 302 6.07 7.24 -5.85
CA GLY D 302 6.45 6.35 -4.79
C GLY D 302 5.55 5.16 -4.62
N ALA D 303 4.59 4.97 -5.51
CA ALA D 303 3.61 3.91 -5.38
C ALA D 303 3.81 2.87 -6.47
N PRO D 304 4.39 1.73 -6.17
CA PRO D 304 4.55 0.69 -7.20
C PRO D 304 3.25 -0.02 -7.52
N VAL D 305 2.42 -0.26 -6.50
CA VAL D 305 1.18 -0.98 -6.72
C VAL D 305 0.12 -0.08 -7.34
N GLY D 306 0.33 1.23 -7.34
CA GLY D 306 -0.56 2.11 -8.07
C GLY D 306 -0.26 2.13 -9.56
N GLY D 307 1.01 1.95 -9.93
CA GLY D 307 1.39 1.97 -11.32
C GLY D 307 0.79 0.83 -12.13
N VAL D 308 0.74 -0.36 -11.53
CA VAL D 308 0.16 -1.50 -12.24
C VAL D 308 -1.33 -1.32 -12.42
N LEU D 309 -2.02 -0.71 -11.45
CA LEU D 309 -3.45 -0.43 -11.62
C LEU D 309 -3.68 0.65 -12.67
N PHE D 310 -2.77 1.61 -12.78
CA PHE D 310 -2.85 2.59 -13.86
C PHE D 310 -2.75 1.90 -15.22
N SER D 311 -1.69 1.11 -15.41
CA SER D 311 -1.46 0.48 -16.70
C SER D 311 -2.51 -0.56 -17.03
N LEU D 312 -3.11 -1.18 -16.01
CA LEU D 312 -4.25 -2.06 -16.25
C LEU D 312 -5.50 -1.28 -16.63
N GLU D 313 -5.74 -0.18 -15.93
CA GLU D 313 -6.96 0.61 -16.11
C GLU D 313 -7.05 1.07 -17.52
N GLU D 314 -5.97 1.59 -18.05
CA GLU D 314 -5.99 1.94 -19.47
C GLU D 314 -5.93 0.70 -20.35
N GLY D 315 -5.14 -0.28 -19.98
CA GLY D 315 -4.97 -1.50 -20.76
C GLY D 315 -6.02 -2.56 -20.48
N ALA D 316 -7.19 -2.45 -21.10
CA ALA D 316 -8.36 -3.24 -20.71
C ALA D 316 -8.38 -4.63 -21.34
N SER D 317 -7.23 -5.25 -21.55
CA SER D 317 -7.17 -6.56 -22.16
C SER D 317 -7.65 -7.66 -21.19
N PHE D 318 -7.67 -8.88 -21.68
CA PHE D 318 -7.98 -10.04 -20.85
C PHE D 318 -6.88 -10.26 -19.83
N TRP D 319 -7.24 -10.72 -18.64
CA TRP D 319 -6.26 -10.85 -17.59
C TRP D 319 -5.39 -12.10 -17.65
N ASN D 320 -4.09 -11.88 -17.75
CA ASN D 320 -3.11 -12.96 -17.75
C ASN D 320 -2.15 -12.63 -16.63
N GLN D 321 -1.93 -13.59 -15.74
CA GLN D 321 -1.08 -13.37 -14.58
C GLN D 321 0.38 -13.05 -14.87
N PHE D 322 0.96 -13.71 -15.85
CA PHE D 322 2.38 -13.51 -16.15
C PHE D 322 2.75 -12.08 -16.55
N LEU D 323 1.91 -11.44 -17.35
CA LEU D 323 2.19 -10.08 -17.80
C LEU D 323 2.11 -9.09 -16.65
N THR D 324 1.11 -9.24 -15.79
CA THR D 324 1.02 -8.38 -14.62
C THR D 324 2.15 -8.66 -13.65
N TRP D 325 2.59 -9.91 -13.59
CA TRP D 325 3.71 -10.25 -12.72
C TRP D 325 5.05 -9.80 -13.30
N ARG D 326 5.10 -9.33 -14.55
CA ARG D 326 6.27 -8.61 -15.03
C ARG D 326 6.14 -7.11 -14.95
N ILE D 327 4.93 -6.57 -15.08
CA ILE D 327 4.74 -5.13 -14.91
C ILE D 327 5.00 -4.73 -13.46
N PHE D 328 4.64 -5.60 -12.52
CA PHE D 328 4.94 -5.35 -11.12
C PHE D 328 6.43 -5.41 -10.85
N PHE D 329 7.12 -6.34 -11.51
CA PHE D 329 8.57 -6.46 -11.35
C PHE D 329 9.31 -5.30 -11.99
N ALA D 330 8.80 -4.77 -13.09
CA ALA D 330 9.41 -3.60 -13.71
C ALA D 330 9.06 -2.33 -12.96
N SER D 331 7.98 -2.32 -12.20
CA SER D 331 7.66 -1.15 -11.40
C SER D 331 8.43 -1.10 -10.10
N MET D 332 8.71 -2.26 -9.50
CA MET D 332 9.38 -2.26 -8.20
C MET D 332 10.85 -1.87 -8.31
N ILE D 333 11.48 -2.08 -9.47
CA ILE D 333 12.87 -1.68 -9.65
C ILE D 333 13.02 -0.16 -9.60
N SER D 334 12.10 0.57 -10.25
CA SER D 334 12.28 2.00 -10.46
C SER D 334 12.21 2.82 -9.19
N THR D 335 11.63 2.32 -8.11
CA THR D 335 11.70 3.02 -6.85
C THR D 335 12.81 2.49 -5.97
N PHE D 336 13.63 1.59 -6.49
CA PHE D 336 14.83 1.17 -5.79
C PHE D 336 16.09 1.72 -6.41
N THR D 337 16.14 1.90 -7.74
CA THR D 337 17.26 2.60 -8.35
C THR D 337 17.02 4.10 -8.41
N LEU D 338 16.14 4.61 -7.57
CA LEU D 338 16.01 6.02 -7.32
C LEU D 338 16.34 6.36 -5.87
N ASN D 339 16.08 5.46 -4.94
CA ASN D 339 16.62 5.60 -3.60
C ASN D 339 18.12 5.42 -3.58
N PHE D 340 18.61 4.42 -4.32
CA PHE D 340 20.00 4.04 -4.20
C PHE D 340 20.94 5.00 -4.90
N VAL D 341 20.45 5.84 -5.81
CA VAL D 341 21.29 6.84 -6.43
C VAL D 341 21.24 8.16 -5.66
N LEU D 342 20.04 8.60 -5.27
CA LEU D 342 19.93 9.83 -4.49
C LEU D 342 20.52 9.69 -3.10
N SER D 343 20.50 8.48 -2.53
CA SER D 343 21.11 8.31 -1.21
C SER D 343 22.62 8.25 -1.28
N ILE D 344 23.19 7.79 -2.40
CA ILE D 344 24.61 7.98 -2.64
C ILE D 344 24.92 9.45 -2.83
N TYR D 345 24.02 10.18 -3.49
CA TYR D 345 24.26 11.59 -3.79
C TYR D 345 24.26 12.45 -2.54
N HIS D 346 23.25 12.31 -1.69
CA HIS D 346 23.17 13.17 -0.52
C HIS D 346 24.20 12.80 0.55
N GLY D 347 24.07 11.61 1.12
CA GLY D 347 24.86 11.24 2.27
C GLY D 347 25.20 9.77 2.36
N ASN D 348 24.91 9.18 3.52
CA ASN D 348 25.18 7.77 3.73
C ASN D 348 24.16 6.91 2.99
N MET D 349 24.60 5.74 2.55
CA MET D 349 23.76 4.84 1.78
C MET D 349 22.78 4.05 2.64
N TRP D 350 22.90 4.12 3.97
CA TRP D 350 22.04 3.36 4.86
C TRP D 350 20.78 4.12 5.27
N ASP D 351 20.37 5.11 4.48
CA ASP D 351 19.14 5.86 4.73
C ASP D 351 18.33 5.85 3.44
N LEU D 352 17.39 4.91 3.34
CA LEU D 352 16.67 4.67 2.08
C LEU D 352 15.36 5.44 2.03
N SER D 353 15.32 6.64 2.58
CA SER D 353 14.16 7.52 2.44
C SER D 353 14.20 8.19 1.06
N SER D 354 13.32 9.19 0.88
CA SER D 354 13.09 9.88 -0.39
C SER D 354 12.75 8.91 -1.52
N PRO D 355 11.59 8.25 -1.35
CA PRO D 355 11.20 7.13 -2.18
C PRO D 355 10.91 7.51 -3.63
N GLY D 356 10.64 8.79 -3.91
CA GLY D 356 10.39 9.23 -5.28
C GLY D 356 10.63 10.73 -5.37
N LEU D 357 10.14 11.34 -6.46
CA LEU D 357 10.34 12.77 -6.66
C LEU D 357 9.51 13.61 -5.71
N ILE D 358 8.38 13.09 -5.23
CA ILE D 358 7.59 13.75 -4.21
C ILE D 358 7.46 12.81 -3.02
N ASN D 359 7.56 13.36 -1.82
CA ASN D 359 7.65 12.55 -0.60
C ASN D 359 6.72 13.13 0.44
N PHE D 360 5.54 12.53 0.59
CA PHE D 360 4.69 12.88 1.71
C PHE D 360 5.31 12.29 2.96
N GLY D 361 4.95 12.84 4.12
CA GLY D 361 5.60 12.47 5.35
C GLY D 361 5.13 11.16 5.94
N ARG D 362 5.12 11.11 7.27
CA ARG D 362 4.85 9.88 7.99
C ARG D 362 3.36 9.61 8.18
N PHE D 363 2.63 10.61 8.66
CA PHE D 363 1.22 10.50 9.10
C PHE D 363 1.01 9.37 10.12
N ALA D 369 -5.56 10.46 12.64
CA ALA D 369 -6.55 10.06 13.63
C ALA D 369 -7.83 10.86 13.46
N TYR D 370 -8.94 10.17 13.17
CA TYR D 370 -10.21 10.82 12.94
C TYR D 370 -11.32 9.97 13.55
N THR D 371 -12.50 10.55 13.64
CA THR D 371 -13.68 9.90 14.20
C THR D 371 -14.75 9.77 13.12
N ILE D 372 -15.85 9.10 13.48
CA ILE D 372 -16.95 8.95 12.54
C ILE D 372 -17.73 10.26 12.40
N HIS D 373 -17.71 11.10 13.43
CA HIS D 373 -18.57 12.28 13.50
C HIS D 373 -18.22 13.36 12.50
N GLU D 374 -17.09 13.26 11.82
CA GLU D 374 -16.72 14.20 10.78
C GLU D 374 -16.66 13.56 9.40
N ILE D 375 -17.22 12.35 9.26
CA ILE D 375 -17.38 11.76 7.93
C ILE D 375 -18.26 12.58 6.98
N PRO D 376 -19.36 13.21 7.40
CA PRO D 376 -20.05 14.13 6.46
C PRO D 376 -19.23 15.32 6.04
N VAL D 377 -18.34 15.83 6.91
CA VAL D 377 -17.58 17.04 6.63
C VAL D 377 -16.67 16.83 5.42
N PHE D 378 -16.03 15.66 5.33
CA PHE D 378 -15.19 15.35 4.18
C PHE D 378 -16.00 15.27 2.89
N ILE D 379 -17.24 14.77 2.96
CA ILE D 379 -18.10 14.80 1.79
C ILE D 379 -18.42 16.24 1.42
N ALA D 380 -18.59 17.10 2.42
CA ALA D 380 -18.78 18.52 2.18
C ALA D 380 -17.54 19.20 1.64
N MET D 381 -16.38 18.55 1.68
CA MET D 381 -15.25 19.11 0.95
C MET D 381 -15.30 18.71 -0.52
N GLY D 382 -15.72 17.47 -0.78
CA GLY D 382 -15.57 16.91 -2.12
C GLY D 382 -16.44 17.61 -3.15
N VAL D 383 -17.63 18.04 -2.74
CA VAL D 383 -18.50 18.83 -3.60
C VAL D 383 -17.83 20.12 -4.00
N VAL D 384 -17.16 20.78 -3.05
CA VAL D 384 -16.37 21.97 -3.36
C VAL D 384 -15.26 21.61 -4.32
N GLY D 385 -14.63 20.46 -4.13
CA GLY D 385 -13.60 19.99 -5.03
C GLY D 385 -14.10 19.69 -6.42
N GLY D 386 -15.40 19.46 -6.58
CA GLY D 386 -15.92 19.35 -7.91
C GLY D 386 -16.02 20.72 -8.54
N VAL D 387 -16.62 21.65 -7.78
CA VAL D 387 -17.14 22.88 -8.37
C VAL D 387 -16.01 23.77 -8.86
N LEU D 388 -15.04 24.06 -7.98
CA LEU D 388 -13.84 24.77 -8.39
C LEU D 388 -13.06 24.02 -9.45
N GLY D 389 -13.08 22.67 -9.38
CA GLY D 389 -12.50 21.88 -10.45
C GLY D 389 -13.20 22.14 -11.77
N ALA D 390 -14.53 22.17 -11.76
CA ALA D 390 -15.26 22.48 -12.99
C ALA D 390 -15.21 23.95 -13.35
N VAL D 391 -14.55 24.80 -12.57
CA VAL D 391 -14.24 26.14 -13.05
C VAL D 391 -12.83 26.16 -13.65
N PHE D 392 -11.91 25.35 -13.10
CA PHE D 392 -10.58 25.23 -13.68
C PHE D 392 -10.64 24.54 -15.03
N ASN D 393 -11.57 23.61 -15.19
CA ASN D 393 -11.59 22.71 -16.32
C ASN D 393 -12.50 23.21 -17.42
N ALA D 394 -13.09 24.39 -17.24
CA ALA D 394 -14.05 24.93 -18.18
C ALA D 394 -13.53 26.15 -18.91
N LEU D 395 -13.04 27.16 -18.18
CA LEU D 395 -12.64 28.39 -18.84
C LEU D 395 -11.33 28.21 -19.60
N ASN D 396 -10.50 27.26 -19.16
CA ASN D 396 -9.37 26.80 -19.95
C ASN D 396 -9.82 26.35 -21.33
N TYR D 397 -10.96 25.64 -21.39
CA TYR D 397 -11.56 25.25 -22.67
C TYR D 397 -11.88 26.47 -23.51
N TRP D 398 -12.51 27.49 -22.90
CA TRP D 398 -12.80 28.72 -23.63
C TRP D 398 -11.54 29.45 -24.02
N LEU D 399 -10.44 29.17 -23.35
CA LEU D 399 -9.18 29.72 -23.78
C LEU D 399 -8.56 28.90 -24.91
N THR D 400 -8.64 27.57 -24.83
CA THR D 400 -7.83 26.74 -25.71
C THR D 400 -8.28 26.81 -27.16
N MET D 401 -9.60 26.86 -27.39
CA MET D 401 -10.06 27.04 -28.77
C MET D 401 -9.68 28.41 -29.30
N PHE D 402 -9.61 29.43 -28.44
CA PHE D 402 -9.08 30.72 -28.87
C PHE D 402 -7.64 30.56 -29.31
N ARG D 403 -6.87 29.82 -28.54
CA ARG D 403 -5.48 29.58 -28.88
C ARG D 403 -5.35 28.72 -30.13
N ILE D 404 -6.37 27.91 -30.44
CA ILE D 404 -6.26 27.09 -31.65
C ILE D 404 -6.79 27.85 -32.85
N ARG D 405 -7.44 28.99 -32.63
CA ARG D 405 -8.06 29.69 -33.74
C ARG D 405 -7.16 30.77 -34.35
N TYR D 406 -6.39 31.47 -33.53
CA TYR D 406 -5.62 32.61 -33.99
C TYR D 406 -4.12 32.51 -33.81
N ILE D 407 -3.63 31.61 -32.95
CA ILE D 407 -2.21 31.57 -32.59
C ILE D 407 -1.65 30.24 -33.09
N HIS D 408 -2.13 29.79 -34.24
CA HIS D 408 -1.75 28.48 -34.77
C HIS D 408 -0.51 28.53 -35.66
N ARG D 409 0.54 29.20 -35.21
CA ARG D 409 1.75 29.28 -36.01
C ARG D 409 2.94 29.43 -35.08
N PRO D 410 4.12 28.90 -35.45
CA PRO D 410 5.23 28.84 -34.48
C PRO D 410 5.83 30.18 -34.11
N CYS D 411 5.61 31.24 -34.88
CA CYS D 411 6.25 32.51 -34.56
C CYS D 411 5.59 33.20 -33.37
N LEU D 412 4.29 32.98 -33.16
CA LEU D 412 3.56 33.74 -32.15
C LEU D 412 3.58 33.07 -30.78
N GLN D 413 3.52 31.75 -30.73
CA GLN D 413 3.39 31.08 -29.45
C GLN D 413 4.68 31.11 -28.63
N VAL D 414 5.84 31.31 -29.27
CA VAL D 414 7.08 31.55 -28.53
C VAL D 414 6.99 32.87 -27.77
N ILE D 415 6.52 33.92 -28.46
CA ILE D 415 6.32 35.22 -27.83
C ILE D 415 5.30 35.12 -26.71
N GLU D 416 4.28 34.30 -26.90
CA GLU D 416 3.24 34.17 -25.89
C GLU D 416 3.74 33.44 -24.65
N ALA D 417 4.63 32.46 -24.83
CA ALA D 417 5.24 31.80 -23.67
C ALA D 417 6.18 32.74 -22.92
N VAL D 418 6.92 33.59 -23.65
CA VAL D 418 7.79 34.57 -23.00
C VAL D 418 6.97 35.57 -22.19
N LEU D 419 5.82 35.99 -22.71
CA LEU D 419 4.99 36.94 -21.96
C LEU D 419 4.35 36.30 -20.74
N VAL D 420 4.00 35.02 -20.82
CA VAL D 420 3.49 34.32 -19.65
C VAL D 420 4.55 34.25 -18.56
N ALA D 421 5.82 34.01 -18.94
CA ALA D 421 6.87 33.97 -17.93
C ALA D 421 7.14 35.34 -17.31
N ALA D 422 7.09 36.41 -18.11
CA ALA D 422 7.34 37.74 -17.56
C ALA D 422 6.23 38.18 -16.62
N VAL D 423 4.97 37.87 -16.97
CA VAL D 423 3.87 38.22 -16.07
C VAL D 423 3.93 37.38 -14.79
N THR D 424 4.34 36.11 -14.91
CA THR D 424 4.50 35.28 -13.71
C THR D 424 5.58 35.81 -12.78
N ALA D 425 6.62 36.43 -13.33
CA ALA D 425 7.60 37.11 -12.49
C ALA D 425 6.99 38.33 -11.82
N THR D 426 6.36 39.20 -12.60
CA THR D 426 6.00 40.52 -12.10
C THR D 426 4.86 40.46 -11.08
N VAL D 427 3.91 39.53 -11.25
CA VAL D 427 2.83 39.39 -10.30
C VAL D 427 3.35 38.90 -8.95
N ALA D 428 4.29 37.97 -8.97
CA ALA D 428 4.90 37.49 -7.73
C ALA D 428 5.73 38.57 -7.05
N PHE D 429 6.40 39.42 -7.82
CA PHE D 429 7.20 40.46 -7.18
C PHE D 429 6.34 41.56 -6.59
N VAL D 430 5.24 41.91 -7.25
CA VAL D 430 4.30 42.87 -6.66
C VAL D 430 3.68 42.28 -5.40
N LEU D 431 3.38 40.99 -5.43
CA LEU D 431 2.67 40.38 -4.31
C LEU D 431 3.58 40.16 -3.11
N ILE D 432 4.89 40.05 -3.30
CA ILE D 432 5.79 40.00 -2.15
C ILE D 432 6.31 41.38 -1.75
N TYR D 433 6.20 42.38 -2.64
CA TYR D 433 6.61 43.72 -2.28
C TYR D 433 5.67 44.35 -1.26
N SER D 434 4.40 44.00 -1.30
CA SER D 434 3.37 44.66 -0.51
C SER D 434 2.93 43.85 0.69
N SER D 435 3.63 42.78 1.04
CA SER D 435 3.26 41.98 2.20
C SER D 435 3.61 42.69 3.49
N ARG D 436 2.76 42.52 4.50
CA ARG D 436 2.99 43.10 5.81
C ARG D 436 3.30 42.03 6.86
N ASP D 437 3.15 40.75 6.54
CA ASP D 437 3.25 39.68 7.51
C ASP D 437 4.65 39.10 7.49
N CYS D 438 5.37 39.24 8.61
CA CYS D 438 6.74 38.80 8.74
C CYS D 438 6.86 37.89 9.96
N GLN D 439 7.67 36.84 9.85
CA GLN D 439 7.77 35.87 10.93
C GLN D 439 9.24 35.54 11.22
N PRO D 440 9.58 35.20 12.46
CA PRO D 440 10.94 34.72 12.74
C PRO D 440 11.17 33.34 12.17
N LEU D 441 12.37 33.13 11.63
CA LEU D 441 12.68 31.87 10.97
C LEU D 441 12.95 30.77 12.00
N GLN D 442 12.75 29.53 11.57
CA GLN D 442 13.06 28.36 12.39
C GLN D 442 13.25 27.15 11.49
N GLY D 443 14.26 26.34 11.81
CA GLY D 443 14.45 25.07 11.12
C GLY D 443 14.90 25.25 9.67
N GLY D 444 14.29 24.46 8.79
CA GLY D 444 14.52 24.57 7.37
C GLY D 444 13.24 24.89 6.62
N SER D 445 12.37 25.68 7.26
CA SER D 445 11.10 26.04 6.65
C SER D 445 11.26 27.05 5.51
N MET D 446 12.40 27.73 5.44
CA MET D 446 12.69 28.64 4.33
C MET D 446 14.04 28.24 3.74
N SER D 447 14.05 27.89 2.46
CA SER D 447 15.29 27.48 1.83
C SER D 447 16.19 28.69 1.55
N TYR D 448 15.63 29.74 0.96
CA TYR D 448 16.35 30.99 0.72
C TYR D 448 15.63 32.10 1.45
N PRO D 449 16.11 32.49 2.63
CA PRO D 449 15.38 33.49 3.43
C PRO D 449 15.55 34.88 2.83
N LEU D 450 14.43 35.59 2.69
CA LEU D 450 14.43 36.92 2.11
C LEU D 450 13.97 37.93 3.14
N GLN D 451 14.76 38.98 3.33
CA GLN D 451 14.43 40.08 4.23
C GLN D 451 14.41 41.37 3.43
N LEU D 452 13.23 41.96 3.28
CA LEU D 452 13.15 43.33 2.82
C LEU D 452 11.99 43.99 3.54
N PHE D 453 12.23 45.20 4.04
CA PHE D 453 11.24 46.02 4.75
C PHE D 453 10.71 45.32 5.99
N CYS D 454 11.57 44.55 6.64
CA CYS D 454 11.21 43.83 7.85
C CYS D 454 12.27 44.10 8.90
N ALA D 455 11.90 43.86 10.16
CA ALA D 455 12.83 44.03 11.27
C ALA D 455 14.00 43.07 11.17
N ASP D 456 15.06 43.33 11.92
CA ASP D 456 16.24 42.49 11.84
C ASP D 456 15.99 41.14 12.50
N GLY D 457 16.45 40.09 11.84
CA GLY D 457 16.27 38.74 12.33
C GLY D 457 15.05 38.03 11.78
N GLU D 458 13.93 38.76 11.68
CA GLU D 458 12.72 38.21 11.10
C GLU D 458 12.84 38.16 9.57
N TYR D 459 11.96 37.38 8.95
CA TYR D 459 11.99 37.24 7.51
C TYR D 459 10.60 37.29 6.91
N ASN D 460 10.51 37.76 5.68
CA ASN D 460 9.23 37.85 5.00
C ASN D 460 8.67 36.46 4.79
N SER D 461 7.37 36.30 5.00
CA SER D 461 6.72 35.02 4.84
C SER D 461 6.04 34.86 3.51
N MET D 462 5.85 35.94 2.77
CA MET D 462 5.30 35.85 1.42
C MET D 462 6.37 35.42 0.42
N ALA D 463 7.65 35.57 0.76
CA ALA D 463 8.70 35.05 -0.08
C ALA D 463 8.82 33.54 0.01
N ALA D 464 8.26 32.93 1.05
CA ALA D 464 7.99 31.51 1.00
C ALA D 464 6.86 31.25 0.01
N ALA D 465 6.86 30.04 -0.55
CA ALA D 465 5.97 29.58 -1.62
C ALA D 465 6.09 30.40 -2.90
N PHE D 466 7.19 31.12 -3.09
CA PHE D 466 7.57 31.57 -4.43
C PHE D 466 9.01 31.22 -4.73
N PHE D 467 9.88 31.27 -3.71
CA PHE D 467 11.28 30.96 -3.95
C PHE D 467 11.60 29.48 -3.83
N ASN D 468 10.87 28.73 -3.00
CA ASN D 468 11.16 27.31 -2.90
C ASN D 468 10.29 26.51 -3.88
N THR D 469 10.62 25.22 -3.99
CA THR D 469 9.96 24.33 -4.93
C THR D 469 8.52 24.09 -4.50
N PRO D 470 7.64 23.69 -5.44
CA PRO D 470 6.27 23.34 -5.05
C PRO D 470 6.17 22.12 -4.15
N GLU D 471 7.04 21.12 -4.31
CA GLU D 471 6.94 19.92 -3.49
C GLU D 471 7.24 20.21 -2.03
N LYS D 472 8.21 21.08 -1.77
CA LYS D 472 8.53 21.41 -0.39
C LYS D 472 7.43 22.24 0.25
N SER D 473 6.76 23.07 -0.54
CA SER D 473 5.64 23.84 -0.01
C SER D 473 4.44 22.96 0.27
N VAL D 474 4.21 21.94 -0.56
CA VAL D 474 3.10 21.03 -0.32
C VAL D 474 3.35 20.16 0.92
N VAL D 475 4.59 19.71 1.12
CA VAL D 475 4.91 18.97 2.34
C VAL D 475 4.80 19.85 3.57
N SER D 476 5.23 21.11 3.47
CA SER D 476 5.09 22.03 4.59
C SER D 476 3.64 22.33 4.91
N LEU D 477 2.77 22.38 3.90
CA LEU D 477 1.35 22.55 4.18
C LEU D 477 0.72 21.30 4.78
N PHE D 478 1.28 20.12 4.53
CA PHE D 478 0.71 18.97 5.24
C PHE D 478 1.15 18.91 6.70
N HIS D 479 2.40 19.28 7.01
CA HIS D 479 2.96 18.92 8.31
C HIS D 479 3.27 20.08 9.26
N ASP D 480 2.85 21.30 8.96
CA ASP D 480 3.19 22.35 9.92
C ASP D 480 2.24 22.34 11.11
N PRO D 481 2.74 22.69 12.30
CA PRO D 481 1.88 22.78 13.48
C PRO D 481 0.93 23.96 13.37
N PRO D 482 -0.19 23.95 14.10
CA PRO D 482 -1.21 25.00 13.89
C PRO D 482 -0.74 26.38 14.31
N GLY D 483 -1.43 27.37 13.78
CA GLY D 483 -1.06 28.75 14.03
C GLY D 483 0.22 29.16 13.35
N SER D 484 0.53 28.59 12.19
CA SER D 484 1.77 28.89 11.50
C SER D 484 1.59 29.71 10.23
N TYR D 485 0.38 29.80 9.70
CA TYR D 485 0.11 30.58 8.51
C TYR D 485 -0.88 31.69 8.81
N ASN D 486 -0.59 32.88 8.32
CA ASN D 486 -1.52 33.98 8.40
C ASN D 486 -2.59 33.78 7.35
N PRO D 487 -3.88 33.71 7.71
CA PRO D 487 -4.92 33.39 6.71
C PRO D 487 -5.24 34.46 5.69
N LEU D 488 -4.51 35.57 5.67
CA LEU D 488 -4.60 36.50 4.56
C LEU D 488 -3.56 36.20 3.49
N THR D 489 -2.44 35.61 3.90
CA THR D 489 -1.41 35.20 2.95
C THR D 489 -1.90 34.11 2.02
N LEU D 490 -2.55 33.08 2.57
CA LEU D 490 -3.01 31.96 1.74
C LEU D 490 -4.12 32.37 0.78
N GLY D 491 -4.94 33.35 1.15
CA GLY D 491 -5.99 33.80 0.25
C GLY D 491 -5.44 34.47 -1.00
N LEU D 492 -4.55 35.45 -0.81
CA LEU D 492 -3.94 36.12 -1.95
C LEU D 492 -2.95 35.24 -2.68
N PHE D 493 -2.48 34.16 -2.05
CA PHE D 493 -1.63 33.25 -2.79
C PHE D 493 -2.45 32.30 -3.66
N THR D 494 -3.53 31.74 -3.12
CA THR D 494 -4.33 30.81 -3.88
C THR D 494 -5.08 31.50 -5.01
N LEU D 495 -5.62 32.70 -4.76
CA LEU D 495 -6.39 33.40 -5.78
C LEU D 495 -5.52 33.88 -6.93
N VAL D 496 -4.21 33.95 -6.76
CA VAL D 496 -3.32 34.25 -7.87
C VAL D 496 -2.83 32.97 -8.54
N TYR D 497 -2.46 31.97 -7.74
CA TYR D 497 -1.85 30.77 -8.28
C TYR D 497 -2.83 29.91 -9.04
N PHE D 498 -4.12 30.00 -8.70
CA PHE D 498 -5.16 29.31 -9.46
C PHE D 498 -5.24 29.83 -10.89
N PHE D 499 -5.34 31.15 -11.06
CA PHE D 499 -5.45 31.70 -12.40
C PHE D 499 -4.14 31.58 -13.17
N LEU D 500 -2.99 31.62 -12.49
CA LEU D 500 -1.74 31.40 -13.22
C LEU D 500 -1.61 29.96 -13.69
N ALA D 501 -1.99 28.99 -12.86
CA ALA D 501 -1.92 27.60 -13.30
C ALA D 501 -2.98 27.28 -14.33
N CYS D 502 -4.05 28.06 -14.40
CA CYS D 502 -5.02 27.85 -15.48
C CYS D 502 -4.55 28.46 -16.78
N TRP D 503 -3.93 29.64 -16.72
CA TRP D 503 -3.50 30.32 -17.93
C TRP D 503 -2.20 29.74 -18.47
N THR D 504 -1.44 29.01 -17.66
CA THR D 504 -0.18 28.46 -18.13
C THR D 504 -0.39 27.12 -18.83
N TYR D 505 -1.35 26.31 -18.38
CA TYR D 505 -1.55 25.01 -18.99
C TYR D 505 -2.13 25.14 -20.39
N GLY D 506 -1.64 24.29 -21.29
CA GLY D 506 -1.99 24.41 -22.69
C GLY D 506 -0.99 25.20 -23.50
N LEU D 507 0.04 25.74 -22.86
CA LEU D 507 1.13 26.39 -23.57
C LEU D 507 1.90 25.38 -24.42
N THR D 508 2.81 25.92 -25.24
CA THR D 508 3.64 25.11 -26.10
C THR D 508 4.95 24.69 -25.44
N VAL D 509 4.98 24.62 -24.11
CA VAL D 509 6.12 24.07 -23.39
C VAL D 509 5.72 22.70 -22.84
N SER D 510 6.70 21.99 -22.30
CA SER D 510 6.54 20.58 -21.96
C SER D 510 6.62 20.38 -20.44
N ALA D 511 5.46 20.37 -19.78
CA ALA D 511 5.40 20.13 -18.35
C ALA D 511 3.99 19.72 -17.94
N GLY D 512 3.89 19.18 -16.73
CA GLY D 512 2.68 18.51 -16.27
C GLY D 512 1.77 19.40 -15.44
N VAL D 513 0.70 18.79 -14.93
CA VAL D 513 -0.34 19.54 -14.23
C VAL D 513 -0.75 18.83 -12.94
N PHE D 514 0.06 17.88 -12.48
CA PHE D 514 -0.23 17.21 -11.22
C PHE D 514 0.01 18.12 -10.02
N ILE D 515 1.25 18.56 -9.83
CA ILE D 515 1.65 19.34 -8.66
C ILE D 515 0.97 20.71 -8.59
N PRO D 516 0.70 21.44 -9.70
CA PRO D 516 -0.18 22.59 -9.58
C PRO D 516 -1.66 22.28 -9.39
N SER D 517 -2.02 21.04 -9.10
CA SER D 517 -3.34 20.74 -8.56
C SER D 517 -3.29 20.37 -7.08
N LEU D 518 -2.27 19.59 -6.68
CA LEU D 518 -2.11 19.29 -5.26
C LEU D 518 -1.80 20.53 -4.45
N LEU D 519 -1.10 21.51 -5.04
CA LEU D 519 -0.77 22.68 -4.24
C LEU D 519 -1.99 23.56 -4.02
N ILE D 520 -2.85 23.71 -5.04
CA ILE D 520 -4.08 24.46 -4.88
C ILE D 520 -5.01 23.75 -3.90
N GLY D 521 -5.09 22.43 -4.01
CA GLY D 521 -5.95 21.67 -3.13
C GLY D 521 -5.52 21.73 -1.67
N ALA D 522 -4.22 21.61 -1.43
CA ALA D 522 -3.73 21.72 -0.05
C ALA D 522 -3.85 23.14 0.47
N ALA D 523 -3.75 24.13 -0.41
CA ALA D 523 -3.89 25.53 0.00
C ALA D 523 -5.28 25.82 0.52
N TRP D 524 -6.32 25.57 -0.29
CA TRP D 524 -7.63 25.87 0.26
C TRP D 524 -8.11 24.81 1.24
N GLY D 525 -7.48 23.63 1.28
CA GLY D 525 -7.81 22.68 2.33
C GLY D 525 -7.35 23.15 3.71
N ARG D 526 -6.12 23.67 3.79
CA ARG D 526 -5.67 24.20 5.07
C ARG D 526 -6.40 25.50 5.42
N LEU D 527 -6.76 26.28 4.41
CA LEU D 527 -7.52 27.51 4.66
C LEU D 527 -8.92 27.20 5.16
N PHE D 528 -9.50 26.08 4.72
CA PHE D 528 -10.77 25.60 5.27
C PHE D 528 -10.60 24.96 6.64
N GLY D 529 -9.42 24.37 6.90
CA GLY D 529 -9.20 23.77 8.19
C GLY D 529 -8.93 24.76 9.30
N ILE D 530 -8.45 25.96 8.96
CA ILE D 530 -8.30 27.00 9.97
C ILE D 530 -9.66 27.49 10.44
N SER D 531 -10.63 27.58 9.52
CA SER D 531 -11.95 28.12 9.86
C SER D 531 -12.75 27.22 10.80
N LEU D 532 -12.43 25.93 10.86
CA LEU D 532 -13.02 25.06 11.88
C LEU D 532 -12.34 25.19 13.23
N SER D 533 -11.32 26.03 13.35
CA SER D 533 -10.67 26.29 14.62
C SER D 533 -11.00 27.66 15.18
N TYR D 534 -11.39 28.61 14.36
CA TYR D 534 -11.77 29.93 14.83
C TYR D 534 -13.27 30.06 15.07
N LEU D 535 -13.99 28.95 15.09
CA LEU D 535 -15.36 28.95 15.56
C LEU D 535 -15.66 27.88 16.60
N THR D 536 -14.76 26.93 16.82
CA THR D 536 -14.84 26.04 17.97
C THR D 536 -13.61 26.23 18.84
N GLY D 537 -13.49 25.40 19.87
CA GLY D 537 -12.28 25.40 20.66
C GLY D 537 -11.12 24.70 19.98
N ALA D 538 -11.43 23.77 19.07
CA ALA D 538 -10.46 22.98 18.30
C ALA D 538 -9.51 22.21 19.22
N ALA D 539 -10.11 21.26 19.93
CA ALA D 539 -9.33 20.53 20.93
C ALA D 539 -8.37 19.57 20.28
N ILE D 540 -8.88 18.54 19.61
CA ILE D 540 -8.04 17.55 18.98
C ILE D 540 -8.40 17.36 17.52
N TRP D 541 -9.69 17.33 17.21
CA TRP D 541 -10.16 16.86 15.91
C TRP D 541 -10.13 17.92 14.81
N ALA D 542 -9.64 19.12 15.08
CA ALA D 542 -9.60 20.17 14.07
C ALA D 542 -8.16 20.53 13.71
N ASP D 543 -7.31 19.53 13.59
CA ASP D 543 -5.94 19.75 13.15
C ASP D 543 -5.95 20.01 11.66
N PRO D 544 -5.34 21.09 11.17
CA PRO D 544 -5.37 21.38 9.73
C PRO D 544 -4.57 20.42 8.86
N GLY D 545 -3.75 19.53 9.45
CA GLY D 545 -3.03 18.55 8.67
C GLY D 545 -3.90 17.51 7.99
N LYS D 546 -5.11 17.29 8.50
CA LYS D 546 -6.02 16.40 7.79
C LYS D 546 -6.67 17.10 6.61
N TYR D 547 -7.13 18.33 6.83
CA TYR D 547 -7.91 19.00 5.80
C TYR D 547 -7.01 19.50 4.68
N ALA D 548 -5.75 19.78 4.97
CA ALA D 548 -4.79 20.06 3.91
C ALA D 548 -4.49 18.83 3.07
N LEU D 549 -4.70 17.64 3.60
CA LEU D 549 -4.57 16.42 2.80
C LEU D 549 -5.81 16.21 1.95
N MET D 550 -6.97 16.32 2.56
CA MET D 550 -8.20 15.97 1.86
C MET D 550 -8.79 17.14 1.10
N GLY D 551 -8.08 18.24 0.97
CA GLY D 551 -8.40 19.18 -0.08
C GLY D 551 -7.56 18.87 -1.30
N ALA D 552 -6.33 18.45 -1.06
CA ALA D 552 -5.44 18.09 -2.16
C ALA D 552 -5.89 16.82 -2.85
N ALA D 553 -6.51 15.90 -2.11
CA ALA D 553 -7.08 14.73 -2.77
C ALA D 553 -8.35 15.08 -3.54
N ALA D 554 -9.09 16.10 -3.09
CA ALA D 554 -10.31 16.48 -3.77
C ALA D 554 -10.03 17.22 -5.07
N GLN D 555 -8.99 18.05 -5.09
CA GLN D 555 -8.75 18.90 -6.24
C GLN D 555 -8.27 18.10 -7.45
N LEU D 556 -7.53 17.01 -7.23
CA LEU D 556 -7.14 16.13 -8.32
C LEU D 556 -8.35 15.45 -8.94
N GLY D 557 -9.26 14.95 -8.12
CA GLY D 557 -10.47 14.36 -8.65
C GLY D 557 -11.36 15.36 -9.32
N GLY D 558 -11.27 16.63 -8.92
CA GLY D 558 -12.00 17.67 -9.61
C GLY D 558 -11.43 18.03 -10.95
N ILE D 559 -10.12 18.00 -11.10
CA ILE D 559 -9.49 18.43 -12.35
C ILE D 559 -9.26 17.25 -13.29
N VAL D 560 -8.71 16.15 -12.78
CA VAL D 560 -8.39 14.99 -13.58
C VAL D 560 -9.24 13.84 -13.05
N ARG D 561 -10.31 13.51 -13.76
CA ARG D 561 -11.23 12.47 -13.30
C ARG D 561 -10.51 11.13 -13.38
N MET D 562 -10.08 10.64 -12.22
CA MET D 562 -9.29 9.42 -12.16
C MET D 562 -9.51 8.85 -10.77
N THR D 563 -10.13 7.67 -10.71
CA THR D 563 -10.69 7.18 -9.46
C THR D 563 -9.92 6.00 -8.88
N LEU D 564 -9.77 4.92 -9.65
CA LEU D 564 -9.21 3.71 -9.04
C LEU D 564 -7.69 3.78 -8.96
N SER D 565 -7.03 4.29 -9.97
CA SER D 565 -5.58 4.35 -9.95
C SER D 565 -5.04 5.53 -9.16
N LEU D 566 -5.90 6.39 -8.63
CA LEU D 566 -5.48 7.54 -7.84
C LEU D 566 -5.72 7.36 -6.36
N THR D 567 -6.75 6.60 -5.98
CA THR D 567 -6.96 6.26 -4.58
C THR D 567 -5.79 5.45 -4.04
N VAL D 568 -5.25 4.55 -4.87
CA VAL D 568 -4.15 3.71 -4.42
C VAL D 568 -2.87 4.50 -4.28
N ILE D 569 -2.57 5.40 -5.23
CA ILE D 569 -1.35 6.17 -5.10
C ILE D 569 -1.46 7.31 -4.10
N MET D 570 -2.67 7.65 -3.66
CA MET D 570 -2.77 8.48 -2.47
C MET D 570 -2.72 7.67 -1.19
N MET D 571 -3.00 6.36 -1.24
CA MET D 571 -2.84 5.51 -0.07
C MET D 571 -1.40 5.07 0.16
N GLU D 572 -0.61 4.89 -0.91
CA GLU D 572 0.74 4.37 -0.73
C GLU D 572 1.73 5.45 -0.40
N ALA D 573 1.54 6.65 -0.94
CA ALA D 573 2.46 7.73 -0.64
C ALA D 573 2.23 8.32 0.74
N THR D 574 1.04 8.12 1.32
CA THR D 574 0.80 8.59 2.68
C THR D 574 1.20 7.58 3.74
N SER D 575 1.52 6.34 3.33
CA SER D 575 2.02 5.26 4.19
C SER D 575 1.08 4.94 5.34
N ASN D 576 -0.22 5.12 5.14
CA ASN D 576 -1.21 4.89 6.18
C ASN D 576 -2.44 4.30 5.52
N VAL D 577 -2.89 3.16 6.03
CA VAL D 577 -4.06 2.50 5.44
C VAL D 577 -5.34 2.83 6.19
N THR D 578 -5.24 3.50 7.34
CA THR D 578 -6.43 4.00 8.00
C THR D 578 -7.05 5.15 7.21
N TYR D 579 -6.22 6.03 6.64
CA TYR D 579 -6.69 7.11 5.77
C TYR D 579 -7.14 6.66 4.45
N GLY D 580 -7.23 5.38 4.10
CA GLY D 580 -7.71 5.01 2.79
C GLY D 580 -9.21 5.17 2.62
N PHE D 581 -9.95 5.14 3.71
CA PHE D 581 -11.41 5.21 3.61
C PHE D 581 -11.98 6.62 3.39
N PRO D 582 -11.51 7.70 4.02
CA PRO D 582 -12.08 9.01 3.64
C PRO D 582 -11.66 9.48 2.26
N ILE D 583 -10.43 9.17 1.83
CA ILE D 583 -9.94 9.64 0.53
C ILE D 583 -10.78 9.04 -0.60
N MET D 584 -11.05 7.74 -0.52
CA MET D 584 -11.99 7.09 -1.44
C MET D 584 -13.36 7.73 -1.38
N LEU D 585 -13.77 8.18 -0.21
CA LEU D 585 -15.08 8.79 -0.09
C LEU D 585 -15.08 10.22 -0.63
N VAL D 586 -13.91 10.84 -0.77
CA VAL D 586 -13.85 12.17 -1.34
C VAL D 586 -13.83 12.12 -2.86
N LEU D 587 -12.90 11.35 -3.43
CA LEU D 587 -12.75 11.24 -4.87
C LEU D 587 -13.96 10.62 -5.55
N MET D 588 -14.74 9.82 -4.83
CA MET D 588 -15.99 9.32 -5.38
C MET D 588 -17.01 10.44 -5.54
N THR D 589 -17.01 11.41 -4.63
CA THR D 589 -17.95 12.51 -4.72
C THR D 589 -17.58 13.47 -5.82
N ALA D 590 -16.31 13.91 -5.84
CA ALA D 590 -15.84 14.95 -6.74
C ALA D 590 -15.85 14.53 -8.20
N LYS D 591 -16.07 13.26 -8.51
CA LYS D 591 -16.34 12.89 -9.88
C LYS D 591 -17.81 13.06 -10.22
N ILE D 592 -18.71 12.54 -9.38
CA ILE D 592 -20.12 12.53 -9.75
C ILE D 592 -20.80 13.87 -9.50
N VAL D 593 -20.09 14.84 -8.93
CA VAL D 593 -20.54 16.22 -8.94
C VAL D 593 -19.98 16.95 -10.15
N GLY D 594 -18.74 16.66 -10.50
CA GLY D 594 -18.11 17.35 -11.62
C GLY D 594 -18.54 16.85 -12.98
N ASP D 595 -19.05 15.62 -13.08
CA ASP D 595 -19.50 15.12 -14.37
C ASP D 595 -20.80 15.75 -14.84
N VAL D 596 -21.49 16.48 -13.97
CA VAL D 596 -22.71 17.15 -14.39
C VAL D 596 -22.39 18.31 -15.32
N PHE D 597 -21.28 18.99 -15.07
CA PHE D 597 -21.01 20.23 -15.78
C PHE D 597 -20.15 20.03 -17.02
N ILE D 598 -18.93 19.55 -16.86
CA ILE D 598 -17.95 19.53 -17.93
C ILE D 598 -17.15 18.24 -17.82
N GLU D 599 -16.42 17.91 -18.88
CA GLU D 599 -15.79 16.62 -19.04
C GLU D 599 -14.44 16.65 -18.31
N GLY D 600 -13.57 15.66 -18.53
CA GLY D 600 -12.27 15.65 -17.90
C GLY D 600 -11.32 16.64 -18.51
N LEU D 601 -10.17 16.82 -17.86
CA LEU D 601 -9.13 17.64 -18.46
C LEU D 601 -8.33 16.84 -19.47
N TYR D 602 -8.10 15.56 -19.21
CA TYR D 602 -7.39 14.74 -20.18
C TYR D 602 -8.29 14.29 -21.32
N ASP D 603 -9.60 14.53 -21.25
CA ASP D 603 -10.50 14.15 -22.33
C ASP D 603 -10.78 15.28 -23.30
N MET D 604 -10.67 16.53 -22.87
CA MET D 604 -10.83 17.62 -23.82
C MET D 604 -9.67 17.66 -24.80
N HIS D 605 -8.46 17.37 -24.33
CA HIS D 605 -7.32 17.37 -25.22
C HIS D 605 -7.21 16.09 -26.05
N ILE D 606 -8.15 15.17 -25.92
CA ILE D 606 -8.32 14.08 -26.85
C ILE D 606 -9.45 14.38 -27.84
N GLN D 607 -10.57 14.92 -27.36
CA GLN D 607 -11.67 15.25 -28.26
C GLN D 607 -11.37 16.43 -29.17
N LEU D 608 -10.51 17.36 -28.74
CA LEU D 608 -10.16 18.50 -29.57
C LEU D 608 -9.07 18.19 -30.59
N GLN D 609 -8.69 16.93 -30.75
CA GLN D 609 -7.80 16.52 -31.83
C GLN D 609 -8.43 15.44 -32.69
N SER D 610 -9.71 15.12 -32.44
CA SER D 610 -10.53 14.22 -33.25
C SER D 610 -9.99 12.79 -33.30
N VAL D 611 -9.29 12.38 -32.24
CA VAL D 611 -8.88 10.98 -32.10
C VAL D 611 -10.12 10.15 -31.82
N PRO D 612 -10.27 8.93 -32.41
CA PRO D 612 -11.45 8.10 -32.14
C PRO D 612 -11.66 7.73 -30.67
N PHE D 613 -10.72 6.99 -30.07
CA PHE D 613 -10.63 6.75 -28.64
C PHE D 613 -11.92 6.14 -28.08
N LEU D 614 -12.15 4.88 -28.43
CA LEU D 614 -13.28 4.18 -27.83
C LEU D 614 -12.93 3.84 -26.39
N HIS D 615 -13.84 4.12 -25.46
CA HIS D 615 -13.58 3.85 -24.04
C HIS D 615 -14.35 2.65 -23.50
N TRP D 616 -13.92 2.11 -22.36
CA TRP D 616 -14.57 0.92 -21.81
C TRP D 616 -16.04 1.11 -21.54
N GLU D 617 -16.79 0.06 -21.88
CA GLU D 617 -18.25 -0.12 -21.78
C GLU D 617 -18.98 0.59 -22.92
N ALA D 618 -20.30 0.50 -22.92
CA ALA D 618 -21.10 1.12 -23.97
C ALA D 618 -22.29 1.82 -23.34
N PRO D 619 -22.83 2.83 -24.01
CA PRO D 619 -23.97 3.57 -23.47
C PRO D 619 -25.18 2.68 -23.30
N VAL D 620 -25.89 2.83 -22.19
CA VAL D 620 -27.09 2.06 -21.92
C VAL D 620 -28.31 2.61 -22.64
N THR D 621 -28.27 3.85 -23.11
CA THR D 621 -29.39 4.39 -23.88
C THR D 621 -29.43 3.79 -25.29
N SER D 622 -28.28 3.36 -25.81
CA SER D 622 -28.15 2.78 -27.13
C SER D 622 -27.98 1.27 -27.06
N HIS D 623 -28.72 0.62 -26.17
CA HIS D 623 -28.51 -0.79 -25.86
C HIS D 623 -29.07 -1.73 -26.93
N SER D 624 -30.00 -1.29 -27.77
CA SER D 624 -30.71 -2.18 -28.69
C SER D 624 -30.40 -1.89 -30.16
N LEU D 625 -29.18 -1.46 -30.47
CA LEU D 625 -28.86 -1.08 -31.84
C LEU D 625 -28.70 -2.29 -32.76
N THR D 626 -28.49 -3.48 -32.18
CA THR D 626 -28.66 -4.80 -32.81
C THR D 626 -27.51 -5.09 -33.79
N ALA D 627 -26.48 -4.24 -33.80
CA ALA D 627 -25.17 -4.50 -34.39
C ALA D 627 -25.19 -4.77 -35.89
N ARG D 628 -26.26 -4.40 -36.58
CA ARG D 628 -26.28 -4.37 -38.03
C ARG D 628 -26.29 -2.96 -38.56
N GLU D 629 -26.83 -2.01 -37.79
CA GLU D 629 -26.70 -0.60 -38.13
C GLU D 629 -25.26 -0.13 -38.03
N VAL D 630 -24.49 -0.67 -37.07
CA VAL D 630 -23.11 -0.20 -36.86
C VAL D 630 -22.19 -1.10 -37.67
N MET D 631 -22.14 -0.84 -38.97
CA MET D 631 -21.17 -1.45 -39.87
C MET D 631 -21.14 -0.66 -41.16
N SER D 632 -20.16 -0.96 -42.00
CA SER D 632 -20.10 -0.46 -43.36
C SER D 632 -20.68 -1.53 -44.27
N THR D 633 -21.73 -1.17 -45.01
CA THR D 633 -22.52 -2.20 -45.67
C THR D 633 -21.86 -2.82 -46.90
N PRO D 634 -21.29 -2.07 -47.87
CA PRO D 634 -20.54 -2.77 -48.92
C PRO D 634 -19.14 -3.13 -48.43
N VAL D 635 -18.67 -4.29 -48.88
CA VAL D 635 -17.36 -4.79 -48.50
C VAL D 635 -16.55 -5.02 -49.76
N THR D 636 -15.38 -4.38 -49.85
CA THR D 636 -14.48 -4.59 -50.98
C THR D 636 -13.51 -5.72 -50.65
N CYS D 637 -14.07 -6.90 -50.47
CA CYS D 637 -13.28 -8.09 -50.20
C CYS D 637 -12.66 -8.60 -51.50
N LEU D 638 -11.69 -9.50 -51.36
CA LEU D 638 -11.01 -10.06 -52.52
C LEU D 638 -10.91 -11.57 -52.36
N ARG D 639 -11.27 -12.28 -53.43
CA ARG D 639 -11.19 -13.72 -53.50
C ARG D 639 -9.72 -14.16 -53.45
N ARG D 640 -9.48 -15.41 -53.06
CA ARG D 640 -8.12 -15.90 -53.13
C ARG D 640 -7.80 -16.29 -54.56
N ARG D 641 -6.53 -16.07 -54.94
CA ARG D 641 -5.90 -16.46 -56.22
C ARG D 641 -6.70 -16.06 -57.47
N GLU D 642 -7.05 -14.78 -57.58
CA GLU D 642 -7.56 -14.34 -58.88
C GLU D 642 -6.42 -14.06 -59.85
N LYS D 643 -5.70 -12.98 -59.60
CA LYS D 643 -4.79 -12.31 -60.54
C LYS D 643 -3.88 -11.39 -59.72
N VAL D 644 -3.20 -10.49 -60.41
CA VAL D 644 -2.41 -9.44 -59.77
C VAL D 644 -3.03 -8.07 -59.97
N GLY D 645 -3.62 -7.82 -61.14
CA GLY D 645 -4.20 -6.51 -61.43
C GLY D 645 -5.38 -6.16 -60.56
N VAL D 646 -6.09 -7.17 -60.05
CA VAL D 646 -7.20 -6.94 -59.13
C VAL D 646 -6.69 -6.37 -57.82
N ILE D 647 -5.66 -7.00 -57.24
CA ILE D 647 -5.21 -6.53 -55.93
C ILE D 647 -4.42 -5.23 -56.06
N VAL D 648 -3.81 -4.98 -57.22
CA VAL D 648 -3.13 -3.70 -57.44
C VAL D 648 -4.16 -2.57 -57.59
N ASP D 649 -5.24 -2.82 -58.31
CA ASP D 649 -6.27 -1.79 -58.42
C ASP D 649 -7.14 -1.67 -57.17
N VAL D 650 -7.12 -2.66 -56.26
CA VAL D 650 -7.86 -2.47 -55.02
C VAL D 650 -6.97 -1.84 -53.94
N LEU D 651 -5.64 -1.92 -54.08
CA LEU D 651 -4.81 -1.16 -53.15
C LEU D 651 -4.64 0.28 -53.64
N SER D 652 -4.24 0.47 -54.89
CA SER D 652 -3.98 1.80 -55.43
C SER D 652 -5.30 2.46 -55.78
N ASP D 653 -5.85 3.21 -54.84
CA ASP D 653 -7.10 3.92 -55.05
C ASP D 653 -7.13 5.12 -54.11
N THR D 654 -7.32 6.30 -54.66
CA THR D 654 -7.28 7.52 -53.87
C THR D 654 -8.53 7.69 -53.04
N ALA D 655 -9.69 7.28 -53.57
CA ALA D 655 -10.97 7.62 -52.97
C ALA D 655 -11.24 6.88 -51.67
N SER D 656 -10.51 5.80 -51.38
CA SER D 656 -10.76 5.02 -50.18
C SER D 656 -9.45 4.46 -49.66
N ASN D 657 -9.30 4.45 -48.33
CA ASN D 657 -8.17 3.82 -47.68
C ASN D 657 -8.70 2.73 -46.75
N HIS D 658 -8.48 1.48 -47.13
CA HIS D 658 -8.87 0.32 -46.34
C HIS D 658 -7.61 -0.47 -46.05
N ASN D 659 -7.47 -0.97 -44.81
CA ASN D 659 -6.27 -1.67 -44.39
C ASN D 659 -6.45 -3.17 -44.25
N GLY D 660 -7.68 -3.68 -44.24
CA GLY D 660 -7.89 -5.11 -44.11
C GLY D 660 -8.89 -5.66 -45.10
N PHE D 661 -8.61 -6.83 -45.68
CA PHE D 661 -9.45 -7.39 -46.72
C PHE D 661 -9.73 -8.85 -46.39
N PRO D 662 -10.98 -9.27 -46.28
CA PRO D 662 -11.28 -10.69 -46.06
C PRO D 662 -11.29 -11.47 -47.35
N VAL D 663 -10.91 -12.72 -47.27
CA VAL D 663 -10.91 -13.58 -48.45
C VAL D 663 -12.21 -14.35 -48.50
N VAL D 664 -12.67 -14.63 -49.72
CA VAL D 664 -13.92 -15.33 -49.95
C VAL D 664 -13.65 -16.52 -50.87
N GLU D 665 -14.71 -17.25 -51.17
CA GLU D 665 -14.60 -18.49 -51.94
C GLU D 665 -15.95 -18.78 -52.57
N HIS D 666 -15.90 -19.41 -53.75
CA HIS D 666 -17.07 -19.80 -54.57
C HIS D 666 -17.98 -18.62 -54.90
N PRO D 672 -21.93 -17.99 -52.25
CA PRO D 672 -21.21 -17.01 -53.06
C PRO D 672 -19.94 -16.53 -52.36
N ALA D 673 -19.94 -16.60 -51.03
CA ALA D 673 -18.78 -16.20 -50.24
C ALA D 673 -18.71 -17.08 -49.01
N ARG D 674 -17.51 -17.18 -48.43
CA ARG D 674 -17.29 -18.12 -47.33
C ARG D 674 -16.61 -17.53 -46.11
N LEU D 675 -15.87 -16.42 -46.21
CA LEU D 675 -15.11 -15.81 -45.13
C LEU D 675 -14.10 -16.80 -44.56
N GLN D 676 -13.07 -17.06 -45.37
CA GLN D 676 -12.04 -18.03 -45.02
C GLN D 676 -10.78 -17.39 -44.45
N GLY D 677 -10.92 -16.23 -43.83
CA GLY D 677 -9.79 -15.53 -43.25
C GLY D 677 -9.55 -14.20 -43.93
N LEU D 678 -8.66 -13.39 -43.39
CA LEU D 678 -8.38 -12.08 -43.98
C LEU D 678 -6.91 -11.74 -44.15
N ILE D 679 -6.62 -10.97 -45.19
CA ILE D 679 -5.26 -10.53 -45.53
C ILE D 679 -5.24 -9.02 -45.40
N LEU D 680 -4.13 -8.46 -44.93
CA LEU D 680 -4.04 -7.02 -44.70
C LEU D 680 -2.89 -6.46 -45.52
N ARG D 681 -2.80 -5.12 -45.58
CA ARG D 681 -1.98 -4.43 -46.58
C ARG D 681 -0.50 -4.69 -46.39
N SER D 682 -0.05 -4.80 -45.15
CA SER D 682 1.37 -4.93 -44.86
C SER D 682 1.93 -6.22 -45.45
N GLN D 683 1.26 -7.32 -45.17
CA GLN D 683 1.64 -8.60 -45.73
C GLN D 683 1.50 -8.60 -47.24
N LEU D 684 0.46 -7.93 -47.75
CA LEU D 684 0.19 -7.98 -49.18
C LEU D 684 1.27 -7.25 -49.98
N ILE D 685 1.72 -6.08 -49.51
CA ILE D 685 2.78 -5.40 -50.24
C ILE D 685 4.15 -6.01 -49.94
N VAL D 686 4.29 -6.74 -48.83
CA VAL D 686 5.50 -7.55 -48.68
C VAL D 686 5.55 -8.65 -49.74
N LEU D 687 4.42 -9.32 -49.97
CA LEU D 687 4.36 -10.34 -51.03
C LEU D 687 4.54 -9.74 -52.42
N LEU D 688 4.10 -8.50 -52.63
CA LEU D 688 4.36 -7.88 -53.93
C LEU D 688 5.75 -7.27 -54.04
N LYS D 689 6.43 -7.02 -52.92
CA LYS D 689 7.82 -6.55 -53.00
C LYS D 689 8.75 -7.67 -53.45
N HIS D 690 8.46 -8.89 -53.04
CA HIS D 690 9.07 -10.05 -53.65
C HIS D 690 8.20 -10.49 -54.82
N LYS D 691 8.54 -11.62 -55.43
CA LYS D 691 7.76 -12.14 -56.55
C LYS D 691 7.30 -13.54 -56.16
N VAL D 692 6.15 -13.62 -55.50
CA VAL D 692 5.59 -14.89 -55.07
C VAL D 692 4.43 -15.31 -55.98
N PHE D 693 4.38 -14.81 -57.21
CA PHE D 693 3.34 -15.21 -58.15
C PHE D 693 3.57 -16.65 -58.58
N VAL D 694 2.48 -17.42 -58.62
CA VAL D 694 2.54 -18.84 -58.97
C VAL D 694 2.72 -18.96 -60.48
N GLU D 695 3.97 -18.86 -60.90
CA GLU D 695 4.31 -18.96 -62.32
C GLU D 695 5.73 -19.51 -62.49
N ARG D 705 9.56 -21.15 -49.36
CA ARG D 705 10.67 -20.40 -49.91
C ARG D 705 11.24 -19.44 -48.88
N LEU D 706 10.33 -18.77 -48.16
CA LEU D 706 10.70 -17.76 -47.19
C LEU D 706 10.17 -18.11 -45.80
N ARG D 707 10.90 -17.67 -44.80
CA ARG D 707 10.56 -17.92 -43.40
C ARG D 707 9.70 -16.77 -42.88
N LEU D 708 9.44 -16.78 -41.58
CA LEU D 708 8.67 -15.75 -40.88
C LEU D 708 9.35 -14.39 -40.84
N LYS D 709 10.67 -14.41 -40.75
CA LYS D 709 11.50 -13.20 -40.61
C LYS D 709 11.37 -12.19 -41.75
N ASP D 710 11.09 -12.64 -42.96
CA ASP D 710 10.99 -11.74 -44.10
C ASP D 710 9.90 -10.68 -43.90
N PHE D 711 8.76 -11.07 -43.31
CA PHE D 711 7.67 -10.13 -43.04
C PHE D 711 8.09 -9.04 -42.06
N ARG D 712 8.90 -9.41 -41.08
CA ARG D 712 9.41 -8.47 -40.08
C ARG D 712 10.29 -7.36 -40.64
N ASP D 713 10.99 -7.62 -41.74
CA ASP D 713 11.88 -6.62 -42.34
C ASP D 713 11.09 -5.35 -42.66
N ALA D 714 11.73 -4.22 -42.38
CA ALA D 714 11.11 -2.89 -42.54
C ALA D 714 9.73 -2.87 -41.87
N TYR D 715 9.67 -3.46 -40.67
CA TYR D 715 8.42 -3.56 -39.93
C TYR D 715 7.79 -2.24 -39.47
N PRO D 716 8.61 -1.32 -38.98
CA PRO D 716 8.04 -0.06 -38.49
C PRO D 716 7.37 0.71 -39.61
N ARG D 717 8.01 0.73 -40.77
CA ARG D 717 7.46 1.45 -41.92
C ARG D 717 7.37 0.56 -43.16
N PHE D 718 6.22 0.59 -43.82
CA PHE D 718 5.99 -0.20 -45.02
C PHE D 718 5.91 0.73 -46.21
N PRO D 719 6.65 0.41 -47.26
CA PRO D 719 6.69 1.27 -48.45
C PRO D 719 5.34 1.33 -49.13
N PRO D 720 4.94 2.51 -49.61
CA PRO D 720 3.67 2.60 -50.33
C PRO D 720 3.76 1.98 -51.72
N ILE D 721 2.59 1.64 -52.27
CA ILE D 721 2.51 0.89 -53.51
C ILE D 721 3.02 1.68 -54.72
N GLN D 722 3.08 3.02 -54.63
CA GLN D 722 3.55 3.81 -55.76
C GLN D 722 5.04 3.61 -56.01
N SER D 723 5.80 3.14 -55.04
CA SER D 723 7.18 2.77 -55.24
C SER D 723 7.36 1.30 -55.60
N ILE D 724 6.28 0.53 -55.66
CA ILE D 724 6.31 -0.87 -56.06
C ILE D 724 5.86 -0.97 -57.51
N HIS D 725 6.78 -0.66 -58.43
CA HIS D 725 6.47 -0.69 -59.85
C HIS D 725 6.30 -2.11 -60.35
N VAL D 726 5.28 -2.30 -61.20
CA VAL D 726 4.89 -3.58 -61.79
C VAL D 726 4.68 -4.69 -60.76
N GLU D 732 -2.05 -10.18 -64.84
CA GLU D 732 -0.81 -10.91 -64.98
C GLU D 732 -0.98 -12.35 -64.49
N CYS D 733 -0.05 -12.80 -63.66
CA CYS D 733 -0.10 -14.14 -63.08
C CYS D 733 -1.01 -14.14 -61.86
N THR D 734 -0.94 -15.21 -61.06
CA THR D 734 -1.76 -15.33 -59.87
C THR D 734 -0.89 -15.74 -58.70
N MET D 735 -1.31 -15.34 -57.50
CA MET D 735 -0.63 -15.71 -56.27
C MET D 735 -1.62 -16.39 -55.34
N ASP D 736 -1.12 -17.35 -54.56
CA ASP D 736 -1.96 -18.17 -53.70
C ASP D 736 -1.87 -17.60 -52.29
N LEU D 737 -2.99 -17.08 -51.80
CA LEU D 737 -3.02 -16.40 -50.52
C LEU D 737 -3.18 -17.33 -49.34
N SER D 738 -3.25 -18.64 -49.56
CA SER D 738 -3.16 -19.56 -48.45
C SER D 738 -1.74 -19.56 -47.90
N GLU D 739 -1.63 -19.95 -46.62
CA GLU D 739 -0.38 -19.91 -45.84
C GLU D 739 0.23 -18.51 -45.76
N PHE D 740 -0.60 -17.48 -45.87
CA PHE D 740 -0.18 -16.13 -45.55
C PHE D 740 -1.25 -15.38 -44.79
N MET D 741 -2.42 -15.97 -44.57
CA MET D 741 -3.55 -15.34 -43.91
C MET D 741 -3.84 -16.05 -42.60
N ASN D 742 -4.60 -15.38 -41.73
CA ASN D 742 -4.98 -16.15 -40.55
C ASN D 742 -6.28 -16.91 -40.80
N PRO D 743 -6.31 -18.23 -40.57
CA PRO D 743 -7.47 -19.01 -40.97
C PRO D 743 -8.68 -18.90 -40.04
N SER D 744 -8.66 -18.02 -39.05
CA SER D 744 -9.76 -17.92 -38.10
C SER D 744 -9.80 -16.52 -37.52
N PRO D 745 -10.47 -15.58 -38.19
CA PRO D 745 -10.69 -14.27 -37.59
C PRO D 745 -11.76 -14.35 -36.52
N TYR D 746 -11.75 -13.38 -35.61
CA TYR D 746 -12.81 -13.32 -34.60
C TYR D 746 -14.05 -12.76 -35.26
N THR D 747 -14.96 -13.64 -35.62
CA THR D 747 -16.19 -13.24 -36.29
C THR D 747 -17.35 -13.22 -35.31
N VAL D 748 -18.38 -12.46 -35.67
CA VAL D 748 -19.61 -12.40 -34.90
C VAL D 748 -20.72 -12.55 -35.93
N PRO D 749 -21.88 -13.07 -35.60
CA PRO D 749 -23.01 -12.99 -36.51
C PRO D 749 -23.64 -11.62 -36.40
N GLN D 750 -24.68 -11.40 -37.21
CA GLN D 750 -25.60 -10.31 -36.97
C GLN D 750 -26.58 -10.75 -35.87
N GLU D 751 -27.71 -10.04 -35.73
CA GLU D 751 -28.77 -10.28 -34.75
C GLU D 751 -28.32 -10.12 -33.30
N ALA D 752 -27.09 -9.64 -33.06
CA ALA D 752 -26.48 -9.65 -31.74
C ALA D 752 -26.53 -8.27 -31.14
N SER D 753 -26.60 -8.20 -29.81
CA SER D 753 -26.68 -6.91 -29.14
C SER D 753 -25.34 -6.18 -29.22
N LEU D 754 -25.41 -4.85 -29.28
CA LEU D 754 -24.19 -4.04 -29.31
C LEU D 754 -23.32 -4.14 -28.05
N PRO D 755 -23.89 -4.28 -26.86
CA PRO D 755 -23.04 -4.33 -25.68
C PRO D 755 -22.10 -5.52 -25.79
N ARG D 756 -22.62 -6.65 -26.24
CA ARG D 756 -21.85 -7.87 -26.42
C ARG D 756 -20.78 -7.71 -27.49
N VAL D 757 -21.15 -7.06 -28.61
CA VAL D 757 -20.22 -6.82 -29.70
C VAL D 757 -19.08 -5.88 -29.31
N PHE D 758 -19.42 -4.86 -28.55
CA PHE D 758 -18.46 -3.88 -28.11
C PHE D 758 -17.51 -4.48 -27.10
N LYS D 759 -18.05 -5.26 -26.16
CA LYS D 759 -17.18 -5.85 -25.16
C LYS D 759 -16.18 -6.77 -25.82
N LEU D 760 -16.64 -7.59 -26.75
CA LEU D 760 -15.72 -8.51 -27.39
C LEU D 760 -14.64 -7.78 -28.16
N PHE D 761 -15.02 -6.70 -28.84
CA PHE D 761 -14.05 -5.95 -29.61
C PHE D 761 -13.01 -5.31 -28.71
N ARG D 762 -13.44 -4.67 -27.63
CA ARG D 762 -12.50 -4.02 -26.73
C ARG D 762 -11.62 -4.88 -25.83
N ALA D 763 -12.23 -5.92 -25.27
CA ALA D 763 -11.61 -6.79 -24.28
C ALA D 763 -10.44 -7.56 -24.87
N LEU D 764 -10.58 -8.04 -26.10
CA LEU D 764 -9.43 -8.49 -26.85
C LEU D 764 -8.88 -7.32 -27.65
N GLY D 765 -7.77 -7.50 -28.33
CA GLY D 765 -7.28 -6.40 -29.12
C GLY D 765 -7.59 -6.62 -30.58
N LEU D 766 -8.62 -5.97 -31.10
CA LEU D 766 -9.04 -6.18 -32.51
C LEU D 766 -9.10 -4.99 -33.45
N ARG D 767 -8.54 -5.16 -34.64
CA ARG D 767 -8.55 -4.11 -35.64
C ARG D 767 -9.66 -4.32 -36.66
N HIS D 768 -9.97 -5.58 -36.96
CA HIS D 768 -11.00 -5.89 -37.95
C HIS D 768 -12.07 -6.94 -37.62
N LEU D 769 -13.11 -6.57 -36.89
CA LEU D 769 -14.19 -7.53 -36.61
C LEU D 769 -14.95 -7.76 -37.92
N VAL D 770 -15.44 -8.97 -38.16
CA VAL D 770 -16.15 -9.28 -39.39
C VAL D 770 -17.50 -9.87 -39.05
N VAL D 771 -18.60 -9.28 -39.60
CA VAL D 771 -19.91 -9.86 -39.35
C VAL D 771 -20.26 -10.76 -40.52
N VAL D 772 -21.10 -11.75 -40.28
CA VAL D 772 -21.42 -12.78 -41.24
C VAL D 772 -22.93 -12.92 -41.35
N ASP D 773 -23.36 -13.89 -42.15
CA ASP D 773 -24.74 -14.21 -42.44
C ASP D 773 -25.10 -15.51 -41.70
N ASN D 774 -26.29 -16.03 -41.98
CA ASN D 774 -26.69 -17.31 -41.40
C ASN D 774 -25.93 -18.46 -42.03
N ARG D 775 -25.70 -18.40 -43.34
CA ARG D 775 -24.98 -19.42 -44.08
C ARG D 775 -23.50 -19.11 -44.24
N ASN D 776 -22.93 -18.31 -43.32
CA ASN D 776 -21.51 -17.94 -43.26
C ASN D 776 -21.08 -17.23 -44.56
N GLN D 777 -21.69 -16.07 -44.79
CA GLN D 777 -21.35 -15.21 -45.92
C GLN D 777 -21.06 -13.82 -45.38
N VAL D 778 -19.96 -13.22 -45.82
CA VAL D 778 -19.55 -11.92 -45.31
C VAL D 778 -20.51 -10.85 -45.82
N VAL D 779 -21.02 -10.02 -44.90
CA VAL D 779 -22.06 -9.07 -45.23
C VAL D 779 -21.70 -7.71 -44.66
N GLY D 780 -20.61 -7.64 -43.91
CA GLY D 780 -20.15 -6.37 -43.37
C GLY D 780 -18.91 -6.55 -42.53
N LEU D 781 -18.24 -5.43 -42.30
CA LEU D 781 -17.01 -5.41 -41.53
C LEU D 781 -17.06 -4.26 -40.54
N VAL D 782 -16.91 -4.59 -39.25
CA VAL D 782 -16.93 -3.60 -38.18
C VAL D 782 -15.50 -3.29 -37.79
N THR D 783 -15.15 -2.02 -37.92
CA THR D 783 -13.87 -1.46 -37.53
C THR D 783 -14.05 -0.49 -36.37
N ARG D 784 -12.97 0.18 -36.02
CA ARG D 784 -12.87 0.91 -34.76
C ARG D 784 -13.61 2.24 -34.81
N LYS D 785 -13.54 2.90 -35.95
CA LYS D 785 -14.15 4.21 -36.13
C LYS D 785 -15.66 4.15 -36.15
N ASP D 786 -16.23 2.97 -36.42
CA ASP D 786 -17.68 2.82 -36.36
C ASP D 786 -18.16 2.79 -34.93
N LEU D 787 -17.47 2.04 -34.06
CA LEU D 787 -17.84 1.98 -32.65
C LEU D 787 -17.47 3.25 -31.90
N ALA D 788 -16.49 4.02 -32.40
CA ALA D 788 -16.05 5.17 -31.63
C ALA D 788 -17.01 6.35 -31.67
N ARG D 789 -17.91 6.42 -32.66
CA ARG D 789 -18.65 7.66 -32.91
C ARG D 789 -19.70 7.93 -31.84
N TYR D 790 -20.16 6.91 -31.15
CA TYR D 790 -21.17 7.10 -30.11
C TYR D 790 -20.59 7.70 -28.84
#